data_1WFW
#
_entry.id   1WFW
#
_entity_poly.entity_id   1
_entity_poly.type   'polypeptide(L)'
_entity_poly.pdbx_seq_one_letter_code
;GSSGSSGSTMTVIKDYYALKENEICVSQGEVVQVLAVNQQNMCLVYQPASDHSPAAEGWVPGSILAPFSGPSSG
;
_entity_poly.pdbx_strand_id   A
#
# COMPACT_ATOMS: atom_id res chain seq x y z
N GLY A 1 18.97 -5.43 10.62
CA GLY A 1 17.74 -5.30 9.85
C GLY A 1 16.65 -6.22 10.34
N SER A 2 15.69 -6.52 9.47
CA SER A 2 14.58 -7.40 9.83
C SER A 2 15.00 -8.86 9.78
N SER A 3 14.13 -9.74 10.25
CA SER A 3 14.41 -11.18 10.27
C SER A 3 13.28 -11.96 9.60
N GLY A 4 12.78 -11.44 8.48
CA GLY A 4 11.71 -12.09 7.78
C GLY A 4 10.40 -11.34 7.86
N SER A 5 10.09 -10.56 6.83
CA SER A 5 8.86 -9.78 6.81
C SER A 5 7.66 -10.68 6.57
N SER A 6 6.46 -10.10 6.72
CA SER A 6 5.22 -10.84 6.51
C SER A 6 4.43 -10.28 5.34
N GLY A 7 4.28 -8.96 5.32
CA GLY A 7 3.54 -8.31 4.26
C GLY A 7 4.34 -8.23 2.96
N SER A 8 3.64 -7.96 1.86
CA SER A 8 4.29 -7.86 0.56
C SER A 8 4.29 -6.43 0.05
N THR A 9 5.48 -5.91 -0.25
CA THR A 9 5.62 -4.54 -0.74
C THR A 9 5.09 -4.41 -2.16
N MET A 10 4.14 -3.51 -2.35
CA MET A 10 3.55 -3.28 -3.68
C MET A 10 3.66 -1.81 -4.07
N THR A 11 3.86 -1.57 -5.37
CA THR A 11 3.97 -0.21 -5.87
C THR A 11 2.72 0.20 -6.65
N VAL A 12 2.15 1.34 -6.28
CA VAL A 12 0.95 1.85 -6.94
C VAL A 12 1.19 2.03 -8.44
N ILE A 13 0.47 1.26 -9.24
CA ILE A 13 0.61 1.33 -10.69
C ILE A 13 -0.31 2.40 -11.27
N LYS A 14 -1.40 2.69 -10.55
CA LYS A 14 -2.36 3.70 -10.99
C LYS A 14 -2.81 4.56 -9.82
N ASP A 15 -3.18 5.80 -10.11
CA ASP A 15 -3.64 6.73 -9.09
C ASP A 15 -4.91 6.21 -8.41
N TYR A 16 -5.15 6.67 -7.19
CA TYR A 16 -6.32 6.26 -6.44
C TYR A 16 -6.71 7.32 -5.40
N TYR A 17 -7.97 7.27 -4.96
CA TYR A 17 -8.47 8.22 -3.99
C TYR A 17 -9.15 7.50 -2.82
N ALA A 18 -8.99 8.04 -1.62
CA ALA A 18 -9.58 7.45 -0.43
C ALA A 18 -11.06 7.79 -0.34
N LEU A 19 -11.91 6.82 -0.65
CA LEU A 19 -13.36 7.01 -0.59
C LEU A 19 -13.85 7.04 0.85
N LYS A 20 -13.15 6.32 1.72
CA LYS A 20 -13.52 6.26 3.13
C LYS A 20 -12.50 7.00 3.99
N GLU A 21 -12.75 7.05 5.29
CA GLU A 21 -11.85 7.73 6.22
C GLU A 21 -10.58 6.91 6.43
N ASN A 22 -10.73 5.59 6.49
CA ASN A 22 -9.59 4.70 6.68
C ASN A 22 -8.70 4.66 5.44
N GLU A 23 -9.33 4.76 4.27
CA GLU A 23 -8.60 4.74 3.00
C GLU A 23 -7.72 5.99 2.86
N ILE A 24 -6.60 5.84 2.16
CA ILE A 24 -5.69 6.95 1.94
C ILE A 24 -5.47 7.21 0.45
N CYS A 25 -5.12 8.45 0.12
CA CYS A 25 -4.88 8.81 -1.27
C CYS A 25 -3.48 8.40 -1.71
N VAL A 26 -3.38 7.88 -2.93
CA VAL A 26 -2.09 7.44 -3.47
C VAL A 26 -1.99 7.73 -4.97
N SER A 27 -0.77 7.74 -5.48
CA SER A 27 -0.54 8.01 -6.90
C SER A 27 0.39 6.96 -7.50
N GLN A 28 0.35 6.85 -8.83
CA GLN A 28 1.19 5.88 -9.53
C GLN A 28 2.67 6.13 -9.24
N GLY A 29 3.28 5.23 -8.47
CA GLY A 29 4.67 5.36 -8.13
C GLY A 29 4.95 5.12 -6.67
N GLU A 30 3.98 5.45 -5.82
CA GLU A 30 4.12 5.26 -4.39
C GLU A 30 4.30 3.79 -4.04
N VAL A 31 5.02 3.52 -2.96
CA VAL A 31 5.27 2.15 -2.52
C VAL A 31 4.72 1.91 -1.12
N VAL A 32 3.81 0.95 -1.02
CA VAL A 32 3.21 0.62 0.27
C VAL A 32 3.39 -0.86 0.60
N GLN A 33 3.02 -1.23 1.83
CA GLN A 33 3.15 -2.61 2.27
C GLN A 33 1.79 -3.18 2.68
N VAL A 34 1.38 -4.25 2.00
CA VAL A 34 0.09 -4.89 2.31
C VAL A 34 0.12 -5.54 3.68
N LEU A 35 -1.02 -5.49 4.37
CA LEU A 35 -1.14 -6.08 5.70
C LEU A 35 -2.24 -7.13 5.73
N ALA A 36 -3.33 -6.87 5.02
CA ALA A 36 -4.45 -7.79 4.97
C ALA A 36 -5.47 -7.36 3.92
N VAL A 37 -6.52 -8.17 3.75
CA VAL A 37 -7.57 -7.86 2.78
C VAL A 37 -8.92 -7.73 3.46
N ASN A 38 -9.81 -6.93 2.85
CA ASN A 38 -11.14 -6.72 3.40
C ASN A 38 -12.21 -7.29 2.48
N GLN A 39 -13.42 -7.46 3.01
CA GLN A 39 -14.53 -8.00 2.23
C GLN A 39 -14.91 -7.04 1.11
N GLN A 40 -14.41 -5.81 1.19
CA GLN A 40 -14.71 -4.80 0.18
C GLN A 40 -13.66 -4.82 -0.93
N ASN A 41 -12.96 -5.94 -1.06
CA ASN A 41 -11.93 -6.09 -2.08
C ASN A 41 -10.82 -5.07 -1.89
N MET A 42 -10.54 -4.74 -0.63
CA MET A 42 -9.49 -3.78 -0.31
C MET A 42 -8.29 -4.48 0.33
N CYS A 43 -7.15 -3.79 0.34
CA CYS A 43 -5.93 -4.34 0.92
C CYS A 43 -5.28 -3.35 1.88
N LEU A 44 -5.38 -3.64 3.18
CA LEU A 44 -4.81 -2.77 4.20
C LEU A 44 -3.31 -2.58 3.98
N VAL A 45 -2.95 -1.49 3.31
CA VAL A 45 -1.54 -1.20 3.04
C VAL A 45 -1.03 -0.06 3.92
N TYR A 46 0.20 -0.19 4.40
CA TYR A 46 0.79 0.82 5.26
C TYR A 46 1.63 1.80 4.44
N GLN A 47 1.18 3.06 4.41
CA GLN A 47 1.89 4.09 3.66
C GLN A 47 2.81 4.89 4.58
N PRO A 48 4.12 4.79 4.33
CA PRO A 48 5.13 5.49 5.13
C PRO A 48 5.11 7.00 4.88
N ALA A 49 5.60 7.76 5.86
CA ALA A 49 5.64 9.21 5.76
C ALA A 49 5.99 9.65 4.34
N SER A 50 5.19 10.55 3.79
CA SER A 50 5.42 11.05 2.43
C SER A 50 5.02 12.52 2.32
N ASP A 51 5.47 13.17 1.25
CA ASP A 51 5.15 14.58 1.03
C ASP A 51 3.65 14.83 1.18
N HIS A 52 2.85 13.99 0.52
CA HIS A 52 1.40 14.13 0.58
C HIS A 52 0.90 14.01 2.02
N SER A 53 1.34 12.97 2.72
CA SER A 53 0.94 12.75 4.09
C SER A 53 1.96 11.88 4.82
N PRO A 54 2.06 12.09 6.15
CA PRO A 54 2.99 11.33 6.99
C PRO A 54 2.59 9.87 7.15
N ALA A 55 3.42 9.10 7.84
CA ALA A 55 3.15 7.69 8.07
C ALA A 55 1.68 7.47 8.45
N ALA A 56 1.00 6.63 7.67
CA ALA A 56 -0.40 6.34 7.94
C ALA A 56 -0.84 5.06 7.21
N GLU A 57 -1.73 4.31 7.86
CA GLU A 57 -2.22 3.06 7.28
C GLU A 57 -3.58 3.27 6.61
N GLY A 58 -3.64 2.99 5.32
CA GLY A 58 -4.88 3.16 4.57
C GLY A 58 -5.17 1.98 3.66
N TRP A 59 -6.46 1.74 3.39
CA TRP A 59 -6.86 0.64 2.52
C TRP A 59 -6.85 1.07 1.06
N VAL A 60 -6.39 0.17 0.20
CA VAL A 60 -6.33 0.46 -1.23
C VAL A 60 -6.73 -0.76 -2.05
N PRO A 61 -7.32 -0.52 -3.23
CA PRO A 61 -7.75 -1.59 -4.14
C PRO A 61 -6.58 -2.34 -4.77
N GLY A 62 -6.44 -3.61 -4.41
CA GLY A 62 -5.35 -4.41 -4.95
C GLY A 62 -5.23 -4.28 -6.46
N SER A 63 -6.29 -3.79 -7.10
CA SER A 63 -6.29 -3.61 -8.55
C SER A 63 -5.20 -2.64 -8.98
N ILE A 64 -4.96 -1.62 -8.15
CA ILE A 64 -3.94 -0.62 -8.45
C ILE A 64 -2.61 -0.99 -7.80
N LEU A 65 -2.51 -2.23 -7.33
CA LEU A 65 -1.29 -2.70 -6.68
C LEU A 65 -0.57 -3.72 -7.57
N ALA A 66 0.76 -3.75 -7.46
CA ALA A 66 1.56 -4.67 -8.24
C ALA A 66 2.77 -5.16 -7.45
N PRO A 67 3.25 -6.36 -7.77
CA PRO A 67 4.40 -6.96 -7.10
C PRO A 67 5.72 -6.26 -7.45
N PHE A 68 6.16 -5.39 -6.55
CA PHE A 68 7.40 -4.64 -6.76
C PHE A 68 8.59 -5.58 -6.84
N SER A 69 9.71 -5.07 -7.35
CA SER A 69 10.92 -5.86 -7.49
C SER A 69 12.14 -4.97 -7.65
N GLY A 70 13.32 -5.49 -7.29
CA GLY A 70 14.54 -4.73 -7.40
C GLY A 70 15.49 -4.98 -6.24
N PRO A 71 15.42 -4.12 -5.21
CA PRO A 71 16.27 -4.24 -4.03
C PRO A 71 15.91 -5.45 -3.17
N SER A 72 16.92 -6.10 -2.63
CA SER A 72 16.70 -7.28 -1.79
C SER A 72 15.52 -8.10 -2.29
N SER A 73 15.54 -8.44 -3.56
CA SER A 73 14.46 -9.21 -4.17
C SER A 73 14.50 -10.66 -3.71
N GLY A 74 15.71 -11.24 -3.69
CA GLY A 74 15.88 -12.61 -3.27
C GLY A 74 16.81 -12.74 -2.08
N GLY A 1 7.34 -10.37 17.42
CA GLY A 1 7.81 -10.03 16.08
C GLY A 1 7.15 -8.79 15.53
N SER A 2 7.72 -7.63 15.85
CA SER A 2 7.17 -6.36 15.39
C SER A 2 6.79 -6.44 13.91
N SER A 3 6.01 -5.47 13.45
CA SER A 3 5.57 -5.43 12.06
C SER A 3 6.73 -5.04 11.13
N GLY A 4 6.74 -5.62 9.94
CA GLY A 4 7.79 -5.32 8.98
C GLY A 4 8.15 -6.50 8.12
N SER A 5 9.05 -7.35 8.61
CA SER A 5 9.48 -8.53 7.88
C SER A 5 8.28 -9.26 7.28
N SER A 6 7.24 -9.45 8.10
CA SER A 6 6.04 -10.14 7.66
C SER A 6 5.13 -9.20 6.87
N GLY A 7 5.25 -9.24 5.55
CA GLY A 7 4.43 -8.39 4.70
C GLY A 7 4.93 -8.33 3.28
N SER A 8 4.05 -7.94 2.36
CA SER A 8 4.41 -7.86 0.95
C SER A 8 4.47 -6.40 0.48
N THR A 9 5.47 -6.09 -0.34
CA THR A 9 5.64 -4.75 -0.85
C THR A 9 5.06 -4.60 -2.25
N MET A 10 4.22 -3.59 -2.45
CA MET A 10 3.60 -3.36 -3.74
C MET A 10 3.80 -1.91 -4.18
N THR A 11 3.96 -1.70 -5.49
CA THR A 11 4.15 -0.36 -6.03
C THR A 11 2.93 0.10 -6.80
N VAL A 12 2.35 1.22 -6.37
CA VAL A 12 1.17 1.77 -7.02
C VAL A 12 1.38 1.91 -8.52
N ILE A 13 0.45 1.37 -9.30
CA ILE A 13 0.54 1.44 -10.76
C ILE A 13 -0.25 2.62 -11.30
N LYS A 14 -1.31 2.99 -10.60
CA LYS A 14 -2.15 4.12 -11.01
C LYS A 14 -2.57 4.95 -9.81
N ASP A 15 -3.01 6.18 -10.06
CA ASP A 15 -3.45 7.07 -9.00
C ASP A 15 -4.75 6.57 -8.36
N TYR A 16 -5.04 7.07 -7.16
CA TYR A 16 -6.24 6.67 -6.45
C TYR A 16 -6.56 7.65 -5.33
N TYR A 17 -7.83 8.02 -5.22
CA TYR A 17 -8.27 8.96 -4.20
C TYR A 17 -9.15 8.27 -3.16
N ALA A 18 -8.64 8.15 -1.95
CA ALA A 18 -9.38 7.52 -0.86
C ALA A 18 -10.85 7.94 -0.87
N LEU A 19 -11.75 6.96 -0.87
CA LEU A 19 -13.18 7.24 -0.87
C LEU A 19 -13.74 7.24 0.55
N LYS A 20 -13.19 6.37 1.39
CA LYS A 20 -13.63 6.28 2.78
C LYS A 20 -12.72 7.08 3.70
N GLU A 21 -13.00 7.02 5.00
CA GLU A 21 -12.20 7.75 5.98
C GLU A 21 -10.92 6.99 6.31
N ASN A 22 -11.01 5.66 6.31
CA ASN A 22 -9.86 4.82 6.61
C ASN A 22 -8.89 4.79 5.43
N GLU A 23 -9.44 4.69 4.22
CA GLU A 23 -8.62 4.64 3.02
C GLU A 23 -7.78 5.91 2.89
N ILE A 24 -6.61 5.77 2.26
CA ILE A 24 -5.71 6.91 2.07
C ILE A 24 -5.46 7.17 0.59
N CYS A 25 -5.02 8.38 0.27
CA CYS A 25 -4.74 8.75 -1.11
C CYS A 25 -3.35 8.29 -1.53
N VAL A 26 -3.24 7.78 -2.75
CA VAL A 26 -1.96 7.30 -3.27
C VAL A 26 -1.71 7.82 -4.67
N SER A 27 -0.44 7.81 -5.08
CA SER A 27 -0.06 8.29 -6.41
C SER A 27 0.79 7.25 -7.14
N GLN A 28 0.57 7.14 -8.43
CA GLN A 28 1.31 6.18 -9.25
C GLN A 28 2.81 6.28 -8.98
N GLY A 29 3.37 5.25 -8.35
CA GLY A 29 4.78 5.24 -8.04
C GLY A 29 5.06 4.92 -6.59
N GLU A 30 4.19 5.40 -5.70
CA GLU A 30 4.35 5.15 -4.27
C GLU A 30 4.57 3.67 -3.99
N VAL A 31 5.15 3.38 -2.83
CA VAL A 31 5.43 1.99 -2.44
C VAL A 31 4.95 1.71 -1.03
N VAL A 32 3.87 0.96 -0.90
CA VAL A 32 3.32 0.61 0.40
C VAL A 32 3.53 -0.86 0.72
N GLN A 33 3.02 -1.29 1.87
CA GLN A 33 3.16 -2.68 2.29
C GLN A 33 1.81 -3.26 2.70
N VAL A 34 1.37 -4.29 1.99
CA VAL A 34 0.09 -4.94 2.28
C VAL A 34 0.08 -5.49 3.70
N LEU A 35 -1.08 -5.40 4.35
CA LEU A 35 -1.23 -5.90 5.71
C LEU A 35 -2.32 -6.96 5.79
N ALA A 36 -3.40 -6.74 5.06
CA ALA A 36 -4.52 -7.68 5.04
C ALA A 36 -5.59 -7.26 4.04
N VAL A 37 -6.67 -8.02 3.97
CA VAL A 37 -7.75 -7.72 3.05
C VAL A 37 -9.10 -7.71 3.77
N ASN A 38 -9.93 -6.72 3.45
CA ASN A 38 -11.24 -6.59 4.07
C ASN A 38 -12.31 -7.21 3.19
N GLN A 39 -13.53 -7.30 3.72
CA GLN A 39 -14.64 -7.88 2.98
C GLN A 39 -14.97 -7.04 1.75
N GLN A 40 -14.40 -5.85 1.68
CA GLN A 40 -14.62 -4.95 0.55
C GLN A 40 -13.63 -5.22 -0.57
N ASN A 41 -12.94 -6.36 -0.49
CA ASN A 41 -11.96 -6.74 -1.50
C ASN A 41 -10.83 -5.70 -1.57
N MET A 42 -10.52 -5.10 -0.43
CA MET A 42 -9.47 -4.09 -0.37
C MET A 42 -8.19 -4.69 0.23
N CYS A 43 -7.16 -3.87 0.32
CA CYS A 43 -5.88 -4.31 0.86
C CYS A 43 -5.30 -3.27 1.81
N LEU A 44 -5.30 -3.59 3.11
CA LEU A 44 -4.78 -2.69 4.13
C LEU A 44 -3.27 -2.51 3.97
N VAL A 45 -2.87 -1.40 3.34
CA VAL A 45 -1.46 -1.12 3.13
C VAL A 45 -0.99 0.01 4.05
N TYR A 46 0.28 -0.03 4.43
CA TYR A 46 0.85 0.98 5.30
C TYR A 46 1.63 2.01 4.50
N GLN A 47 1.09 3.23 4.44
CA GLN A 47 1.74 4.31 3.71
C GLN A 47 2.65 5.13 4.62
N PRO A 48 3.97 4.99 4.41
CA PRO A 48 4.98 5.70 5.21
C PRO A 48 4.99 7.20 4.92
N ALA A 49 5.60 7.97 5.82
CA ALA A 49 5.68 9.41 5.65
C ALA A 49 6.19 9.78 4.26
N SER A 50 5.29 10.37 3.46
CA SER A 50 5.65 10.77 2.10
C SER A 50 5.33 12.24 1.86
N ASP A 51 5.84 12.78 0.77
CA ASP A 51 5.62 14.18 0.43
C ASP A 51 4.12 14.50 0.41
N HIS A 52 3.33 13.56 -0.07
CA HIS A 52 1.88 13.73 -0.13
C HIS A 52 1.26 13.69 1.26
N SER A 53 1.35 12.53 1.90
CA SER A 53 0.79 12.36 3.25
C SER A 53 1.79 11.67 4.16
N PRO A 54 1.74 12.00 5.47
CA PRO A 54 2.64 11.42 6.47
C PRO A 54 2.33 9.95 6.73
N ALA A 55 3.11 9.34 7.62
CA ALA A 55 2.93 7.94 7.96
C ALA A 55 1.49 7.67 8.42
N ALA A 56 0.81 6.79 7.70
CA ALA A 56 -0.57 6.44 8.03
C ALA A 56 -0.99 5.15 7.34
N GLU A 57 -1.84 4.38 8.01
CA GLU A 57 -2.32 3.11 7.46
C GLU A 57 -3.67 3.30 6.78
N GLY A 58 -3.72 3.01 5.47
CA GLY A 58 -4.96 3.15 4.72
C GLY A 58 -5.22 1.97 3.83
N TRP A 59 -6.49 1.69 3.57
CA TRP A 59 -6.88 0.58 2.71
C TRP A 59 -6.89 0.99 1.24
N VAL A 60 -6.45 0.09 0.38
CA VAL A 60 -6.41 0.36 -1.06
C VAL A 60 -6.77 -0.89 -1.87
N PRO A 61 -7.33 -0.68 -3.06
CA PRO A 61 -7.73 -1.77 -3.95
C PRO A 61 -6.53 -2.50 -4.54
N GLY A 62 -6.60 -3.83 -4.57
CA GLY A 62 -5.52 -4.62 -5.11
C GLY A 62 -5.41 -4.50 -6.62
N SER A 63 -6.25 -3.66 -7.21
CA SER A 63 -6.25 -3.47 -8.65
C SER A 63 -5.13 -2.51 -9.07
N ILE A 64 -4.95 -1.45 -8.29
CA ILE A 64 -3.92 -0.46 -8.57
C ILE A 64 -2.60 -0.84 -7.91
N LEU A 65 -2.46 -2.12 -7.58
CA LEU A 65 -1.24 -2.61 -6.93
C LEU A 65 -0.51 -3.60 -7.84
N ALA A 66 0.81 -3.63 -7.73
CA ALA A 66 1.62 -4.53 -8.54
C ALA A 66 2.80 -5.08 -7.73
N PRO A 67 3.26 -6.29 -8.10
CA PRO A 67 4.39 -6.94 -7.43
C PRO A 67 5.71 -6.24 -7.71
N PHE A 68 6.19 -5.48 -6.72
CA PHE A 68 7.45 -4.76 -6.85
C PHE A 68 8.63 -5.73 -6.90
N SER A 69 8.92 -6.25 -8.09
CA SER A 69 10.02 -7.18 -8.27
C SER A 69 11.27 -6.70 -7.56
N GLY A 70 11.82 -5.57 -8.03
CA GLY A 70 13.01 -5.03 -7.41
C GLY A 70 14.19 -4.97 -8.38
N PRO A 71 14.19 -3.97 -9.26
CA PRO A 71 15.26 -3.79 -10.25
C PRO A 71 16.58 -3.37 -9.61
N SER A 72 16.51 -2.43 -8.67
CA SER A 72 17.69 -1.95 -7.99
C SER A 72 18.43 -3.09 -7.29
N SER A 73 19.63 -3.38 -7.76
CA SER A 73 20.43 -4.46 -7.18
C SER A 73 21.80 -3.94 -6.75
N GLY A 74 22.48 -4.71 -5.90
CA GLY A 74 23.79 -4.31 -5.42
C GLY A 74 24.62 -3.66 -6.50
N GLY A 1 17.87 -6.71 9.29
CA GLY A 1 18.67 -7.85 8.89
C GLY A 1 18.03 -9.17 9.26
N SER A 2 17.30 -9.75 8.32
CA SER A 2 16.63 -11.03 8.55
C SER A 2 15.86 -11.00 9.86
N SER A 3 15.17 -9.89 10.12
CA SER A 3 14.40 -9.72 11.34
C SER A 3 12.92 -10.02 11.09
N GLY A 4 12.65 -11.07 10.31
CA GLY A 4 11.28 -11.43 10.01
C GLY A 4 10.58 -10.38 9.18
N SER A 5 11.05 -10.18 7.95
CA SER A 5 10.46 -9.19 7.05
C SER A 5 9.19 -9.74 6.39
N SER A 6 8.04 -9.37 6.94
CA SER A 6 6.76 -9.83 6.42
C SER A 6 6.02 -8.69 5.73
N GLY A 7 5.09 -9.04 4.84
CA GLY A 7 4.32 -8.03 4.12
C GLY A 7 4.76 -7.89 2.68
N SER A 8 3.86 -8.20 1.75
CA SER A 8 4.16 -8.11 0.33
C SER A 8 4.17 -6.65 -0.13
N THR A 9 5.37 -6.16 -0.47
CA THR A 9 5.51 -4.78 -0.92
C THR A 9 5.01 -4.61 -2.36
N MET A 10 4.10 -3.68 -2.55
CA MET A 10 3.54 -3.42 -3.88
C MET A 10 3.69 -1.95 -4.25
N THR A 11 3.84 -1.69 -5.55
CA THR A 11 4.00 -0.33 -6.04
C THR A 11 2.77 0.12 -6.82
N VAL A 12 2.25 1.30 -6.47
CA VAL A 12 1.08 1.83 -7.15
C VAL A 12 1.32 1.97 -8.65
N ILE A 13 0.39 1.45 -9.44
CA ILE A 13 0.50 1.52 -10.90
C ILE A 13 -0.35 2.65 -11.46
N LYS A 14 -1.43 2.99 -10.76
CA LYS A 14 -2.32 4.06 -11.18
C LYS A 14 -2.82 4.87 -9.99
N ASP A 15 -3.24 6.10 -10.25
CA ASP A 15 -3.74 6.97 -9.18
C ASP A 15 -5.05 6.43 -8.60
N TYR A 16 -5.31 6.76 -7.35
CA TYR A 16 -6.53 6.30 -6.68
C TYR A 16 -6.96 7.29 -5.62
N TYR A 17 -8.25 7.63 -5.61
CA TYR A 17 -8.79 8.57 -4.65
C TYR A 17 -9.60 7.85 -3.57
N ALA A 18 -9.01 7.70 -2.39
CA ALA A 18 -9.67 7.03 -1.27
C ALA A 18 -11.13 7.46 -1.16
N LEU A 19 -12.03 6.49 -1.28
CA LEU A 19 -13.46 6.77 -1.20
C LEU A 19 -13.93 6.76 0.25
N LYS A 20 -13.34 5.88 1.06
CA LYS A 20 -13.69 5.78 2.47
C LYS A 20 -12.75 6.60 3.34
N GLU A 21 -13.22 6.99 4.52
CA GLU A 21 -12.41 7.78 5.44
C GLU A 21 -11.09 7.09 5.74
N ASN A 22 -11.15 5.79 6.01
CA ASN A 22 -9.95 5.01 6.32
C ASN A 22 -9.01 4.97 5.12
N GLU A 23 -9.55 4.64 3.95
CA GLU A 23 -8.76 4.56 2.74
C GLU A 23 -7.92 5.82 2.56
N ILE A 24 -6.73 5.65 1.99
CA ILE A 24 -5.82 6.77 1.77
C ILE A 24 -5.52 6.94 0.28
N CYS A 25 -5.29 8.19 -0.13
CA CYS A 25 -5.00 8.50 -1.51
C CYS A 25 -3.55 8.16 -1.86
N VAL A 26 -3.35 7.48 -2.99
CA VAL A 26 -2.02 7.10 -3.43
C VAL A 26 -1.71 7.66 -4.82
N SER A 27 -0.42 7.74 -5.14
CA SER A 27 0.01 8.25 -6.44
C SER A 27 0.73 7.18 -7.24
N GLN A 28 0.47 7.15 -8.53
CA GLN A 28 1.10 6.17 -9.42
C GLN A 28 2.62 6.19 -9.26
N GLY A 29 3.15 5.14 -8.63
CA GLY A 29 4.58 5.06 -8.43
C GLY A 29 4.96 4.79 -6.99
N GLU A 30 4.21 5.40 -6.07
CA GLU A 30 4.47 5.23 -4.65
C GLU A 30 4.63 3.74 -4.30
N VAL A 31 5.02 3.47 -3.06
CA VAL A 31 5.21 2.10 -2.61
C VAL A 31 4.72 1.92 -1.17
N VAL A 32 3.92 0.88 -0.96
CA VAL A 32 3.36 0.60 0.37
C VAL A 32 3.58 -0.85 0.75
N GLN A 33 3.04 -1.25 1.91
CA GLN A 33 3.17 -2.62 2.38
C GLN A 33 1.81 -3.18 2.79
N VAL A 34 1.39 -4.24 2.11
CA VAL A 34 0.11 -4.89 2.40
C VAL A 34 0.10 -5.46 3.81
N LEU A 35 -1.06 -5.41 4.45
CA LEU A 35 -1.21 -5.93 5.80
C LEU A 35 -2.28 -7.01 5.86
N ALA A 36 -3.36 -6.81 5.11
CA ALA A 36 -4.46 -7.77 5.07
C ALA A 36 -5.49 -7.37 4.02
N VAL A 37 -6.57 -8.15 3.94
CA VAL A 37 -7.63 -7.88 2.98
C VAL A 37 -9.01 -7.92 3.65
N ASN A 38 -9.87 -6.98 3.29
CA ASN A 38 -11.21 -6.91 3.86
C ASN A 38 -12.22 -7.55 2.93
N GLN A 39 -13.49 -7.57 3.36
CA GLN A 39 -14.56 -8.16 2.56
C GLN A 39 -14.95 -7.24 1.41
N GLN A 40 -14.25 -6.12 1.30
CA GLN A 40 -14.54 -5.15 0.25
C GLN A 40 -13.50 -5.24 -0.87
N ASN A 41 -12.80 -6.37 -0.93
CA ASN A 41 -11.78 -6.58 -1.95
C ASN A 41 -10.68 -5.54 -1.85
N MET A 42 -10.46 -5.03 -0.63
CA MET A 42 -9.43 -4.02 -0.41
C MET A 42 -8.23 -4.63 0.32
N CYS A 43 -7.11 -3.91 0.29
CA CYS A 43 -5.89 -4.38 0.95
C CYS A 43 -5.33 -3.30 1.87
N LEU A 44 -5.22 -3.63 3.16
CA LEU A 44 -4.70 -2.70 4.15
C LEU A 44 -3.21 -2.48 3.95
N VAL A 45 -2.85 -1.34 3.37
CA VAL A 45 -1.44 -1.01 3.12
C VAL A 45 -0.99 0.11 4.05
N TYR A 46 0.24 -0.02 4.55
CA TYR A 46 0.80 0.98 5.45
C TYR A 46 1.62 2.02 4.68
N GLN A 47 1.10 3.24 4.61
CA GLN A 47 1.77 4.32 3.91
C GLN A 47 2.68 5.10 4.84
N PRO A 48 3.99 4.98 4.64
CA PRO A 48 5.00 5.68 5.45
C PRO A 48 5.00 7.18 5.22
N ALA A 49 5.56 7.92 6.16
CA ALA A 49 5.64 9.38 6.05
C ALA A 49 5.98 9.80 4.62
N SER A 50 5.22 10.76 4.11
CA SER A 50 5.44 11.26 2.75
C SER A 50 5.08 12.74 2.65
N ASP A 51 5.58 13.39 1.61
CA ASP A 51 5.31 14.81 1.38
C ASP A 51 3.83 15.12 1.56
N HIS A 52 2.98 14.36 0.86
CA HIS A 52 1.54 14.56 0.94
C HIS A 52 1.05 14.47 2.39
N SER A 53 1.23 13.30 3.00
CA SER A 53 0.81 13.09 4.38
C SER A 53 1.80 12.20 5.12
N PRO A 54 1.87 12.37 6.45
CA PRO A 54 2.78 11.59 7.29
C PRO A 54 2.35 10.12 7.41
N ALA A 55 3.17 9.33 8.08
CA ALA A 55 2.87 7.91 8.26
C ALA A 55 1.41 7.70 8.61
N ALA A 56 0.75 6.79 7.89
CA ALA A 56 -0.65 6.49 8.13
C ALA A 56 -1.04 5.18 7.45
N GLU A 57 -1.92 4.42 8.11
CA GLU A 57 -2.38 3.14 7.58
C GLU A 57 -3.72 3.31 6.84
N GLY A 58 -3.70 3.04 5.54
CA GLY A 58 -4.91 3.17 4.75
C GLY A 58 -5.17 1.96 3.88
N TRP A 59 -6.41 1.77 3.48
CA TRP A 59 -6.79 0.64 2.64
C TRP A 59 -6.79 1.03 1.17
N VAL A 60 -6.28 0.15 0.32
CA VAL A 60 -6.22 0.40 -1.12
C VAL A 60 -6.63 -0.84 -1.91
N PRO A 61 -7.18 -0.60 -3.11
CA PRO A 61 -7.63 -1.69 -3.99
C PRO A 61 -6.46 -2.48 -4.57
N GLY A 62 -6.63 -3.79 -4.67
CA GLY A 62 -5.58 -4.63 -5.21
C GLY A 62 -5.48 -4.55 -6.72
N SER A 63 -6.20 -3.59 -7.30
CA SER A 63 -6.20 -3.41 -8.74
C SER A 63 -5.06 -2.48 -9.17
N ILE A 64 -4.87 -1.41 -8.42
CA ILE A 64 -3.81 -0.44 -8.73
C ILE A 64 -2.50 -0.84 -8.04
N LEU A 65 -2.42 -2.09 -7.61
CA LEU A 65 -1.22 -2.59 -6.95
C LEU A 65 -0.53 -3.65 -7.81
N ALA A 66 0.79 -3.71 -7.73
CA ALA A 66 1.56 -4.68 -8.48
C ALA A 66 2.71 -5.24 -7.65
N PRO A 67 3.13 -6.47 -7.96
CA PRO A 67 4.22 -7.14 -7.25
C PRO A 67 5.58 -6.51 -7.54
N PHE A 68 6.05 -5.69 -6.61
CA PHE A 68 7.34 -5.02 -6.77
C PHE A 68 8.49 -6.01 -6.60
N SER A 69 9.37 -6.05 -7.59
CA SER A 69 10.52 -6.95 -7.56
C SER A 69 11.82 -6.18 -7.67
N GLY A 70 12.29 -5.66 -6.55
CA GLY A 70 13.53 -4.91 -6.53
C GLY A 70 14.72 -5.75 -6.13
N PRO A 71 15.94 -5.21 -6.35
CA PRO A 71 17.18 -5.91 -6.01
C PRO A 71 17.39 -6.03 -4.51
N SER A 72 16.47 -5.46 -3.73
CA SER A 72 16.56 -5.51 -2.29
C SER A 72 15.18 -5.29 -1.65
N SER A 73 15.02 -5.80 -0.44
CA SER A 73 13.76 -5.68 0.28
C SER A 73 13.99 -5.50 1.78
N GLY A 74 13.37 -4.48 2.36
CA GLY A 74 13.52 -4.21 3.77
C GLY A 74 14.60 -3.18 4.06
N GLY A 1 15.48 -11.08 6.81
CA GLY A 1 14.93 -12.30 7.37
C GLY A 1 13.43 -12.40 7.16
N SER A 2 12.96 -13.58 6.76
CA SER A 2 11.54 -13.80 6.52
C SER A 2 10.74 -13.69 7.82
N SER A 3 11.20 -14.40 8.84
CA SER A 3 10.52 -14.40 10.14
C SER A 3 9.02 -14.57 9.96
N GLY A 4 8.64 -15.49 9.08
CA GLY A 4 7.23 -15.75 8.84
C GLY A 4 6.52 -14.56 8.20
N SER A 5 5.37 -14.19 8.76
CA SER A 5 4.60 -13.06 8.23
C SER A 5 5.45 -11.80 8.19
N SER A 6 6.00 -11.50 7.02
CA SER A 6 6.83 -10.32 6.85
C SER A 6 6.05 -9.19 6.18
N GLY A 7 5.43 -9.50 5.04
CA GLY A 7 4.66 -8.51 4.31
C GLY A 7 5.10 -8.36 2.88
N SER A 8 4.15 -8.14 1.98
CA SER A 8 4.46 -7.97 0.56
C SER A 8 4.43 -6.49 0.16
N THR A 9 5.53 -6.02 -0.40
CA THR A 9 5.64 -4.63 -0.83
C THR A 9 5.11 -4.44 -2.25
N MET A 10 4.11 -3.57 -2.40
CA MET A 10 3.54 -3.31 -3.71
C MET A 10 3.73 -1.85 -4.11
N THR A 11 3.83 -1.61 -5.41
CA THR A 11 4.02 -0.25 -5.92
C THR A 11 2.79 0.23 -6.67
N VAL A 12 2.26 1.39 -6.27
CA VAL A 12 1.09 1.96 -6.90
C VAL A 12 1.30 2.12 -8.40
N ILE A 13 0.49 1.43 -9.19
CA ILE A 13 0.58 1.51 -10.64
C ILE A 13 -0.24 2.67 -11.19
N LYS A 14 -1.19 3.14 -10.39
CA LYS A 14 -2.06 4.23 -10.80
C LYS A 14 -2.54 5.02 -9.58
N ASP A 15 -2.94 6.27 -9.81
CA ASP A 15 -3.43 7.12 -8.72
C ASP A 15 -4.75 6.59 -8.17
N TYR A 16 -5.15 7.11 -7.01
CA TYR A 16 -6.39 6.69 -6.37
C TYR A 16 -6.76 7.62 -5.23
N TYR A 17 -8.05 7.84 -5.03
CA TYR A 17 -8.53 8.71 -3.97
C TYR A 17 -9.21 7.91 -2.87
N ALA A 18 -8.97 8.30 -1.62
CA ALA A 18 -9.56 7.61 -0.47
C ALA A 18 -11.05 7.89 -0.38
N LEU A 19 -11.86 6.88 -0.72
CA LEU A 19 -13.31 7.02 -0.68
C LEU A 19 -13.82 6.90 0.76
N LYS A 20 -13.30 5.91 1.48
CA LYS A 20 -13.70 5.67 2.86
C LYS A 20 -12.82 6.47 3.82
N GLU A 21 -13.15 6.40 5.11
CA GLU A 21 -12.40 7.12 6.13
C GLU A 21 -11.00 6.54 6.27
N ASN A 22 -10.91 5.22 6.42
CA ASN A 22 -9.63 4.54 6.57
C ASN A 22 -8.79 4.68 5.30
N GLU A 23 -9.45 4.52 4.15
CA GLU A 23 -8.77 4.62 2.87
C GLU A 23 -7.89 5.87 2.82
N ILE A 24 -6.74 5.75 2.16
CA ILE A 24 -5.81 6.88 2.03
C ILE A 24 -5.54 7.20 0.57
N CYS A 25 -5.07 8.42 0.32
CA CYS A 25 -4.76 8.86 -1.04
C CYS A 25 -3.38 8.38 -1.46
N VAL A 26 -3.30 7.76 -2.64
CA VAL A 26 -2.03 7.25 -3.15
C VAL A 26 -1.71 7.87 -4.51
N SER A 27 -0.45 7.78 -4.91
CA SER A 27 -0.01 8.33 -6.19
C SER A 27 0.68 7.25 -7.03
N GLN A 28 0.48 7.33 -8.35
CA GLN A 28 1.08 6.37 -9.26
C GLN A 28 2.60 6.34 -9.10
N GLY A 29 3.10 5.27 -8.49
CA GLY A 29 4.53 5.14 -8.29
C GLY A 29 4.89 4.84 -6.84
N GLU A 30 4.11 5.39 -5.91
CA GLU A 30 4.33 5.19 -4.49
C GLU A 30 4.50 3.71 -4.18
N VAL A 31 5.11 3.41 -3.03
CA VAL A 31 5.33 2.04 -2.61
C VAL A 31 4.82 1.80 -1.19
N VAL A 32 3.82 0.93 -1.05
CA VAL A 32 3.24 0.62 0.24
C VAL A 32 3.50 -0.83 0.63
N GLN A 33 2.96 -1.24 1.77
CA GLN A 33 3.13 -2.61 2.25
C GLN A 33 1.79 -3.20 2.68
N VAL A 34 1.33 -4.21 1.95
CA VAL A 34 0.07 -4.86 2.27
C VAL A 34 0.10 -5.49 3.65
N LEU A 35 -1.03 -5.45 4.35
CA LEU A 35 -1.13 -6.02 5.69
C LEU A 35 -2.20 -7.10 5.74
N ALA A 36 -3.32 -6.86 5.07
CA ALA A 36 -4.42 -7.81 5.04
C ALA A 36 -5.49 -7.38 4.02
N VAL A 37 -6.53 -8.19 3.91
CA VAL A 37 -7.62 -7.90 2.97
C VAL A 37 -8.97 -8.10 3.64
N ASN A 38 -9.98 -7.37 3.16
CA ASN A 38 -11.32 -7.46 3.70
C ASN A 38 -12.31 -7.90 2.62
N GLN A 39 -13.58 -7.99 3.00
CA GLN A 39 -14.63 -8.41 2.08
C GLN A 39 -14.89 -7.32 1.03
N GLN A 40 -14.50 -6.10 1.36
CA GLN A 40 -14.69 -4.97 0.45
C GLN A 40 -13.76 -5.08 -0.75
N ASN A 41 -12.91 -6.10 -0.75
CA ASN A 41 -11.96 -6.30 -1.84
C ASN A 41 -10.83 -5.28 -1.78
N MET A 42 -10.42 -4.92 -0.57
CA MET A 42 -9.35 -3.96 -0.38
C MET A 42 -8.16 -4.61 0.32
N CYS A 43 -7.02 -3.91 0.32
CA CYS A 43 -5.81 -4.41 0.95
C CYS A 43 -5.21 -3.38 1.89
N LEU A 44 -5.22 -3.67 3.19
CA LEU A 44 -4.68 -2.76 4.19
C LEU A 44 -3.19 -2.53 3.96
N VAL A 45 -2.86 -1.43 3.32
CA VAL A 45 -1.46 -1.09 3.05
C VAL A 45 -0.99 0.06 3.95
N TYR A 46 0.24 -0.05 4.44
CA TYR A 46 0.81 0.97 5.31
C TYR A 46 1.60 2.00 4.49
N GLN A 47 1.08 3.22 4.44
CA GLN A 47 1.73 4.29 3.69
C GLN A 47 2.66 5.09 4.59
N PRO A 48 3.97 4.99 4.35
CA PRO A 48 4.99 5.70 5.13
C PRO A 48 4.97 7.20 4.88
N ALA A 49 5.59 7.96 5.78
CA ALA A 49 5.64 9.41 5.66
C ALA A 49 5.96 9.82 4.23
N SER A 50 5.06 10.57 3.61
CA SER A 50 5.25 11.03 2.24
C SER A 50 4.80 12.49 2.08
N ASP A 51 5.23 13.11 0.99
CA ASP A 51 4.87 14.51 0.72
C ASP A 51 3.35 14.69 0.74
N HIS A 52 2.64 13.73 0.18
CA HIS A 52 1.18 13.79 0.13
C HIS A 52 0.58 13.59 1.53
N SER A 53 0.90 12.46 2.15
CA SER A 53 0.40 12.15 3.48
C SER A 53 1.47 11.48 4.33
N PRO A 54 1.50 11.82 5.63
CA PRO A 54 2.47 11.26 6.57
C PRO A 54 2.21 9.79 6.87
N ALA A 55 3.12 9.17 7.61
CA ALA A 55 2.99 7.76 7.97
C ALA A 55 1.58 7.45 8.48
N ALA A 56 0.81 6.76 7.65
CA ALA A 56 -0.57 6.40 8.02
C ALA A 56 -0.98 5.10 7.34
N GLU A 57 -1.86 4.35 8.01
CA GLU A 57 -2.34 3.08 7.48
C GLU A 57 -3.68 3.26 6.78
N GLY A 58 -3.73 2.88 5.50
CA GLY A 58 -4.96 3.01 4.74
C GLY A 58 -5.20 1.81 3.85
N TRP A 59 -6.45 1.68 3.37
CA TRP A 59 -6.81 0.58 2.49
C TRP A 59 -6.84 1.02 1.04
N VAL A 60 -6.31 0.16 0.15
CA VAL A 60 -6.28 0.46 -1.27
C VAL A 60 -6.66 -0.76 -2.10
N PRO A 61 -7.30 -0.51 -3.25
CA PRO A 61 -7.73 -1.58 -4.16
C PRO A 61 -6.56 -2.26 -4.85
N GLY A 62 -6.32 -3.52 -4.47
CA GLY A 62 -5.23 -4.27 -5.06
C GLY A 62 -5.14 -4.09 -6.56
N SER A 63 -6.25 -3.69 -7.18
CA SER A 63 -6.28 -3.48 -8.62
C SER A 63 -5.20 -2.50 -9.05
N ILE A 64 -4.99 -1.46 -8.25
CA ILE A 64 -3.98 -0.46 -8.55
C ILE A 64 -2.66 -0.79 -7.87
N LEU A 65 -2.45 -2.06 -7.57
CA LEU A 65 -1.23 -2.51 -6.92
C LEU A 65 -0.57 -3.65 -7.69
N ALA A 66 0.75 -3.73 -7.61
CA ALA A 66 1.48 -4.78 -8.30
C ALA A 66 2.59 -5.35 -7.42
N PRO A 67 2.95 -6.62 -7.65
CA PRO A 67 3.99 -7.31 -6.89
C PRO A 67 5.38 -6.76 -7.19
N PHE A 68 5.83 -5.82 -6.36
CA PHE A 68 7.15 -5.22 -6.53
C PHE A 68 8.26 -6.25 -6.36
N SER A 69 9.11 -6.37 -7.36
CA SER A 69 10.21 -7.32 -7.32
C SER A 69 11.51 -6.69 -7.80
N GLY A 70 12.51 -6.65 -6.93
CA GLY A 70 13.79 -6.06 -7.28
C GLY A 70 14.95 -6.98 -6.99
N PRO A 71 16.00 -6.91 -7.81
CA PRO A 71 17.20 -7.73 -7.64
C PRO A 71 18.01 -7.34 -6.41
N SER A 72 17.50 -6.37 -5.66
CA SER A 72 18.19 -5.89 -4.46
C SER A 72 18.12 -6.94 -3.35
N SER A 73 19.09 -6.89 -2.44
CA SER A 73 19.13 -7.83 -1.33
C SER A 73 19.27 -7.09 0.01
N GLY A 74 20.33 -6.30 0.13
CA GLY A 74 20.55 -5.56 1.36
C GLY A 74 19.35 -4.72 1.76
N GLY A 1 6.33 -2.85 20.33
CA GLY A 1 7.51 -3.45 19.74
C GLY A 1 7.16 -4.41 18.61
N SER A 2 8.09 -4.60 17.69
CA SER A 2 7.87 -5.48 16.56
C SER A 2 8.75 -6.73 16.67
N SER A 3 8.11 -7.89 16.72
CA SER A 3 8.83 -9.15 16.83
C SER A 3 8.68 -9.98 15.55
N GLY A 4 9.54 -9.73 14.58
CA GLY A 4 9.49 -10.46 13.33
C GLY A 4 8.33 -10.02 12.45
N SER A 5 8.52 -8.92 11.73
CA SER A 5 7.49 -8.39 10.86
C SER A 5 7.70 -8.84 9.42
N SER A 6 6.71 -9.53 8.87
CA SER A 6 6.80 -10.02 7.49
C SER A 6 5.59 -9.56 6.67
N GLY A 7 5.84 -9.19 5.43
CA GLY A 7 4.77 -8.73 4.55
C GLY A 7 5.21 -8.58 3.12
N SER A 8 4.28 -8.20 2.25
CA SER A 8 4.59 -8.02 0.83
C SER A 8 4.55 -6.55 0.45
N THR A 9 5.54 -6.12 -0.33
CA THR A 9 5.62 -4.73 -0.76
C THR A 9 5.04 -4.55 -2.16
N MET A 10 4.04 -3.69 -2.28
CA MET A 10 3.40 -3.43 -3.56
C MET A 10 3.54 -1.96 -3.95
N THR A 11 3.66 -1.71 -5.25
CA THR A 11 3.80 -0.35 -5.76
C THR A 11 2.57 0.09 -6.54
N VAL A 12 2.08 1.29 -6.26
CA VAL A 12 0.91 1.82 -6.95
C VAL A 12 1.17 1.96 -8.44
N ILE A 13 0.27 1.38 -9.24
CA ILE A 13 0.40 1.45 -10.69
C ILE A 13 -0.53 2.51 -11.28
N LYS A 14 -1.51 2.93 -10.49
CA LYS A 14 -2.47 3.94 -10.92
C LYS A 14 -2.93 4.79 -9.75
N ASP A 15 -3.28 6.04 -10.03
CA ASP A 15 -3.75 6.96 -8.99
C ASP A 15 -5.09 6.51 -8.42
N TYR A 16 -5.29 6.74 -7.13
CA TYR A 16 -6.53 6.35 -6.47
C TYR A 16 -6.97 7.41 -5.47
N TYR A 17 -8.25 7.36 -5.07
CA TYR A 17 -8.79 8.32 -4.12
C TYR A 17 -9.41 7.60 -2.93
N ALA A 18 -9.09 8.09 -1.73
CA ALA A 18 -9.60 7.50 -0.49
C ALA A 18 -11.09 7.81 -0.34
N LEU A 19 -11.93 6.80 -0.57
CA LEU A 19 -13.38 6.97 -0.45
C LEU A 19 -13.81 6.84 1.01
N LYS A 20 -13.09 6.02 1.77
CA LYS A 20 -13.40 5.82 3.18
C LYS A 20 -12.38 6.52 4.07
N GLU A 21 -12.84 7.05 5.20
CA GLU A 21 -11.97 7.74 6.13
C GLU A 21 -10.66 6.98 6.33
N ASN A 22 -10.78 5.66 6.47
CA ASN A 22 -9.60 4.81 6.67
C ASN A 22 -8.71 4.82 5.43
N GLU A 23 -9.31 4.64 4.27
CA GLU A 23 -8.58 4.62 3.01
C GLU A 23 -7.70 5.87 2.90
N ILE A 24 -6.69 5.79 2.05
CA ILE A 24 -5.77 6.90 1.84
C ILE A 24 -5.52 7.14 0.35
N CYS A 25 -5.24 8.39 -0.01
CA CYS A 25 -4.98 8.75 -1.39
C CYS A 25 -3.57 8.33 -1.81
N VAL A 26 -3.44 7.88 -3.05
CA VAL A 26 -2.14 7.45 -3.57
C VAL A 26 -2.03 7.72 -5.07
N SER A 27 -0.81 7.90 -5.54
CA SER A 27 -0.57 8.17 -6.97
C SER A 27 0.38 7.13 -7.56
N GLN A 28 0.26 6.92 -8.87
CA GLN A 28 1.10 5.95 -9.55
C GLN A 28 2.58 6.16 -9.20
N GLY A 29 3.19 5.14 -8.62
CA GLY A 29 4.59 5.23 -8.23
C GLY A 29 4.80 4.96 -6.75
N GLU A 30 3.93 5.52 -5.92
CA GLU A 30 4.04 5.34 -4.48
C GLU A 30 4.21 3.86 -4.13
N VAL A 31 4.81 3.60 -2.97
CA VAL A 31 5.04 2.23 -2.51
C VAL A 31 4.53 2.03 -1.09
N VAL A 32 3.83 0.93 -0.87
CA VAL A 32 3.28 0.61 0.45
C VAL A 32 3.54 -0.84 0.82
N GLN A 33 2.99 -1.26 1.95
CA GLN A 33 3.16 -2.64 2.41
C GLN A 33 1.81 -3.25 2.78
N VAL A 34 1.48 -4.36 2.12
CA VAL A 34 0.22 -5.04 2.37
C VAL A 34 0.21 -5.68 3.76
N LEU A 35 -0.93 -5.59 4.43
CA LEU A 35 -1.07 -6.15 5.77
C LEU A 35 -2.18 -7.22 5.80
N ALA A 36 -3.24 -6.97 5.03
CA ALA A 36 -4.35 -7.91 4.97
C ALA A 36 -5.39 -7.47 3.94
N VAL A 37 -6.47 -8.23 3.82
CA VAL A 37 -7.53 -7.92 2.87
C VAL A 37 -8.86 -7.69 3.59
N ASN A 38 -9.77 -6.97 2.93
CA ASN A 38 -11.07 -6.69 3.50
C ASN A 38 -12.19 -7.32 2.66
N GLN A 39 -13.37 -7.46 3.25
CA GLN A 39 -14.51 -8.04 2.56
C GLN A 39 -14.86 -7.23 1.32
N GLN A 40 -14.45 -5.96 1.31
CA GLN A 40 -14.72 -5.08 0.19
C GLN A 40 -13.66 -5.22 -0.89
N ASN A 41 -12.93 -6.32 -0.85
CA ASN A 41 -11.88 -6.58 -1.83
C ASN A 41 -10.78 -5.51 -1.74
N MET A 42 -10.55 -5.02 -0.53
CA MET A 42 -9.52 -4.00 -0.31
C MET A 42 -8.30 -4.60 0.39
N CYS A 43 -7.14 -4.01 0.13
CA CYS A 43 -5.89 -4.48 0.72
C CYS A 43 -5.32 -3.44 1.68
N LEU A 44 -5.29 -3.79 2.96
CA LEU A 44 -4.77 -2.88 3.98
C LEU A 44 -3.27 -2.65 3.80
N VAL A 45 -2.93 -1.47 3.28
CA VAL A 45 -1.53 -1.12 3.05
C VAL A 45 -1.10 0.02 3.96
N TYR A 46 0.18 0.00 4.35
CA TYR A 46 0.72 1.03 5.23
C TYR A 46 1.56 2.02 4.43
N GLN A 47 1.11 3.28 4.42
CA GLN A 47 1.81 4.33 3.69
C GLN A 47 2.76 5.09 4.62
N PRO A 48 4.07 4.86 4.44
CA PRO A 48 5.10 5.50 5.25
C PRO A 48 5.22 7.00 4.95
N ALA A 49 5.75 7.74 5.91
CA ALA A 49 5.93 9.18 5.76
C ALA A 49 6.25 9.54 4.31
N SER A 50 5.46 10.44 3.74
CA SER A 50 5.64 10.87 2.36
C SER A 50 5.26 12.33 2.18
N ASP A 51 5.59 12.90 1.02
CA ASP A 51 5.27 14.28 0.72
C ASP A 51 3.77 14.52 0.79
N HIS A 52 3.00 13.59 0.23
CA HIS A 52 1.54 13.70 0.23
C HIS A 52 0.99 13.67 1.65
N SER A 53 1.54 12.76 2.47
CA SER A 53 1.09 12.61 3.85
C SER A 53 2.10 11.82 4.66
N PRO A 54 2.13 12.07 5.98
CA PRO A 54 3.05 11.39 6.89
C PRO A 54 2.68 9.93 7.09
N ALA A 55 3.45 9.24 7.94
CA ALA A 55 3.20 7.83 8.22
C ALA A 55 1.74 7.59 8.57
N ALA A 56 1.06 6.80 7.75
CA ALA A 56 -0.35 6.48 7.97
C ALA A 56 -0.77 5.25 7.18
N GLU A 57 -1.61 4.42 7.78
CA GLU A 57 -2.08 3.21 7.13
C GLU A 57 -3.45 3.44 6.47
N GLY A 58 -3.58 2.95 5.24
CA GLY A 58 -4.83 3.12 4.52
C GLY A 58 -5.11 1.97 3.58
N TRP A 59 -6.39 1.65 3.38
CA TRP A 59 -6.79 0.56 2.50
C TRP A 59 -6.80 1.02 1.05
N VAL A 60 -6.36 0.14 0.15
CA VAL A 60 -6.33 0.46 -1.27
C VAL A 60 -6.72 -0.75 -2.11
N PRO A 61 -7.33 -0.48 -3.27
CA PRO A 61 -7.77 -1.54 -4.20
C PRO A 61 -6.59 -2.26 -4.86
N GLY A 62 -6.44 -3.54 -4.53
CA GLY A 62 -5.36 -4.33 -5.08
C GLY A 62 -5.19 -4.10 -6.57
N SER A 63 -6.25 -3.61 -7.22
CA SER A 63 -6.21 -3.35 -8.65
C SER A 63 -5.06 -2.41 -9.00
N ILE A 64 -4.89 -1.36 -8.21
CA ILE A 64 -3.83 -0.39 -8.43
C ILE A 64 -2.53 -0.82 -7.75
N LEU A 65 -2.49 -2.08 -7.32
CA LEU A 65 -1.31 -2.63 -6.65
C LEU A 65 -0.63 -3.67 -7.53
N ALA A 66 0.70 -3.73 -7.44
CA ALA A 66 1.47 -4.70 -8.22
C ALA A 66 2.67 -5.21 -7.43
N PRO A 67 3.13 -6.42 -7.75
CA PRO A 67 4.28 -7.05 -7.09
C PRO A 67 5.59 -6.35 -7.42
N PHE A 68 5.99 -5.41 -6.57
CA PHE A 68 7.22 -4.67 -6.78
C PHE A 68 8.41 -5.61 -6.91
N SER A 69 9.07 -5.59 -8.06
CA SER A 69 10.22 -6.44 -8.30
C SER A 69 11.31 -6.20 -7.26
N GLY A 70 11.60 -4.93 -6.99
CA GLY A 70 12.62 -4.60 -6.02
C GLY A 70 13.88 -4.06 -6.67
N PRO A 71 15.01 -4.17 -5.95
CA PRO A 71 16.31 -3.70 -6.44
C PRO A 71 16.84 -4.56 -7.59
N SER A 72 16.42 -4.23 -8.81
CA SER A 72 16.84 -4.98 -9.99
C SER A 72 16.38 -4.27 -11.26
N SER A 73 17.34 -3.69 -11.98
CA SER A 73 17.04 -2.98 -13.22
C SER A 73 17.92 -3.47 -14.36
N GLY A 74 17.37 -4.34 -15.21
CA GLY A 74 18.13 -4.87 -16.32
C GLY A 74 17.23 -5.36 -17.45
N GLY A 1 16.08 -7.11 10.61
CA GLY A 1 16.18 -7.34 12.03
C GLY A 1 14.83 -7.57 12.69
N SER A 2 14.50 -6.74 13.68
CA SER A 2 13.24 -6.86 14.39
C SER A 2 12.20 -5.89 13.83
N SER A 3 11.37 -6.38 12.93
CA SER A 3 10.33 -5.55 12.31
C SER A 3 8.94 -5.96 12.80
N GLY A 4 8.21 -5.01 13.35
CA GLY A 4 6.87 -5.29 13.84
C GLY A 4 5.89 -5.60 12.73
N SER A 5 5.39 -4.56 12.08
CA SER A 5 4.42 -4.73 10.99
C SER A 5 5.14 -4.72 9.63
N SER A 6 4.90 -5.75 8.84
CA SER A 6 5.51 -5.85 7.51
C SER A 6 4.77 -6.87 6.65
N GLY A 7 5.07 -6.87 5.36
CA GLY A 7 4.43 -7.79 4.45
C GLY A 7 4.92 -7.64 3.02
N SER A 8 4.14 -8.13 2.07
CA SER A 8 4.50 -8.05 0.66
C SER A 8 4.43 -6.61 0.16
N THR A 9 5.54 -6.13 -0.39
CA THR A 9 5.60 -4.77 -0.91
C THR A 9 4.95 -4.67 -2.29
N MET A 10 4.31 -3.54 -2.55
CA MET A 10 3.66 -3.31 -3.84
C MET A 10 3.80 -1.86 -4.28
N THR A 11 3.94 -1.66 -5.58
CA THR A 11 4.08 -0.31 -6.13
C THR A 11 2.80 0.14 -6.83
N VAL A 12 2.31 1.31 -6.45
CA VAL A 12 1.09 1.85 -7.04
C VAL A 12 1.23 2.02 -8.55
N ILE A 13 0.43 1.27 -9.29
CA ILE A 13 0.48 1.34 -10.75
C ILE A 13 -0.34 2.53 -11.27
N LYS A 14 -1.31 2.97 -10.48
CA LYS A 14 -2.15 4.10 -10.86
C LYS A 14 -2.62 4.86 -9.62
N ASP A 15 -2.98 6.12 -9.82
CA ASP A 15 -3.46 6.96 -8.73
C ASP A 15 -4.76 6.40 -8.14
N TYR A 16 -5.15 6.93 -6.99
CA TYR A 16 -6.38 6.49 -6.33
C TYR A 16 -6.80 7.48 -5.24
N TYR A 17 -8.10 7.71 -5.14
CA TYR A 17 -8.64 8.63 -4.15
C TYR A 17 -9.30 7.88 -3.00
N ALA A 18 -9.05 8.35 -1.78
CA ALA A 18 -9.62 7.72 -0.59
C ALA A 18 -11.11 8.01 -0.48
N LEU A 19 -11.93 7.12 -1.04
CA LEU A 19 -13.39 7.29 -1.01
C LEU A 19 -13.91 7.17 0.41
N LYS A 20 -13.31 6.28 1.20
CA LYS A 20 -13.72 6.07 2.59
C LYS A 20 -12.86 6.90 3.52
N GLU A 21 -13.13 6.79 4.82
CA GLU A 21 -12.39 7.54 5.83
C GLU A 21 -11.08 6.83 6.17
N ASN A 22 -11.14 5.51 6.32
CA ASN A 22 -9.95 4.72 6.64
C ASN A 22 -8.97 4.72 5.47
N GLU A 23 -9.49 4.68 4.26
CA GLU A 23 -8.66 4.68 3.06
C GLU A 23 -7.72 5.88 3.05
N ILE A 24 -6.77 5.88 2.12
CA ILE A 24 -5.82 6.97 2.01
C ILE A 24 -5.54 7.31 0.54
N CYS A 25 -5.19 8.57 0.30
CA CYS A 25 -4.90 9.02 -1.06
C CYS A 25 -3.49 8.64 -1.48
N VAL A 26 -3.37 7.96 -2.62
CA VAL A 26 -2.08 7.54 -3.12
C VAL A 26 -1.84 8.06 -4.54
N SER A 27 -0.62 7.86 -5.04
CA SER A 27 -0.26 8.33 -6.37
C SER A 27 0.62 7.30 -7.09
N GLN A 28 0.45 7.21 -8.40
CA GLN A 28 1.22 6.27 -9.20
C GLN A 28 2.71 6.40 -8.92
N GLY A 29 3.33 5.30 -8.52
CA GLY A 29 4.75 5.32 -8.22
C GLY A 29 5.04 5.01 -6.76
N GLU A 30 4.19 5.50 -5.87
CA GLU A 30 4.35 5.27 -4.44
C GLU A 30 4.55 3.79 -4.14
N VAL A 31 5.03 3.49 -2.93
CA VAL A 31 5.25 2.10 -2.52
C VAL A 31 4.73 1.86 -1.12
N VAL A 32 3.84 0.87 -0.99
CA VAL A 32 3.26 0.54 0.30
C VAL A 32 3.46 -0.94 0.62
N GLN A 33 2.99 -1.36 1.79
CA GLN A 33 3.12 -2.75 2.22
C GLN A 33 1.76 -3.32 2.62
N VAL A 34 1.33 -4.37 1.92
CA VAL A 34 0.05 -5.00 2.21
C VAL A 34 0.06 -5.64 3.59
N LEU A 35 -1.05 -5.49 4.31
CA LEU A 35 -1.19 -6.05 5.64
C LEU A 35 -2.29 -7.11 5.69
N ALA A 36 -3.36 -6.87 4.95
CA ALA A 36 -4.48 -7.80 4.91
C ALA A 36 -5.53 -7.35 3.89
N VAL A 37 -6.57 -8.16 3.71
CA VAL A 37 -7.63 -7.84 2.76
C VAL A 37 -8.93 -7.52 3.49
N ASN A 38 -9.79 -6.76 2.84
CA ASN A 38 -11.07 -6.38 3.42
C ASN A 38 -12.24 -6.93 2.60
N GLN A 39 -13.41 -7.05 3.23
CA GLN A 39 -14.59 -7.56 2.56
C GLN A 39 -14.96 -6.70 1.35
N GLN A 40 -14.43 -5.48 1.32
CA GLN A 40 -14.70 -4.56 0.23
C GLN A 40 -13.66 -4.72 -0.88
N ASN A 41 -13.01 -5.88 -0.93
CA ASN A 41 -12.00 -6.14 -1.94
C ASN A 41 -10.84 -5.15 -1.83
N MET A 42 -10.55 -4.72 -0.60
CA MET A 42 -9.46 -3.77 -0.36
C MET A 42 -8.30 -4.45 0.34
N CYS A 43 -7.15 -3.78 0.35
CA CYS A 43 -5.95 -4.31 0.99
C CYS A 43 -5.33 -3.28 1.93
N LEU A 44 -5.34 -3.59 3.22
CA LEU A 44 -4.76 -2.68 4.22
C LEU A 44 -3.28 -2.47 3.97
N VAL A 45 -2.94 -1.36 3.33
CA VAL A 45 -1.56 -1.03 3.03
C VAL A 45 -1.05 0.09 3.94
N TYR A 46 0.18 -0.05 4.42
CA TYR A 46 0.78 0.94 5.30
C TYR A 46 1.59 1.95 4.50
N GLN A 47 1.07 3.18 4.42
CA GLN A 47 1.73 4.25 3.68
C GLN A 47 2.64 5.05 4.61
N PRO A 48 3.96 4.88 4.44
CA PRO A 48 4.96 5.58 5.25
C PRO A 48 5.03 7.07 4.92
N ALA A 49 5.61 7.85 5.84
CA ALA A 49 5.73 9.28 5.65
C ALA A 49 6.23 9.61 4.24
N SER A 50 5.59 10.58 3.61
CA SER A 50 5.97 10.99 2.26
C SER A 50 5.48 12.40 1.96
N ASP A 51 6.21 13.10 1.08
CA ASP A 51 5.85 14.46 0.71
C ASP A 51 4.34 14.61 0.55
N HIS A 52 3.74 13.65 -0.16
CA HIS A 52 2.30 13.68 -0.40
C HIS A 52 1.53 13.54 0.92
N SER A 53 1.78 12.45 1.63
CA SER A 53 1.10 12.20 2.90
C SER A 53 2.05 11.55 3.90
N PRO A 54 1.89 11.89 5.18
CA PRO A 54 2.72 11.36 6.26
C PRO A 54 2.46 9.88 6.52
N ALA A 55 3.09 9.35 7.57
CA ALA A 55 2.92 7.94 7.92
C ALA A 55 1.50 7.65 8.38
N ALA A 56 0.79 6.82 7.63
CA ALA A 56 -0.58 6.47 7.96
C ALA A 56 -0.99 5.16 7.31
N GLU A 57 -1.83 4.39 7.98
CA GLU A 57 -2.29 3.11 7.47
C GLU A 57 -3.65 3.25 6.79
N GLY A 58 -3.68 3.02 5.49
CA GLY A 58 -4.92 3.14 4.74
C GLY A 58 -5.17 1.94 3.83
N TRP A 59 -6.43 1.71 3.49
CA TRP A 59 -6.79 0.60 2.62
C TRP A 59 -6.78 1.02 1.16
N VAL A 60 -6.42 0.09 0.29
CA VAL A 60 -6.36 0.37 -1.15
C VAL A 60 -6.73 -0.87 -1.96
N PRO A 61 -7.34 -0.65 -3.13
CA PRO A 61 -7.76 -1.73 -4.03
C PRO A 61 -6.56 -2.43 -4.68
N GLY A 62 -6.39 -3.71 -4.36
CA GLY A 62 -5.28 -4.47 -4.92
C GLY A 62 -5.13 -4.26 -6.42
N SER A 63 -6.21 -3.82 -7.06
CA SER A 63 -6.20 -3.59 -8.50
C SER A 63 -5.09 -2.61 -8.88
N ILE A 64 -4.95 -1.56 -8.09
CA ILE A 64 -3.92 -0.55 -8.34
C ILE A 64 -2.61 -0.91 -7.65
N LEU A 65 -2.45 -2.19 -7.34
CA LEU A 65 -1.24 -2.67 -6.67
C LEU A 65 -0.54 -3.73 -7.51
N ALA A 66 0.79 -3.68 -7.54
CA ALA A 66 1.59 -4.63 -8.30
C ALA A 66 2.80 -5.09 -7.50
N PRO A 67 3.25 -6.33 -7.78
CA PRO A 67 4.42 -6.91 -7.10
C PRO A 67 5.72 -6.24 -7.49
N PHE A 68 6.26 -5.43 -6.58
CA PHE A 68 7.51 -4.73 -6.82
C PHE A 68 8.70 -5.66 -6.70
N SER A 69 8.84 -6.29 -5.54
CA SER A 69 9.95 -7.21 -5.29
C SER A 69 11.22 -6.72 -5.97
N GLY A 70 11.45 -5.41 -5.91
CA GLY A 70 12.63 -4.84 -6.52
C GLY A 70 13.91 -5.48 -6.01
N PRO A 71 14.39 -5.03 -4.84
CA PRO A 71 15.62 -5.55 -4.22
C PRO A 71 15.45 -6.97 -3.71
N SER A 72 15.85 -7.94 -4.53
CA SER A 72 15.72 -9.35 -4.15
C SER A 72 16.77 -10.19 -4.88
N SER A 73 17.15 -11.31 -4.27
CA SER A 73 18.14 -12.20 -4.86
C SER A 73 17.47 -13.22 -5.78
N GLY A 74 18.23 -13.68 -6.78
CA GLY A 74 17.69 -14.66 -7.72
C GLY A 74 18.26 -14.47 -9.11
N GLY A 1 17.15 -4.40 3.28
CA GLY A 1 17.33 -5.57 2.45
C GLY A 1 17.08 -6.86 3.22
N SER A 2 15.86 -7.39 3.10
CA SER A 2 15.50 -8.62 3.80
C SER A 2 14.20 -9.19 3.24
N SER A 3 14.01 -10.49 3.40
CA SER A 3 12.81 -11.16 2.91
C SER A 3 11.59 -10.75 3.74
N GLY A 4 10.50 -10.42 3.04
CA GLY A 4 9.29 -10.01 3.73
C GLY A 4 8.49 -11.19 4.24
N SER A 5 9.04 -11.87 5.24
CA SER A 5 8.37 -13.04 5.83
C SER A 5 6.90 -12.73 6.09
N SER A 6 6.64 -11.56 6.67
CA SER A 6 5.27 -11.16 6.99
C SER A 6 4.98 -9.78 6.42
N GLY A 7 4.60 -9.73 5.14
CA GLY A 7 4.29 -8.47 4.49
C GLY A 7 4.93 -8.35 3.12
N SER A 8 4.10 -8.17 2.10
CA SER A 8 4.59 -8.04 0.74
C SER A 8 4.50 -6.59 0.26
N THR A 9 5.58 -6.11 -0.35
CA THR A 9 5.63 -4.74 -0.85
C THR A 9 5.06 -4.65 -2.26
N MET A 10 4.24 -3.63 -2.49
CA MET A 10 3.63 -3.43 -3.80
C MET A 10 3.76 -1.98 -4.25
N THR A 11 3.86 -1.77 -5.56
CA THR A 11 3.99 -0.43 -6.11
C THR A 11 2.73 -0.01 -6.85
N VAL A 12 2.20 1.15 -6.50
CA VAL A 12 1.00 1.67 -7.13
C VAL A 12 1.17 1.79 -8.65
N ILE A 13 0.14 1.37 -9.39
CA ILE A 13 0.18 1.44 -10.84
C ILE A 13 -0.74 2.53 -11.37
N LYS A 14 -1.76 2.86 -10.59
CA LYS A 14 -2.72 3.90 -10.97
C LYS A 14 -3.08 4.78 -9.78
N ASP A 15 -3.44 6.02 -10.06
CA ASP A 15 -3.81 6.97 -9.01
C ASP A 15 -5.14 6.58 -8.38
N TYR A 16 -5.25 6.74 -7.07
CA TYR A 16 -6.48 6.41 -6.36
C TYR A 16 -6.80 7.47 -5.31
N TYR A 17 -8.07 7.55 -4.91
CA TYR A 17 -8.51 8.51 -3.92
C TYR A 17 -9.25 7.82 -2.77
N ALA A 18 -8.85 8.13 -1.54
CA ALA A 18 -9.47 7.55 -0.37
C ALA A 18 -10.97 7.85 -0.33
N LEU A 19 -11.77 6.90 -0.81
CA LEU A 19 -13.22 7.07 -0.83
C LEU A 19 -13.78 7.07 0.58
N LYS A 20 -13.14 6.33 1.48
CA LYS A 20 -13.58 6.25 2.86
C LYS A 20 -12.61 6.98 3.79
N GLU A 21 -12.94 7.02 5.07
CA GLU A 21 -12.09 7.69 6.05
C GLU A 21 -10.76 6.96 6.20
N ASN A 22 -10.81 5.69 6.57
CA ASN A 22 -9.61 4.89 6.75
C ASN A 22 -8.73 4.95 5.50
N GLU A 23 -9.34 4.69 4.34
CA GLU A 23 -8.61 4.71 3.08
C GLU A 23 -7.74 5.96 2.97
N ILE A 24 -6.62 5.84 2.28
CA ILE A 24 -5.70 6.95 2.09
C ILE A 24 -5.48 7.25 0.61
N CYS A 25 -5.14 8.50 0.31
CA CYS A 25 -4.90 8.91 -1.07
C CYS A 25 -3.51 8.48 -1.53
N VAL A 26 -3.45 7.95 -2.75
CA VAL A 26 -2.18 7.49 -3.31
C VAL A 26 -2.09 7.81 -4.79
N SER A 27 -0.89 7.69 -5.35
CA SER A 27 -0.67 7.97 -6.77
C SER A 27 0.26 6.93 -7.39
N GLN A 28 0.13 6.73 -8.69
CA GLN A 28 0.94 5.76 -9.41
C GLN A 28 2.42 5.94 -9.07
N GLY A 29 3.08 4.84 -8.71
CA GLY A 29 4.49 4.90 -8.36
C GLY A 29 4.73 4.64 -6.90
N GLU A 30 3.90 5.25 -6.05
CA GLU A 30 4.04 5.08 -4.60
C GLU A 30 4.29 3.63 -4.24
N VAL A 31 5.00 3.42 -3.13
CA VAL A 31 5.32 2.07 -2.67
C VAL A 31 4.84 1.84 -1.24
N VAL A 32 3.83 0.98 -1.10
CA VAL A 32 3.27 0.68 0.21
C VAL A 32 3.48 -0.79 0.57
N GLN A 33 2.97 -1.18 1.74
CA GLN A 33 3.10 -2.56 2.19
C GLN A 33 1.75 -3.13 2.61
N VAL A 34 1.30 -4.17 1.91
CA VAL A 34 0.03 -4.80 2.23
C VAL A 34 0.06 -5.46 3.60
N LEU A 35 -1.09 -5.44 4.28
CA LEU A 35 -1.20 -6.04 5.60
C LEU A 35 -2.26 -7.13 5.63
N ALA A 36 -3.35 -6.90 4.90
CA ALA A 36 -4.44 -7.87 4.82
C ALA A 36 -5.48 -7.46 3.79
N VAL A 37 -6.52 -8.27 3.65
CA VAL A 37 -7.59 -7.99 2.69
C VAL A 37 -8.92 -7.77 3.40
N ASN A 38 -9.74 -6.88 2.84
CA ASN A 38 -11.04 -6.58 3.43
C ASN A 38 -12.16 -7.22 2.61
N GLN A 39 -13.34 -7.33 3.20
CA GLN A 39 -14.50 -7.91 2.53
C GLN A 39 -14.91 -7.06 1.34
N GLN A 40 -14.51 -5.80 1.34
CA GLN A 40 -14.84 -4.89 0.26
C GLN A 40 -13.82 -4.99 -0.88
N ASN A 41 -13.11 -6.11 -0.94
CA ASN A 41 -12.11 -6.33 -1.96
C ASN A 41 -11.00 -5.29 -1.87
N MET A 42 -10.66 -4.90 -0.64
CA MET A 42 -9.61 -3.92 -0.40
C MET A 42 -8.42 -4.55 0.28
N CYS A 43 -7.32 -3.80 0.37
CA CYS A 43 -6.10 -4.29 1.01
C CYS A 43 -5.53 -3.25 1.96
N LEU A 44 -5.31 -3.65 3.21
CA LEU A 44 -4.77 -2.74 4.22
C LEU A 44 -3.28 -2.52 3.99
N VAL A 45 -2.95 -1.41 3.35
CA VAL A 45 -1.56 -1.07 3.08
C VAL A 45 -1.06 0.06 3.98
N TYR A 46 0.18 -0.05 4.42
CA TYR A 46 0.76 0.97 5.29
C TYR A 46 1.57 1.98 4.49
N GLN A 47 1.06 3.21 4.44
CA GLN A 47 1.72 4.28 3.71
C GLN A 47 2.67 5.06 4.62
N PRO A 48 3.98 4.92 4.38
CA PRO A 48 5.00 5.61 5.18
C PRO A 48 5.03 7.11 4.91
N ALA A 49 5.63 7.85 5.84
CA ALA A 49 5.72 9.30 5.71
C ALA A 49 6.00 9.71 4.26
N SER A 50 5.26 10.70 3.77
CA SER A 50 5.44 11.18 2.41
C SER A 50 5.06 12.65 2.30
N ASP A 51 5.85 13.40 1.53
CA ASP A 51 5.60 14.83 1.34
C ASP A 51 4.10 15.11 1.29
N HIS A 52 3.37 14.29 0.55
CA HIS A 52 1.93 14.45 0.41
C HIS A 52 1.22 14.16 1.73
N SER A 53 1.62 13.07 2.38
CA SER A 53 1.03 12.69 3.66
C SER A 53 2.01 11.90 4.51
N PRO A 54 1.97 12.13 5.83
CA PRO A 54 2.86 11.46 6.79
C PRO A 54 2.53 9.97 6.93
N ALA A 55 3.24 9.30 7.83
CA ALA A 55 3.03 7.88 8.07
C ALA A 55 1.59 7.61 8.50
N ALA A 56 0.89 6.76 7.75
CA ALA A 56 -0.49 6.42 8.06
C ALA A 56 -0.91 5.13 7.34
N GLU A 57 -1.77 4.36 7.99
CA GLU A 57 -2.25 3.11 7.41
C GLU A 57 -3.61 3.31 6.75
N GLY A 58 -3.68 3.00 5.45
CA GLY A 58 -4.93 3.15 4.73
C GLY A 58 -5.23 1.95 3.83
N TRP A 59 -6.50 1.74 3.54
CA TRP A 59 -6.92 0.62 2.69
C TRP A 59 -6.97 1.05 1.24
N VAL A 60 -6.48 0.18 0.35
CA VAL A 60 -6.47 0.46 -1.08
C VAL A 60 -6.78 -0.79 -1.89
N PRO A 61 -7.39 -0.60 -3.07
CA PRO A 61 -7.76 -1.71 -3.96
C PRO A 61 -6.53 -2.37 -4.59
N GLY A 62 -6.34 -3.65 -4.28
CA GLY A 62 -5.21 -4.37 -4.83
C GLY A 62 -5.06 -4.18 -6.32
N SER A 63 -6.13 -3.74 -6.97
CA SER A 63 -6.13 -3.52 -8.41
C SER A 63 -5.07 -2.49 -8.81
N ILE A 64 -4.89 -1.49 -7.96
CA ILE A 64 -3.91 -0.44 -8.21
C ILE A 64 -2.57 -0.77 -7.54
N LEU A 65 -2.28 -2.05 -7.43
CA LEU A 65 -1.03 -2.50 -6.81
C LEU A 65 -0.34 -3.55 -7.68
N ALA A 66 0.98 -3.64 -7.57
CA ALA A 66 1.75 -4.61 -8.33
C ALA A 66 2.89 -5.19 -7.49
N PRO A 67 3.28 -6.43 -7.82
CA PRO A 67 4.37 -7.13 -7.11
C PRO A 67 5.73 -6.50 -7.38
N PHE A 68 6.14 -5.58 -6.51
CA PHE A 68 7.43 -4.92 -6.66
C PHE A 68 8.58 -5.90 -6.48
N SER A 69 9.75 -5.53 -6.97
CA SER A 69 10.94 -6.37 -6.87
C SER A 69 12.11 -5.61 -6.26
N GLY A 70 12.78 -6.24 -5.30
CA GLY A 70 13.91 -5.61 -4.65
C GLY A 70 15.16 -6.46 -4.70
N PRO A 71 15.89 -6.37 -5.82
CA PRO A 71 17.13 -7.14 -6.02
C PRO A 71 18.26 -6.66 -5.13
N SER A 72 18.03 -5.55 -4.43
CA SER A 72 19.03 -4.98 -3.54
C SER A 72 19.59 -6.04 -2.60
N SER A 73 20.88 -6.32 -2.72
CA SER A 73 21.54 -7.32 -1.89
C SER A 73 20.74 -8.62 -1.86
N GLY A 74 20.22 -9.00 -3.03
CA GLY A 74 19.43 -10.23 -3.12
C GLY A 74 18.67 -10.33 -4.43
N GLY A 1 17.49 -10.90 9.82
CA GLY A 1 16.58 -9.88 10.30
C GLY A 1 15.16 -10.37 10.37
N SER A 2 14.41 -10.18 9.29
CA SER A 2 13.01 -10.59 9.23
C SER A 2 12.91 -12.11 9.18
N SER A 3 13.69 -12.73 8.28
CA SER A 3 13.68 -14.18 8.13
C SER A 3 12.26 -14.70 8.02
N GLY A 4 11.43 -14.00 7.24
CA GLY A 4 10.05 -14.40 7.05
C GLY A 4 9.50 -13.97 5.71
N SER A 5 8.33 -14.49 5.37
CA SER A 5 7.69 -14.16 4.09
C SER A 5 6.41 -13.37 4.31
N SER A 6 6.45 -12.42 5.25
CA SER A 6 5.28 -11.60 5.57
C SER A 6 5.57 -10.13 5.29
N GLY A 7 4.73 -9.51 4.46
CA GLY A 7 4.91 -8.12 4.13
C GLY A 7 5.31 -7.91 2.68
N SER A 8 4.39 -8.20 1.77
CA SER A 8 4.65 -8.05 0.34
C SER A 8 4.52 -6.58 -0.09
N THR A 9 5.62 -6.00 -0.52
CA THR A 9 5.63 -4.60 -0.96
C THR A 9 5.16 -4.48 -2.40
N MET A 10 4.17 -3.62 -2.62
CA MET A 10 3.63 -3.41 -3.95
C MET A 10 3.81 -1.96 -4.40
N THR A 11 4.03 -1.76 -5.69
CA THR A 11 4.22 -0.42 -6.24
C THR A 11 2.95 0.09 -6.90
N VAL A 12 2.52 1.28 -6.50
CA VAL A 12 1.31 1.89 -7.06
C VAL A 12 1.43 2.06 -8.57
N ILE A 13 0.55 1.40 -9.31
CA ILE A 13 0.55 1.49 -10.77
C ILE A 13 -0.33 2.62 -11.26
N LYS A 14 -1.33 2.98 -10.46
CA LYS A 14 -2.26 4.05 -10.81
C LYS A 14 -2.64 4.86 -9.57
N ASP A 15 -3.06 6.10 -9.79
CA ASP A 15 -3.47 6.97 -8.69
C ASP A 15 -4.85 6.60 -8.17
N TYR A 16 -5.04 6.72 -6.86
CA TYR A 16 -6.31 6.39 -6.25
C TYR A 16 -6.69 7.42 -5.18
N TYR A 17 -7.96 7.81 -5.16
CA TYR A 17 -8.44 8.78 -4.20
C TYR A 17 -9.20 8.11 -3.07
N ALA A 18 -8.82 8.41 -1.83
CA ALA A 18 -9.45 7.83 -0.67
C ALA A 18 -10.94 8.19 -0.62
N LEU A 19 -11.79 7.27 -1.03
CA LEU A 19 -13.23 7.49 -1.03
C LEU A 19 -13.80 7.41 0.39
N LYS A 20 -13.31 6.44 1.16
CA LYS A 20 -13.77 6.24 2.53
C LYS A 20 -12.91 7.05 3.50
N GLU A 21 -13.32 7.04 4.77
CA GLU A 21 -12.59 7.78 5.80
C GLU A 21 -11.31 7.03 6.18
N ASN A 22 -11.40 5.70 6.25
CA ASN A 22 -10.26 4.88 6.61
C ASN A 22 -9.24 4.82 5.48
N GLU A 23 -9.75 4.72 4.25
CA GLU A 23 -8.88 4.66 3.07
C GLU A 23 -7.95 5.85 3.03
N ILE A 24 -6.95 5.79 2.14
CA ILE A 24 -5.99 6.87 2.00
C ILE A 24 -5.65 7.11 0.53
N CYS A 25 -5.25 8.34 0.21
CA CYS A 25 -4.89 8.69 -1.16
C CYS A 25 -3.49 8.18 -1.51
N VAL A 26 -3.28 7.89 -2.79
CA VAL A 26 -1.99 7.39 -3.25
C VAL A 26 -1.65 7.97 -4.62
N SER A 27 -0.38 7.86 -5.00
CA SER A 27 0.09 8.36 -6.29
C SER A 27 0.79 7.27 -7.08
N GLN A 28 0.55 7.24 -8.40
CA GLN A 28 1.17 6.25 -9.27
C GLN A 28 2.68 6.26 -9.12
N GLY A 29 3.23 5.17 -8.59
CA GLY A 29 4.68 5.08 -8.42
C GLY A 29 5.07 4.79 -6.98
N GLU A 30 4.32 5.38 -6.04
CA GLU A 30 4.60 5.18 -4.62
C GLU A 30 4.72 3.70 -4.29
N VAL A 31 5.06 3.40 -3.04
CA VAL A 31 5.20 2.02 -2.59
C VAL A 31 4.67 1.84 -1.18
N VAL A 32 3.85 0.80 -0.99
CA VAL A 32 3.27 0.52 0.32
C VAL A 32 3.51 -0.93 0.72
N GLN A 33 2.95 -1.32 1.86
CA GLN A 33 3.10 -2.68 2.35
C GLN A 33 1.75 -3.28 2.75
N VAL A 34 1.36 -4.36 2.09
CA VAL A 34 0.08 -5.01 2.37
C VAL A 34 0.08 -5.62 3.78
N LEU A 35 -1.06 -5.54 4.44
CA LEU A 35 -1.20 -6.06 5.79
C LEU A 35 -2.30 -7.12 5.85
N ALA A 36 -3.41 -6.86 5.15
CA ALA A 36 -4.53 -7.78 5.11
C ALA A 36 -5.55 -7.36 4.06
N VAL A 37 -6.59 -8.18 3.89
CA VAL A 37 -7.63 -7.90 2.92
C VAL A 37 -9.01 -8.00 3.55
N ASN A 38 -9.92 -7.14 3.12
CA ASN A 38 -11.28 -7.12 3.64
C ASN A 38 -12.27 -7.66 2.61
N GLN A 39 -13.54 -7.70 2.99
CA GLN A 39 -14.58 -8.19 2.09
C GLN A 39 -14.94 -7.15 1.03
N GLN A 40 -14.28 -6.00 1.11
CA GLN A 40 -14.53 -4.91 0.16
C GLN A 40 -13.47 -4.90 -0.94
N ASN A 41 -12.80 -6.04 -1.12
CA ASN A 41 -11.75 -6.16 -2.13
C ASN A 41 -10.65 -5.13 -1.89
N MET A 42 -10.43 -4.77 -0.63
CA MET A 42 -9.40 -3.81 -0.27
C MET A 42 -8.19 -4.50 0.34
N CYS A 43 -7.03 -3.85 0.26
CA CYS A 43 -5.81 -4.41 0.81
C CYS A 43 -5.15 -3.43 1.77
N LEU A 44 -5.40 -3.62 3.07
CA LEU A 44 -4.83 -2.75 4.09
C LEU A 44 -3.34 -2.56 3.87
N VAL A 45 -2.97 -1.38 3.37
CA VAL A 45 -1.57 -1.06 3.12
C VAL A 45 -1.10 0.10 4.00
N TYR A 46 0.14 0.01 4.46
CA TYR A 46 0.71 1.06 5.31
C TYR A 46 1.46 2.09 4.47
N GLN A 47 0.92 3.31 4.41
CA GLN A 47 1.53 4.38 3.64
C GLN A 47 2.47 5.20 4.53
N PRO A 48 3.79 5.05 4.31
CA PRO A 48 4.80 5.77 5.07
C PRO A 48 4.83 7.25 4.74
N ALA A 49 5.48 8.04 5.60
CA ALA A 49 5.58 9.48 5.40
C ALA A 49 5.73 9.82 3.92
N SER A 50 4.74 10.52 3.38
CA SER A 50 4.77 10.90 1.97
C SER A 50 4.34 12.36 1.79
N ASP A 51 4.81 12.99 0.72
CA ASP A 51 4.47 14.38 0.44
C ASP A 51 2.98 14.61 0.59
N HIS A 52 2.17 13.75 -0.02
CA HIS A 52 0.72 13.87 0.06
C HIS A 52 0.24 13.77 1.50
N SER A 53 0.67 12.72 2.19
CA SER A 53 0.27 12.50 3.58
C SER A 53 1.38 11.77 4.35
N PRO A 54 1.52 12.10 5.64
CA PRO A 54 2.53 11.50 6.51
C PRO A 54 2.22 10.04 6.82
N ALA A 55 3.11 9.38 7.56
CA ALA A 55 2.93 7.99 7.92
C ALA A 55 1.50 7.72 8.39
N ALA A 56 0.82 6.80 7.72
CA ALA A 56 -0.54 6.46 8.07
C ALA A 56 -0.96 5.14 7.43
N GLU A 57 -1.82 4.39 8.11
CA GLU A 57 -2.29 3.11 7.62
C GLU A 57 -3.65 3.26 6.95
N GLY A 58 -3.71 2.94 5.65
CA GLY A 58 -4.96 3.05 4.91
C GLY A 58 -5.20 1.87 4.00
N TRP A 59 -6.42 1.74 3.51
CA TRP A 59 -6.78 0.63 2.62
C TRP A 59 -6.80 1.10 1.17
N VAL A 60 -6.45 0.20 0.26
CA VAL A 60 -6.43 0.50 -1.16
C VAL A 60 -6.78 -0.72 -2.00
N PRO A 61 -7.37 -0.48 -3.18
CA PRO A 61 -7.77 -1.55 -4.11
C PRO A 61 -6.58 -2.25 -4.73
N GLY A 62 -6.34 -3.50 -4.34
CA GLY A 62 -5.23 -4.25 -4.88
C GLY A 62 -5.11 -4.12 -6.39
N SER A 63 -6.22 -3.78 -7.03
CA SER A 63 -6.24 -3.62 -8.48
C SER A 63 -5.13 -2.69 -8.95
N ILE A 64 -4.95 -1.59 -8.23
CA ILE A 64 -3.93 -0.60 -8.56
C ILE A 64 -2.60 -0.95 -7.90
N LEU A 65 -2.47 -2.20 -7.47
CA LEU A 65 -1.25 -2.66 -6.82
C LEU A 65 -0.54 -3.71 -7.67
N ALA A 66 0.79 -3.66 -7.67
CA ALA A 66 1.58 -4.61 -8.44
C ALA A 66 2.74 -5.15 -7.61
N PRO A 67 3.17 -6.38 -7.91
CA PRO A 67 4.27 -7.04 -7.21
C PRO A 67 5.62 -6.39 -7.51
N PHE A 68 6.06 -5.50 -6.63
CA PHE A 68 7.33 -4.81 -6.80
C PHE A 68 8.50 -5.79 -6.71
N SER A 69 9.64 -5.39 -7.26
CA SER A 69 10.82 -6.24 -7.25
C SER A 69 12.03 -5.48 -6.69
N GLY A 70 12.65 -6.05 -5.65
CA GLY A 70 13.80 -5.41 -5.04
C GLY A 70 14.87 -6.41 -4.64
N PRO A 71 16.14 -6.00 -4.75
CA PRO A 71 17.28 -6.86 -4.41
C PRO A 71 17.39 -7.10 -2.91
N SER A 72 16.68 -6.29 -2.13
CA SER A 72 16.69 -6.42 -0.68
C SER A 72 16.78 -7.88 -0.26
N SER A 73 15.79 -8.66 -0.66
CA SER A 73 15.76 -10.09 -0.32
C SER A 73 16.70 -10.88 -1.22
N GLY A 74 17.21 -11.99 -0.70
CA GLY A 74 18.12 -12.82 -1.48
C GLY A 74 17.43 -14.06 -2.03
N GLY A 1 6.61 -22.66 16.68
CA GLY A 1 7.24 -21.38 16.39
C GLY A 1 6.57 -20.66 15.24
N SER A 2 6.86 -19.37 15.10
CA SER A 2 6.28 -18.55 14.04
C SER A 2 6.94 -17.19 13.97
N SER A 3 7.41 -16.82 12.78
CA SER A 3 8.07 -15.54 12.57
C SER A 3 7.05 -14.45 12.24
N GLY A 4 6.42 -13.89 13.27
CA GLY A 4 5.44 -12.84 13.07
C GLY A 4 4.61 -13.07 11.81
N SER A 5 4.62 -12.09 10.92
CA SER A 5 3.86 -12.18 9.67
C SER A 5 4.68 -11.65 8.50
N SER A 6 4.43 -12.19 7.32
CA SER A 6 5.13 -11.77 6.12
C SER A 6 4.40 -10.63 5.42
N GLY A 7 5.14 -9.58 5.09
CA GLY A 7 4.54 -8.44 4.42
C GLY A 7 4.82 -8.42 2.92
N SER A 8 3.82 -8.06 2.14
CA SER A 8 3.96 -8.02 0.69
C SER A 8 4.01 -6.57 0.20
N THR A 9 5.17 -6.17 -0.30
CA THR A 9 5.36 -4.82 -0.81
C THR A 9 4.80 -4.67 -2.22
N MET A 10 3.96 -3.67 -2.42
CA MET A 10 3.35 -3.42 -3.73
C MET A 10 3.48 -1.95 -4.11
N THR A 11 3.71 -1.70 -5.40
CA THR A 11 3.85 -0.33 -5.90
C THR A 11 2.61 0.10 -6.67
N VAL A 12 2.10 1.27 -6.35
CA VAL A 12 0.92 1.81 -7.02
C VAL A 12 1.17 2.00 -8.50
N ILE A 13 0.15 1.72 -9.31
CA ILE A 13 0.26 1.86 -10.76
C ILE A 13 -0.64 2.99 -11.27
N LYS A 14 -1.76 3.19 -10.58
CA LYS A 14 -2.71 4.23 -10.96
C LYS A 14 -3.22 4.97 -9.73
N ASP A 15 -3.33 6.29 -9.83
CA ASP A 15 -3.82 7.11 -8.74
C ASP A 15 -5.10 6.54 -8.16
N TYR A 16 -5.38 6.87 -6.90
CA TYR A 16 -6.58 6.39 -6.22
C TYR A 16 -6.97 7.30 -5.07
N TYR A 17 -8.21 7.77 -5.11
CA TYR A 17 -8.72 8.67 -4.06
C TYR A 17 -9.50 7.89 -3.01
N ALA A 18 -9.01 7.93 -1.78
CA ALA A 18 -9.67 7.23 -0.68
C ALA A 18 -11.14 7.62 -0.58
N LEU A 19 -12.02 6.66 -0.85
CA LEU A 19 -13.46 6.91 -0.79
C LEU A 19 -13.95 6.90 0.65
N LYS A 20 -13.30 6.10 1.49
CA LYS A 20 -13.67 6.01 2.90
C LYS A 20 -12.68 6.77 3.77
N GLU A 21 -13.02 6.94 5.05
CA GLU A 21 -12.17 7.65 5.99
C GLU A 21 -10.91 6.85 6.29
N ASN A 22 -11.07 5.53 6.41
CA ASN A 22 -9.94 4.65 6.70
C ASN A 22 -8.98 4.60 5.52
N GLU A 23 -9.53 4.61 4.30
CA GLU A 23 -8.71 4.57 3.09
C GLU A 23 -7.87 5.84 2.96
N ILE A 24 -6.78 5.75 2.21
CA ILE A 24 -5.90 6.88 1.99
C ILE A 24 -5.63 7.11 0.50
N CYS A 25 -5.26 8.34 0.16
CA CYS A 25 -4.97 8.68 -1.23
C CYS A 25 -3.58 8.23 -1.62
N VAL A 26 -3.47 7.61 -2.80
CA VAL A 26 -2.19 7.14 -3.30
C VAL A 26 -1.96 7.57 -4.74
N SER A 27 -0.69 7.63 -5.14
CA SER A 27 -0.34 8.03 -6.51
C SER A 27 0.57 7.01 -7.16
N GLN A 28 0.33 6.73 -8.43
CA GLN A 28 1.13 5.76 -9.17
C GLN A 28 2.61 6.00 -8.94
N GLY A 29 3.33 4.95 -8.53
CA GLY A 29 4.75 5.07 -8.28
C GLY A 29 5.11 4.80 -6.83
N GLU A 30 4.26 5.24 -5.92
CA GLU A 30 4.50 5.04 -4.49
C GLU A 30 4.75 3.56 -4.18
N VAL A 31 5.18 3.29 -2.95
CA VAL A 31 5.45 1.92 -2.54
C VAL A 31 5.00 1.69 -1.10
N VAL A 32 3.93 0.91 -0.95
CA VAL A 32 3.40 0.60 0.38
C VAL A 32 3.61 -0.86 0.73
N GLN A 33 3.08 -1.27 1.88
CA GLN A 33 3.21 -2.66 2.34
C GLN A 33 1.86 -3.21 2.78
N VAL A 34 1.39 -4.23 2.06
CA VAL A 34 0.10 -4.85 2.38
C VAL A 34 0.10 -5.40 3.80
N LEU A 35 -1.07 -5.33 4.45
CA LEU A 35 -1.20 -5.82 5.81
C LEU A 35 -2.27 -6.91 5.89
N ALA A 36 -3.36 -6.72 5.15
CA ALA A 36 -4.45 -7.68 5.13
C ALA A 36 -5.52 -7.29 4.12
N VAL A 37 -6.55 -8.12 3.99
CA VAL A 37 -7.64 -7.85 3.05
C VAL A 37 -8.99 -8.04 3.71
N ASN A 38 -9.91 -7.12 3.43
CA ASN A 38 -11.25 -7.19 4.00
C ASN A 38 -12.26 -7.68 2.95
N GLN A 39 -13.53 -7.76 3.35
CA GLN A 39 -14.58 -8.21 2.46
C GLN A 39 -14.87 -7.16 1.39
N GLN A 40 -14.37 -5.95 1.60
CA GLN A 40 -14.57 -4.86 0.64
C GLN A 40 -13.64 -5.01 -0.55
N ASN A 41 -12.94 -6.13 -0.62
CA ASN A 41 -12.00 -6.39 -1.71
C ASN A 41 -10.88 -5.36 -1.73
N MET A 42 -10.36 -5.04 -0.55
CA MET A 42 -9.28 -4.06 -0.43
C MET A 42 -8.09 -4.66 0.30
N CYS A 43 -6.94 -3.99 0.21
CA CYS A 43 -5.73 -4.45 0.87
C CYS A 43 -5.17 -3.37 1.79
N LEU A 44 -5.21 -3.63 3.10
CA LEU A 44 -4.71 -2.67 4.08
C LEU A 44 -3.21 -2.43 3.89
N VAL A 45 -2.87 -1.32 3.25
CA VAL A 45 -1.48 -0.98 3.01
C VAL A 45 -1.01 0.13 3.95
N TYR A 46 0.23 0.04 4.39
CA TYR A 46 0.80 1.02 5.30
C TYR A 46 1.58 2.09 4.53
N GLN A 47 1.04 3.30 4.49
CA GLN A 47 1.69 4.40 3.79
C GLN A 47 2.60 5.19 4.73
N PRO A 48 3.92 5.03 4.55
CA PRO A 48 4.91 5.73 5.37
C PRO A 48 4.96 7.22 5.10
N ALA A 49 5.57 7.97 6.01
CA ALA A 49 5.68 9.42 5.87
C ALA A 49 6.08 9.80 4.45
N SER A 50 5.34 10.73 3.85
CA SER A 50 5.62 11.17 2.49
C SER A 50 5.06 12.58 2.26
N ASP A 51 5.60 13.26 1.26
CA ASP A 51 5.15 14.61 0.92
C ASP A 51 3.65 14.65 0.72
N HIS A 52 3.14 13.67 -0.03
CA HIS A 52 1.70 13.60 -0.31
C HIS A 52 0.91 13.39 0.99
N SER A 53 1.33 12.41 1.77
CA SER A 53 0.65 12.10 3.03
C SER A 53 1.65 11.53 4.04
N PRO A 54 1.44 11.89 5.32
CA PRO A 54 2.30 11.42 6.42
C PRO A 54 2.12 9.93 6.70
N ALA A 55 2.85 9.43 7.69
CA ALA A 55 2.78 8.02 8.06
C ALA A 55 1.38 7.65 8.55
N ALA A 56 0.72 6.76 7.84
CA ALA A 56 -0.62 6.32 8.19
C ALA A 56 -1.01 5.04 7.46
N GLU A 57 -1.87 4.25 8.08
CA GLU A 57 -2.32 2.99 7.49
C GLU A 57 -3.65 3.17 6.78
N GLY A 58 -3.65 2.97 5.46
CA GLY A 58 -4.86 3.11 4.69
C GLY A 58 -5.09 1.95 3.74
N TRP A 59 -6.35 1.67 3.43
CA TRP A 59 -6.70 0.59 2.54
C TRP A 59 -6.66 1.03 1.09
N VAL A 60 -6.39 0.09 0.18
CA VAL A 60 -6.32 0.39 -1.24
C VAL A 60 -6.68 -0.83 -2.08
N PRO A 61 -7.29 -0.59 -3.25
CA PRO A 61 -7.70 -1.66 -4.17
C PRO A 61 -6.51 -2.34 -4.82
N GLY A 62 -6.35 -3.63 -4.56
CA GLY A 62 -5.24 -4.38 -5.13
C GLY A 62 -5.12 -4.16 -6.63
N SER A 63 -6.21 -3.72 -7.24
CA SER A 63 -6.23 -3.48 -8.69
C SER A 63 -5.10 -2.53 -9.09
N ILE A 64 -4.92 -1.46 -8.30
CA ILE A 64 -3.88 -0.48 -8.58
C ILE A 64 -2.57 -0.86 -7.92
N LEU A 65 -2.48 -2.12 -7.48
CA LEU A 65 -1.27 -2.61 -6.82
C LEU A 65 -0.59 -3.68 -7.67
N ALA A 66 0.73 -3.64 -7.71
CA ALA A 66 1.51 -4.60 -8.49
C ALA A 66 2.68 -5.15 -7.68
N PRO A 67 3.13 -6.36 -8.02
CA PRO A 67 4.25 -7.02 -7.34
C PRO A 67 5.58 -6.34 -7.63
N PHE A 68 5.99 -5.45 -6.73
CA PHE A 68 7.24 -4.73 -6.89
C PHE A 68 8.42 -5.70 -6.96
N SER A 69 9.21 -5.59 -8.03
CA SER A 69 10.37 -6.46 -8.22
C SER A 69 11.64 -5.79 -7.70
N GLY A 70 11.82 -5.82 -6.38
CA GLY A 70 13.00 -5.21 -5.79
C GLY A 70 12.95 -5.21 -4.27
N PRO A 71 13.34 -6.34 -3.66
CA PRO A 71 13.35 -6.49 -2.21
C PRO A 71 14.43 -5.64 -1.53
N SER A 72 14.06 -5.00 -0.42
CA SER A 72 14.99 -4.16 0.31
C SER A 72 14.66 -4.14 1.80
N SER A 73 15.63 -3.74 2.61
CA SER A 73 15.44 -3.68 4.06
C SER A 73 15.61 -2.26 4.57
N GLY A 74 16.70 -1.62 4.17
CA GLY A 74 16.97 -0.26 4.60
C GLY A 74 17.92 0.46 3.67
N GLY A 1 14.43 -9.39 16.92
CA GLY A 1 13.89 -10.74 16.87
C GLY A 1 13.15 -11.01 15.57
N SER A 2 13.37 -12.20 15.02
CA SER A 2 12.71 -12.59 13.77
C SER A 2 11.26 -12.15 13.76
N SER A 3 10.55 -12.42 14.85
CA SER A 3 9.14 -12.06 14.96
C SER A 3 8.91 -10.64 14.45
N GLY A 4 8.37 -10.53 13.24
CA GLY A 4 8.10 -9.23 12.66
C GLY A 4 6.88 -9.23 11.77
N SER A 5 7.05 -8.84 10.51
CA SER A 5 5.96 -8.80 9.56
C SER A 5 6.42 -9.21 8.16
N SER A 6 5.62 -10.06 7.51
CA SER A 6 5.95 -10.53 6.17
C SER A 6 5.03 -9.90 5.13
N GLY A 7 4.77 -8.61 5.28
CA GLY A 7 3.91 -7.92 4.34
C GLY A 7 4.55 -7.76 2.98
N SER A 8 3.76 -7.96 1.93
CA SER A 8 4.25 -7.85 0.57
C SER A 8 4.25 -6.40 0.10
N THR A 9 5.41 -5.91 -0.32
CA THR A 9 5.53 -4.53 -0.79
C THR A 9 5.03 -4.39 -2.23
N MET A 10 4.05 -3.53 -2.42
CA MET A 10 3.49 -3.30 -3.75
C MET A 10 3.62 -1.83 -4.15
N THR A 11 3.86 -1.60 -5.44
CA THR A 11 4.01 -0.24 -5.96
C THR A 11 2.77 0.20 -6.72
N VAL A 12 2.23 1.35 -6.36
CA VAL A 12 1.04 1.88 -7.02
C VAL A 12 1.27 2.07 -8.51
N ILE A 13 0.28 1.72 -9.31
CA ILE A 13 0.38 1.84 -10.75
C ILE A 13 -0.56 2.93 -11.28
N LYS A 14 -1.67 3.12 -10.58
CA LYS A 14 -2.66 4.13 -10.98
C LYS A 14 -3.11 4.94 -9.77
N ASP A 15 -3.37 6.23 -9.99
CA ASP A 15 -3.80 7.11 -8.92
C ASP A 15 -5.10 6.60 -8.29
N TYR A 16 -5.32 6.97 -7.04
CA TYR A 16 -6.52 6.55 -6.33
C TYR A 16 -6.90 7.57 -5.26
N TYR A 17 -8.21 7.74 -5.06
CA TYR A 17 -8.72 8.70 -4.08
C TYR A 17 -9.34 7.97 -2.89
N ALA A 18 -9.03 8.44 -1.69
CA ALA A 18 -9.57 7.83 -0.47
C ALA A 18 -11.01 8.27 -0.23
N LEU A 19 -11.95 7.37 -0.51
CA LEU A 19 -13.37 7.65 -0.33
C LEU A 19 -13.78 7.47 1.13
N LYS A 20 -13.29 6.40 1.74
CA LYS A 20 -13.60 6.11 3.14
C LYS A 20 -12.61 6.80 4.07
N GLU A 21 -12.91 6.78 5.37
CA GLU A 21 -12.04 7.40 6.36
C GLU A 21 -10.79 6.56 6.60
N ASN A 22 -10.90 5.25 6.35
CA ASN A 22 -9.78 4.34 6.53
C ASN A 22 -8.87 4.34 5.31
N GLU A 23 -9.44 4.62 4.14
CA GLU A 23 -8.67 4.66 2.90
C GLU A 23 -7.82 5.93 2.83
N ILE A 24 -6.67 5.82 2.17
CA ILE A 24 -5.76 6.95 2.03
C ILE A 24 -5.55 7.30 0.56
N CYS A 25 -5.03 8.50 0.32
CA CYS A 25 -4.77 8.96 -1.04
C CYS A 25 -3.38 8.52 -1.52
N VAL A 26 -3.33 7.97 -2.72
CA VAL A 26 -2.07 7.49 -3.29
C VAL A 26 -1.99 7.81 -4.77
N SER A 27 -0.77 7.82 -5.31
CA SER A 27 -0.56 8.11 -6.73
C SER A 27 0.40 7.10 -7.35
N GLN A 28 0.25 6.88 -8.65
CA GLN A 28 1.11 5.94 -9.36
C GLN A 28 2.58 6.16 -9.01
N GLY A 29 3.25 5.09 -8.60
CA GLY A 29 4.65 5.19 -8.24
C GLY A 29 4.89 4.93 -6.77
N GLU A 30 3.97 5.39 -5.93
CA GLU A 30 4.08 5.20 -4.49
C GLU A 30 4.34 3.73 -4.14
N VAL A 31 4.99 3.51 -3.01
CA VAL A 31 5.30 2.15 -2.57
C VAL A 31 4.80 1.91 -1.14
N VAL A 32 3.91 0.94 -0.99
CA VAL A 32 3.36 0.61 0.30
C VAL A 32 3.54 -0.87 0.63
N GLN A 33 3.01 -1.30 1.77
CA GLN A 33 3.12 -2.69 2.19
C GLN A 33 1.75 -3.24 2.61
N VAL A 34 1.31 -4.29 1.94
CA VAL A 34 0.03 -4.91 2.24
C VAL A 34 0.06 -5.57 3.62
N LEU A 35 -1.08 -5.50 4.32
CA LEU A 35 -1.18 -6.08 5.66
C LEU A 35 -2.29 -7.14 5.69
N ALA A 36 -3.40 -6.84 5.02
CA ALA A 36 -4.53 -7.76 4.98
C ALA A 36 -5.56 -7.32 3.95
N VAL A 37 -6.67 -8.05 3.86
CA VAL A 37 -7.73 -7.73 2.92
C VAL A 37 -9.09 -7.77 3.60
N ASN A 38 -9.98 -6.86 3.19
CA ASN A 38 -11.32 -6.79 3.76
C ASN A 38 -12.35 -7.37 2.79
N GLN A 39 -13.60 -7.44 3.22
CA GLN A 39 -14.68 -7.96 2.40
C GLN A 39 -14.95 -7.04 1.22
N GLN A 40 -14.33 -5.86 1.23
CA GLN A 40 -14.52 -4.89 0.15
C GLN A 40 -13.44 -5.05 -0.91
N ASN A 41 -12.86 -6.24 -0.97
CA ASN A 41 -11.81 -6.53 -1.95
C ASN A 41 -10.67 -5.51 -1.85
N MET A 42 -10.51 -4.93 -0.67
CA MET A 42 -9.47 -3.94 -0.44
C MET A 42 -8.23 -4.58 0.16
N CYS A 43 -7.16 -3.80 0.29
CA CYS A 43 -5.91 -4.29 0.85
C CYS A 43 -5.30 -3.28 1.81
N LEU A 44 -5.29 -3.61 3.09
CA LEU A 44 -4.73 -2.72 4.11
C LEU A 44 -3.24 -2.50 3.88
N VAL A 45 -2.90 -1.38 3.24
CA VAL A 45 -1.52 -1.05 2.96
C VAL A 45 -1.02 0.06 3.90
N TYR A 46 0.25 -0.04 4.29
CA TYR A 46 0.85 0.94 5.18
C TYR A 46 1.62 1.99 4.40
N GLN A 47 1.13 3.22 4.40
CA GLN A 47 1.78 4.31 3.68
C GLN A 47 2.72 5.08 4.61
N PRO A 48 4.04 4.91 4.40
CA PRO A 48 5.06 5.59 5.21
C PRO A 48 5.11 7.09 4.94
N ALA A 49 5.70 7.83 5.86
CA ALA A 49 5.83 9.27 5.72
C ALA A 49 6.01 9.67 4.26
N SER A 50 5.17 10.59 3.79
CA SER A 50 5.24 11.05 2.41
C SER A 50 4.82 12.52 2.31
N ASP A 51 5.04 13.11 1.15
CA ASP A 51 4.69 14.50 0.91
C ASP A 51 3.19 14.72 1.08
N HIS A 52 2.40 13.81 0.51
CA HIS A 52 0.94 13.90 0.60
C HIS A 52 0.48 13.75 2.05
N SER A 53 0.99 12.73 2.73
CA SER A 53 0.61 12.48 4.12
C SER A 53 1.72 11.70 4.84
N PRO A 54 1.86 11.97 6.14
CA PRO A 54 2.87 11.30 6.96
C PRO A 54 2.55 9.82 7.21
N ALA A 55 3.43 9.14 7.93
CA ALA A 55 3.23 7.72 8.22
C ALA A 55 1.79 7.45 8.64
N ALA A 56 1.09 6.64 7.85
CA ALA A 56 -0.29 6.29 8.15
C ALA A 56 -0.74 5.06 7.36
N GLU A 57 -1.63 4.28 7.94
CA GLU A 57 -2.14 3.08 7.28
C GLU A 57 -3.45 3.36 6.57
N GLY A 58 -3.62 2.77 5.39
CA GLY A 58 -4.83 2.97 4.62
C GLY A 58 -5.17 1.77 3.77
N TRP A 59 -6.45 1.66 3.38
CA TRP A 59 -6.91 0.55 2.56
C TRP A 59 -7.00 0.96 1.10
N VAL A 60 -6.49 0.11 0.21
CA VAL A 60 -6.52 0.38 -1.22
C VAL A 60 -6.81 -0.88 -2.01
N PRO A 61 -7.45 -0.70 -3.18
CA PRO A 61 -7.81 -1.83 -4.06
C PRO A 61 -6.58 -2.47 -4.70
N GLY A 62 -6.37 -3.75 -4.41
CA GLY A 62 -5.23 -4.46 -4.96
C GLY A 62 -5.09 -4.24 -6.45
N SER A 63 -6.17 -3.85 -7.10
CA SER A 63 -6.16 -3.61 -8.54
C SER A 63 -5.07 -2.61 -8.91
N ILE A 64 -4.96 -1.54 -8.13
CA ILE A 64 -3.95 -0.51 -8.38
C ILE A 64 -2.65 -0.83 -7.66
N LEU A 65 -2.43 -2.11 -7.39
CA LEU A 65 -1.22 -2.55 -6.70
C LEU A 65 -0.54 -3.69 -7.46
N ALA A 66 0.78 -3.64 -7.52
CA ALA A 66 1.55 -4.68 -8.21
C ALA A 66 2.72 -5.15 -7.36
N PRO A 67 3.18 -6.39 -7.61
CA PRO A 67 4.29 -6.99 -6.88
C PRO A 67 5.63 -6.32 -7.21
N PHE A 68 6.09 -5.45 -6.33
CA PHE A 68 7.36 -4.75 -6.53
C PHE A 68 8.53 -5.70 -6.37
N SER A 69 9.70 -5.28 -6.85
CA SER A 69 10.91 -6.09 -6.76
C SER A 69 12.15 -5.24 -7.00
N GLY A 70 12.93 -5.03 -5.95
CA GLY A 70 14.13 -4.24 -6.06
C GLY A 70 15.13 -4.52 -4.96
N PRO A 71 16.21 -3.73 -4.90
CA PRO A 71 17.25 -3.88 -3.88
C PRO A 71 16.76 -3.48 -2.48
N SER A 72 17.66 -3.56 -1.51
CA SER A 72 17.32 -3.22 -0.14
C SER A 72 17.39 -1.72 0.09
N SER A 73 16.51 -1.21 0.94
CA SER A 73 16.46 0.22 1.24
C SER A 73 17.86 0.76 1.53
N GLY A 74 18.59 0.05 2.39
CA GLY A 74 19.93 0.48 2.74
C GLY A 74 19.97 1.87 3.33
N GLY A 1 9.44 1.16 15.95
CA GLY A 1 10.28 1.39 14.79
C GLY A 1 9.61 0.99 13.49
N SER A 2 9.94 1.70 12.42
CA SER A 2 9.36 1.42 11.11
C SER A 2 9.95 0.16 10.50
N SER A 3 11.27 0.03 10.59
CA SER A 3 11.98 -1.13 10.05
C SER A 3 11.49 -2.41 10.71
N GLY A 4 11.96 -3.54 10.21
CA GLY A 4 11.57 -4.83 10.75
C GLY A 4 10.08 -5.08 10.63
N SER A 5 9.62 -5.29 9.40
CA SER A 5 8.21 -5.55 9.15
C SER A 5 8.03 -6.65 8.10
N SER A 6 7.32 -7.71 8.49
CA SER A 6 7.08 -8.83 7.59
C SER A 6 5.78 -8.64 6.82
N GLY A 7 5.89 -8.37 5.52
CA GLY A 7 4.72 -8.17 4.70
C GLY A 7 5.06 -7.96 3.24
N SER A 8 4.10 -8.22 2.36
CA SER A 8 4.30 -8.06 0.93
C SER A 8 4.29 -6.59 0.53
N THR A 9 5.24 -6.20 -0.32
CA THR A 9 5.34 -4.82 -0.79
C THR A 9 4.78 -4.67 -2.20
N MET A 10 4.04 -3.59 -2.42
CA MET A 10 3.45 -3.32 -3.73
C MET A 10 3.64 -1.86 -4.12
N THR A 11 3.83 -1.62 -5.42
CA THR A 11 4.01 -0.26 -5.92
C THR A 11 2.77 0.22 -6.67
N VAL A 12 2.29 1.41 -6.30
CA VAL A 12 1.11 1.97 -6.94
C VAL A 12 1.33 2.14 -8.44
N ILE A 13 0.58 1.38 -9.23
CA ILE A 13 0.68 1.45 -10.68
C ILE A 13 -0.10 2.62 -11.25
N LYS A 14 -1.07 3.11 -10.47
CA LYS A 14 -1.90 4.23 -10.88
C LYS A 14 -2.45 4.97 -9.68
N ASP A 15 -2.52 6.29 -9.77
CA ASP A 15 -3.03 7.12 -8.70
C ASP A 15 -4.42 6.66 -8.26
N TYR A 16 -4.84 7.08 -7.06
CA TYR A 16 -6.14 6.70 -6.53
C TYR A 16 -6.58 7.66 -5.44
N TYR A 17 -7.88 7.91 -5.36
CA TYR A 17 -8.44 8.81 -4.37
C TYR A 17 -9.19 8.04 -3.29
N ALA A 18 -8.94 8.38 -2.03
CA ALA A 18 -9.60 7.73 -0.91
C ALA A 18 -11.08 8.12 -0.83
N LEU A 19 -11.96 7.18 -1.15
CA LEU A 19 -13.39 7.44 -1.12
C LEU A 19 -13.94 7.24 0.29
N LYS A 20 -13.35 6.31 1.03
CA LYS A 20 -13.78 6.03 2.39
C LYS A 20 -12.95 6.81 3.39
N GLU A 21 -13.28 6.67 4.67
CA GLU A 21 -12.56 7.37 5.73
C GLU A 21 -11.24 6.67 6.04
N ASN A 22 -11.27 5.34 6.09
CA ASN A 22 -10.08 4.56 6.38
C ASN A 22 -9.10 4.60 5.20
N GLU A 23 -9.63 4.43 3.99
CA GLU A 23 -8.82 4.45 2.79
C GLU A 23 -7.93 5.69 2.75
N ILE A 24 -6.85 5.62 1.97
CA ILE A 24 -5.93 6.75 1.85
C ILE A 24 -5.57 7.00 0.39
N CYS A 25 -5.24 8.25 0.08
CA CYS A 25 -4.87 8.62 -1.28
C CYS A 25 -3.44 8.20 -1.60
N VAL A 26 -3.21 7.84 -2.86
CA VAL A 26 -1.89 7.41 -3.30
C VAL A 26 -1.57 7.94 -4.69
N SER A 27 -0.29 7.89 -5.06
CA SER A 27 0.14 8.37 -6.37
C SER A 27 1.05 7.34 -7.04
N GLN A 28 0.79 7.09 -8.32
CA GLN A 28 1.59 6.13 -9.08
C GLN A 28 3.08 6.27 -8.75
N GLY A 29 3.70 5.16 -8.38
CA GLY A 29 5.11 5.18 -8.05
C GLY A 29 5.37 4.83 -6.59
N GLU A 30 4.57 5.41 -5.70
CA GLU A 30 4.73 5.15 -4.27
C GLU A 30 4.84 3.66 -3.99
N VAL A 31 5.34 3.31 -2.81
CA VAL A 31 5.51 1.92 -2.42
C VAL A 31 5.01 1.68 -1.00
N VAL A 32 3.87 1.00 -0.88
CA VAL A 32 3.29 0.70 0.42
C VAL A 32 3.51 -0.75 0.80
N GLN A 33 3.10 -1.11 2.02
CA GLN A 33 3.25 -2.48 2.50
C GLN A 33 1.90 -3.08 2.87
N VAL A 34 1.58 -4.21 2.26
CA VAL A 34 0.32 -4.89 2.52
C VAL A 34 0.30 -5.50 3.91
N LEU A 35 -0.86 -5.46 4.56
CA LEU A 35 -1.01 -6.01 5.90
C LEU A 35 -2.08 -7.08 5.93
N ALA A 36 -3.16 -6.87 5.19
CA ALA A 36 -4.26 -7.82 5.12
C ALA A 36 -5.29 -7.39 4.09
N VAL A 37 -6.35 -8.19 3.95
CA VAL A 37 -7.42 -7.90 3.00
C VAL A 37 -8.78 -8.01 3.65
N ASN A 38 -9.71 -7.16 3.24
CA ASN A 38 -11.06 -7.17 3.78
C ASN A 38 -12.04 -7.83 2.81
N GLN A 39 -13.30 -7.94 3.23
CA GLN A 39 -14.32 -8.55 2.40
C GLN A 39 -14.79 -7.59 1.31
N GLN A 40 -14.24 -6.39 1.32
CA GLN A 40 -14.60 -5.37 0.33
C GLN A 40 -13.58 -5.35 -0.82
N ASN A 41 -12.83 -6.42 -0.95
CA ASN A 41 -11.83 -6.53 -2.01
C ASN A 41 -10.75 -5.46 -1.85
N MET A 42 -10.47 -5.08 -0.60
CA MET A 42 -9.47 -4.07 -0.31
C MET A 42 -8.25 -4.70 0.37
N CYS A 43 -7.06 -4.25 -0.04
CA CYS A 43 -5.82 -4.77 0.53
C CYS A 43 -5.19 -3.74 1.46
N LEU A 44 -5.36 -3.95 2.75
CA LEU A 44 -4.80 -3.03 3.75
C LEU A 44 -3.32 -2.77 3.48
N VAL A 45 -2.95 -1.49 3.42
CA VAL A 45 -1.57 -1.11 3.17
C VAL A 45 -1.15 0.05 4.05
N TYR A 46 0.12 0.08 4.43
CA TYR A 46 0.65 1.14 5.28
C TYR A 46 1.46 2.14 4.47
N GLN A 47 1.00 3.38 4.44
CA GLN A 47 1.68 4.44 3.70
C GLN A 47 2.62 5.21 4.61
N PRO A 48 3.94 5.01 4.40
CA PRO A 48 4.98 5.69 5.20
C PRO A 48 5.06 7.18 4.89
N ALA A 49 5.78 7.92 5.73
CA ALA A 49 5.94 9.36 5.54
C ALA A 49 6.11 9.69 4.07
N SER A 50 5.25 10.58 3.56
CA SER A 50 5.32 10.99 2.16
C SER A 50 4.82 12.42 1.99
N ASP A 51 5.49 13.17 1.13
CA ASP A 51 5.12 14.56 0.88
C ASP A 51 3.61 14.73 0.86
N HIS A 52 2.93 13.85 0.12
CA HIS A 52 1.48 13.90 0.03
C HIS A 52 0.83 13.73 1.40
N SER A 53 1.30 12.74 2.14
CA SER A 53 0.77 12.46 3.47
C SER A 53 1.82 11.77 4.35
N PRO A 54 1.80 12.08 5.65
CA PRO A 54 2.74 11.51 6.62
C PRO A 54 2.48 10.02 6.86
N ALA A 55 3.25 9.44 7.78
CA ALA A 55 3.10 8.03 8.11
C ALA A 55 1.68 7.71 8.57
N ALA A 56 0.97 6.92 7.77
CA ALA A 56 -0.40 6.55 8.09
C ALA A 56 -0.81 5.27 7.36
N GLU A 57 -1.69 4.49 7.98
CA GLU A 57 -2.16 3.24 7.38
C GLU A 57 -3.48 3.46 6.66
N GLY A 58 -3.63 2.84 5.49
CA GLY A 58 -4.85 2.97 4.72
C GLY A 58 -5.04 1.83 3.73
N TRP A 59 -6.30 1.54 3.41
CA TRP A 59 -6.61 0.46 2.47
C TRP A 59 -6.61 0.97 1.04
N VAL A 60 -6.47 0.05 0.09
CA VAL A 60 -6.46 0.41 -1.32
C VAL A 60 -6.84 -0.77 -2.20
N PRO A 61 -7.44 -0.48 -3.36
CA PRO A 61 -7.87 -1.52 -4.32
C PRO A 61 -6.70 -2.22 -4.98
N GLY A 62 -6.46 -3.48 -4.62
CA GLY A 62 -5.37 -4.24 -5.19
C GLY A 62 -5.24 -4.02 -6.68
N SER A 63 -6.33 -3.60 -7.32
CA SER A 63 -6.33 -3.35 -8.75
C SER A 63 -5.21 -2.40 -9.15
N ILE A 64 -5.01 -1.36 -8.34
CA ILE A 64 -3.97 -0.37 -8.60
C ILE A 64 -2.68 -0.74 -7.89
N LEU A 65 -2.55 -2.01 -7.54
CA LEU A 65 -1.35 -2.49 -6.86
C LEU A 65 -0.69 -3.62 -7.65
N ALA A 66 0.64 -3.67 -7.59
CA ALA A 66 1.39 -4.70 -8.29
C ALA A 66 2.47 -5.30 -7.39
N PRO A 67 2.82 -6.58 -7.64
CA PRO A 67 3.83 -7.28 -6.87
C PRO A 67 5.24 -6.76 -7.13
N PHE A 68 5.70 -5.86 -6.25
CA PHE A 68 7.02 -5.28 -6.38
C PHE A 68 8.10 -6.31 -6.11
N SER A 69 8.83 -6.71 -7.15
CA SER A 69 9.89 -7.69 -7.02
C SER A 69 11.24 -7.09 -7.36
N GLY A 70 11.84 -6.40 -6.39
CA GLY A 70 13.13 -5.78 -6.61
C GLY A 70 14.28 -6.69 -6.22
N PRO A 71 14.70 -6.60 -4.95
CA PRO A 71 15.80 -7.41 -4.43
C PRO A 71 15.44 -8.89 -4.32
N SER A 72 15.87 -9.68 -5.29
CA SER A 72 15.58 -11.11 -5.31
C SER A 72 16.47 -11.83 -6.32
N SER A 73 17.10 -12.91 -5.88
CA SER A 73 17.98 -13.70 -6.73
C SER A 73 17.49 -15.14 -6.86
N GLY A 74 17.23 -15.56 -8.09
CA GLY A 74 16.76 -16.90 -8.32
C GLY A 74 16.21 -17.09 -9.72
N GLY A 1 -0.04 -22.54 14.38
CA GLY A 1 -1.07 -21.52 14.24
C GLY A 1 -1.07 -20.88 12.87
N SER A 2 -1.53 -19.63 12.81
CA SER A 2 -1.58 -18.91 11.54
C SER A 2 -0.18 -18.52 11.07
N SER A 3 -0.04 -18.34 9.76
CA SER A 3 1.25 -17.97 9.19
C SER A 3 1.43 -16.46 9.18
N GLY A 4 2.27 -15.96 10.10
CA GLY A 4 2.51 -14.54 10.18
C GLY A 4 3.76 -14.12 9.44
N SER A 5 3.60 -13.70 8.19
CA SER A 5 4.73 -13.27 7.37
C SER A 5 5.08 -11.82 7.66
N SER A 6 6.18 -11.36 7.06
CA SER A 6 6.64 -9.99 7.25
C SER A 6 5.70 -9.00 6.55
N GLY A 7 5.49 -9.21 5.26
CA GLY A 7 4.61 -8.33 4.50
C GLY A 7 4.99 -8.28 3.04
N SER A 8 4.02 -7.90 2.20
CA SER A 8 4.24 -7.82 0.76
C SER A 8 4.28 -6.36 0.30
N THR A 9 5.36 -5.99 -0.38
CA THR A 9 5.54 -4.63 -0.87
C THR A 9 5.01 -4.50 -2.30
N MET A 10 4.10 -3.55 -2.51
CA MET A 10 3.54 -3.32 -3.83
C MET A 10 3.67 -1.85 -4.23
N THR A 11 3.89 -1.62 -5.52
CA THR A 11 4.04 -0.26 -6.04
C THR A 11 2.80 0.18 -6.79
N VAL A 12 2.27 1.34 -6.41
CA VAL A 12 1.08 1.89 -7.05
C VAL A 12 1.28 2.03 -8.56
N ILE A 13 0.28 1.62 -9.33
CA ILE A 13 0.34 1.71 -10.78
C ILE A 13 -0.62 2.76 -11.32
N LYS A 14 -1.69 3.01 -10.57
CA LYS A 14 -2.69 4.00 -10.97
C LYS A 14 -3.19 4.77 -9.76
N ASP A 15 -3.39 6.08 -9.95
CA ASP A 15 -3.87 6.93 -8.86
C ASP A 15 -5.18 6.39 -8.28
N TYR A 16 -5.48 6.79 -7.06
CA TYR A 16 -6.69 6.35 -6.38
C TYR A 16 -7.14 7.36 -5.33
N TYR A 17 -8.41 7.72 -5.38
CA TYR A 17 -8.97 8.69 -4.43
C TYR A 17 -9.54 7.97 -3.21
N ALA A 18 -9.16 8.44 -2.02
CA ALA A 18 -9.64 7.87 -0.77
C ALA A 18 -11.10 8.21 -0.53
N LEU A 19 -12.00 7.53 -1.22
CA LEU A 19 -13.43 7.77 -1.07
C LEU A 19 -13.89 7.47 0.34
N LYS A 20 -13.27 6.47 0.96
CA LYS A 20 -13.62 6.09 2.33
C LYS A 20 -12.67 6.74 3.34
N GLU A 21 -13.23 7.22 4.45
CA GLU A 21 -12.43 7.86 5.48
C GLU A 21 -11.22 7.01 5.84
N ASN A 22 -11.46 5.73 6.09
CA ASN A 22 -10.38 4.81 6.45
C ASN A 22 -9.33 4.75 5.34
N GLU A 23 -9.79 4.64 4.10
CA GLU A 23 -8.89 4.58 2.96
C GLU A 23 -8.02 5.83 2.87
N ILE A 24 -6.97 5.76 2.06
CA ILE A 24 -6.06 6.89 1.90
C ILE A 24 -5.76 7.14 0.43
N CYS A 25 -5.44 8.39 0.10
CA CYS A 25 -5.13 8.76 -1.28
C CYS A 25 -3.71 8.35 -1.65
N VAL A 26 -3.55 7.86 -2.88
CA VAL A 26 -2.24 7.43 -3.36
C VAL A 26 -2.01 7.85 -4.81
N SER A 27 -0.75 7.93 -5.21
CA SER A 27 -0.40 8.33 -6.57
C SER A 27 0.51 7.29 -7.22
N GLN A 28 0.24 6.99 -8.49
CA GLN A 28 1.02 6.01 -9.23
C GLN A 28 2.52 6.23 -9.00
N GLY A 29 3.23 5.16 -8.66
CA GLY A 29 4.65 5.26 -8.43
C GLY A 29 5.02 5.00 -6.97
N GLU A 30 4.19 5.48 -6.06
CA GLU A 30 4.43 5.30 -4.64
C GLU A 30 4.60 3.82 -4.30
N VAL A 31 5.00 3.54 -3.06
CA VAL A 31 5.20 2.18 -2.61
C VAL A 31 4.67 1.98 -1.20
N VAL A 32 3.89 0.91 -1.01
CA VAL A 32 3.31 0.61 0.29
C VAL A 32 3.54 -0.85 0.67
N GLN A 33 2.98 -1.26 1.81
CA GLN A 33 3.12 -2.63 2.28
C GLN A 33 1.78 -3.22 2.69
N VAL A 34 1.36 -4.26 1.98
CA VAL A 34 0.09 -4.91 2.28
C VAL A 34 0.11 -5.57 3.64
N LEU A 35 -1.01 -5.51 4.36
CA LEU A 35 -1.12 -6.10 5.68
C LEU A 35 -2.20 -7.18 5.71
N ALA A 36 -3.31 -6.92 5.02
CA ALA A 36 -4.42 -7.87 4.97
C ALA A 36 -5.47 -7.42 3.95
N VAL A 37 -6.56 -8.17 3.87
CA VAL A 37 -7.64 -7.86 2.95
C VAL A 37 -8.98 -7.83 3.66
N ASN A 38 -9.90 -7.01 3.16
CA ASN A 38 -11.23 -6.88 3.76
C ASN A 38 -12.30 -7.42 2.80
N GLN A 39 -13.55 -7.35 3.23
CA GLN A 39 -14.67 -7.83 2.42
C GLN A 39 -14.98 -6.85 1.29
N GLN A 40 -14.36 -5.68 1.35
CA GLN A 40 -14.57 -4.66 0.34
C GLN A 40 -13.54 -4.76 -0.78
N ASN A 41 -12.99 -5.95 -0.95
CA ASN A 41 -11.99 -6.20 -1.99
C ASN A 41 -10.85 -5.19 -1.87
N MET A 42 -10.54 -4.79 -0.64
CA MET A 42 -9.46 -3.84 -0.39
C MET A 42 -8.29 -4.51 0.30
N CYS A 43 -7.16 -3.82 0.36
CA CYS A 43 -5.96 -4.36 0.99
C CYS A 43 -5.34 -3.33 1.94
N LEU A 44 -5.33 -3.66 3.23
CA LEU A 44 -4.77 -2.78 4.24
C LEU A 44 -3.27 -2.57 4.02
N VAL A 45 -2.93 -1.48 3.37
CA VAL A 45 -1.52 -1.16 3.09
C VAL A 45 -1.03 -0.02 3.97
N TYR A 46 0.20 -0.14 4.45
CA TYR A 46 0.79 0.90 5.30
C TYR A 46 1.58 1.90 4.48
N GLN A 47 1.09 3.13 4.41
CA GLN A 47 1.77 4.18 3.66
C GLN A 47 2.72 4.97 4.55
N PRO A 48 4.03 4.80 4.32
CA PRO A 48 5.07 5.48 5.10
C PRO A 48 5.11 6.98 4.80
N ALA A 49 5.82 7.72 5.65
CA ALA A 49 5.95 9.16 5.46
C ALA A 49 6.39 9.51 4.04
N SER A 50 5.46 10.06 3.27
CA SER A 50 5.75 10.43 1.89
C SER A 50 5.39 11.90 1.64
N ASP A 51 5.96 12.47 0.58
CA ASP A 51 5.71 13.86 0.22
C ASP A 51 4.21 14.14 0.17
N HIS A 52 3.46 13.21 -0.40
CA HIS A 52 2.01 13.36 -0.51
C HIS A 52 1.35 13.30 0.86
N SER A 53 1.54 12.18 1.56
CA SER A 53 0.95 12.00 2.88
C SER A 53 1.96 11.35 3.83
N PRO A 54 1.91 11.76 5.11
CA PRO A 54 2.81 11.24 6.14
C PRO A 54 2.50 9.79 6.49
N ALA A 55 3.25 9.24 7.44
CA ALA A 55 3.07 7.86 7.87
C ALA A 55 1.63 7.62 8.32
N ALA A 56 0.95 6.71 7.63
CA ALA A 56 -0.43 6.39 7.96
C ALA A 56 -0.86 5.07 7.30
N GLU A 57 -1.80 4.37 7.93
CA GLU A 57 -2.29 3.12 7.40
C GLU A 57 -3.66 3.30 6.74
N GLY A 58 -3.72 2.99 5.44
CA GLY A 58 -4.96 3.13 4.71
C GLY A 58 -5.22 1.95 3.78
N TRP A 59 -6.48 1.74 3.44
CA TRP A 59 -6.86 0.64 2.55
C TRP A 59 -6.81 1.08 1.09
N VAL A 60 -6.55 0.13 0.20
CA VAL A 60 -6.48 0.43 -1.23
C VAL A 60 -6.81 -0.81 -2.06
N PRO A 61 -7.40 -0.59 -3.23
CA PRO A 61 -7.76 -1.68 -4.15
C PRO A 61 -6.56 -2.35 -4.78
N GLY A 62 -6.32 -3.60 -4.41
CA GLY A 62 -5.19 -4.34 -4.95
C GLY A 62 -5.04 -4.16 -6.45
N SER A 63 -6.13 -3.77 -7.10
CA SER A 63 -6.11 -3.56 -8.55
C SER A 63 -5.03 -2.57 -8.95
N ILE A 64 -4.88 -1.51 -8.16
CA ILE A 64 -3.87 -0.49 -8.43
C ILE A 64 -2.56 -0.82 -7.74
N LEU A 65 -2.38 -2.10 -7.40
CA LEU A 65 -1.17 -2.55 -6.74
C LEU A 65 -0.50 -3.68 -7.52
N ALA A 66 0.82 -3.66 -7.58
CA ALA A 66 1.57 -4.69 -8.29
C ALA A 66 2.71 -5.23 -7.44
N PRO A 67 3.14 -6.47 -7.74
CA PRO A 67 4.22 -7.13 -7.00
C PRO A 67 5.58 -6.49 -7.29
N PHE A 68 6.02 -5.63 -6.39
CA PHE A 68 7.30 -4.95 -6.55
C PHE A 68 8.46 -5.92 -6.29
N SER A 69 9.14 -6.32 -7.36
CA SER A 69 10.27 -7.24 -7.25
C SER A 69 11.58 -6.48 -7.23
N GLY A 70 12.12 -6.26 -6.03
CA GLY A 70 13.38 -5.56 -5.89
C GLY A 70 14.37 -6.29 -5.01
N PRO A 71 15.66 -6.03 -5.23
CA PRO A 71 16.74 -6.67 -4.46
C PRO A 71 16.78 -6.17 -3.02
N SER A 72 16.17 -5.02 -2.77
CA SER A 72 16.14 -4.44 -1.43
C SER A 72 16.00 -5.53 -0.37
N SER A 73 16.68 -5.34 0.76
CA SER A 73 16.63 -6.30 1.85
C SER A 73 16.13 -5.64 3.14
N GLY A 74 16.82 -4.58 3.56
CA GLY A 74 16.45 -3.88 4.77
C GLY A 74 15.77 -2.55 4.47
N GLY A 1 15.91 -17.64 13.04
CA GLY A 1 15.36 -16.81 14.09
C GLY A 1 15.14 -15.38 13.64
N SER A 2 13.89 -15.01 13.43
CA SER A 2 13.55 -13.65 13.01
C SER A 2 14.09 -13.38 11.61
N SER A 3 13.99 -14.38 10.74
CA SER A 3 14.48 -14.25 9.36
C SER A 3 13.35 -14.52 8.37
N GLY A 4 12.75 -13.45 7.87
CA GLY A 4 11.65 -13.59 6.91
C GLY A 4 10.94 -12.28 6.66
N SER A 5 9.68 -12.36 6.26
CA SER A 5 8.87 -11.18 5.97
C SER A 5 7.48 -11.30 6.57
N SER A 6 6.70 -10.24 6.46
CA SER A 6 5.34 -10.24 6.99
C SER A 6 4.33 -9.83 5.91
N GLY A 7 4.68 -8.80 5.14
CA GLY A 7 3.80 -8.33 4.08
C GLY A 7 4.52 -8.19 2.76
N SER A 8 3.75 -8.06 1.68
CA SER A 8 4.32 -7.92 0.34
C SER A 8 4.27 -6.47 -0.11
N THR A 9 5.44 -5.91 -0.42
CA THR A 9 5.52 -4.53 -0.87
C THR A 9 5.04 -4.38 -2.31
N MET A 10 4.07 -3.50 -2.51
CA MET A 10 3.52 -3.27 -3.85
C MET A 10 3.68 -1.81 -4.26
N THR A 11 3.95 -1.59 -5.54
CA THR A 11 4.13 -0.23 -6.05
C THR A 11 2.89 0.22 -6.82
N VAL A 12 2.40 1.41 -6.47
CA VAL A 12 1.22 1.97 -7.12
C VAL A 12 1.44 2.15 -8.63
N ILE A 13 0.51 1.64 -9.42
CA ILE A 13 0.61 1.74 -10.87
C ILE A 13 -0.22 2.91 -11.40
N LYS A 14 -1.27 3.26 -10.66
CA LYS A 14 -2.14 4.36 -11.06
C LYS A 14 -2.65 5.12 -9.83
N ASP A 15 -3.03 6.37 -10.03
CA ASP A 15 -3.53 7.20 -8.95
C ASP A 15 -4.77 6.58 -8.31
N TYR A 16 -5.13 7.07 -7.12
CA TYR A 16 -6.29 6.55 -6.41
C TYR A 16 -6.69 7.49 -5.28
N TYR A 17 -7.96 7.87 -5.25
CA TYR A 17 -8.49 8.76 -4.23
C TYR A 17 -9.32 8.00 -3.20
N ALA A 18 -8.76 7.83 -2.01
CA ALA A 18 -9.44 7.12 -0.94
C ALA A 18 -10.95 7.41 -0.97
N LEU A 19 -11.75 6.35 -0.88
CA LEU A 19 -13.20 6.49 -0.90
C LEU A 19 -13.74 6.69 0.51
N LYS A 20 -13.13 6.01 1.47
CA LYS A 20 -13.54 6.12 2.87
C LYS A 20 -12.51 6.88 3.70
N GLU A 21 -12.79 7.02 4.99
CA GLU A 21 -11.87 7.72 5.88
C GLU A 21 -10.58 6.93 6.08
N ASN A 22 -10.73 5.68 6.53
CA ASN A 22 -9.58 4.82 6.76
C ASN A 22 -8.67 4.77 5.54
N GLU A 23 -9.29 4.60 4.37
CA GLU A 23 -8.54 4.53 3.11
C GLU A 23 -7.74 5.81 2.89
N ILE A 24 -6.63 5.68 2.17
CA ILE A 24 -5.77 6.83 1.88
C ILE A 24 -5.56 7.00 0.38
N CYS A 25 -5.26 8.22 -0.04
CA CYS A 25 -5.02 8.50 -1.45
C CYS A 25 -3.56 8.28 -1.83
N VAL A 26 -3.34 7.47 -2.85
CA VAL A 26 -1.99 7.17 -3.30
C VAL A 26 -1.78 7.61 -4.75
N SER A 27 -0.53 7.92 -5.09
CA SER A 27 -0.20 8.36 -6.45
C SER A 27 0.70 7.35 -7.14
N GLN A 28 0.50 7.17 -8.44
CA GLN A 28 1.30 6.23 -9.22
C GLN A 28 2.78 6.39 -8.90
N GLY A 29 3.39 5.32 -8.39
CA GLY A 29 4.80 5.36 -8.04
C GLY A 29 5.04 5.04 -6.58
N GLU A 30 4.23 5.63 -5.70
CA GLU A 30 4.38 5.40 -4.27
C GLU A 30 4.53 3.92 -3.96
N VAL A 31 4.88 3.61 -2.71
CA VAL A 31 5.06 2.23 -2.29
C VAL A 31 4.51 2.01 -0.88
N VAL A 32 3.87 0.87 -0.68
CA VAL A 32 3.30 0.54 0.64
C VAL A 32 3.46 -0.94 0.94
N GLN A 33 3.03 -1.35 2.13
CA GLN A 33 3.13 -2.74 2.55
C GLN A 33 1.75 -3.30 2.91
N VAL A 34 1.42 -4.45 2.33
CA VAL A 34 0.13 -5.09 2.59
C VAL A 34 0.07 -5.65 4.00
N LEU A 35 -1.10 -5.55 4.62
CA LEU A 35 -1.29 -6.05 5.98
C LEU A 35 -2.39 -7.10 6.02
N ALA A 36 -3.45 -6.87 5.26
CA ALA A 36 -4.58 -7.80 5.21
C ALA A 36 -5.60 -7.35 4.16
N VAL A 37 -6.69 -8.11 4.05
CA VAL A 37 -7.74 -7.80 3.10
C VAL A 37 -9.11 -7.78 3.77
N ASN A 38 -9.91 -6.78 3.42
CA ASN A 38 -11.25 -6.64 4.00
C ASN A 38 -12.30 -7.26 3.08
N GLN A 39 -13.54 -7.30 3.55
CA GLN A 39 -14.63 -7.87 2.77
C GLN A 39 -15.00 -6.95 1.62
N GLN A 40 -14.41 -5.75 1.60
CA GLN A 40 -14.68 -4.79 0.55
C GLN A 40 -13.77 -5.01 -0.65
N ASN A 41 -13.02 -6.10 -0.61
CA ASN A 41 -12.10 -6.45 -1.70
C ASN A 41 -10.92 -5.49 -1.72
N MET A 42 -10.59 -4.93 -0.56
CA MET A 42 -9.47 -3.99 -0.44
C MET A 42 -8.26 -4.67 0.17
N CYS A 43 -7.15 -3.95 0.25
CA CYS A 43 -5.92 -4.48 0.81
C CYS A 43 -5.27 -3.48 1.77
N LEU A 44 -5.47 -3.68 3.06
CA LEU A 44 -4.90 -2.80 4.08
C LEU A 44 -3.40 -2.61 3.87
N VAL A 45 -3.03 -1.44 3.37
CA VAL A 45 -1.62 -1.13 3.12
C VAL A 45 -1.15 0.02 4.01
N TYR A 46 0.09 -0.09 4.48
CA TYR A 46 0.67 0.94 5.35
C TYR A 46 1.50 1.93 4.53
N GLN A 47 1.14 3.20 4.62
CA GLN A 47 1.87 4.25 3.90
C GLN A 47 2.84 4.97 4.82
N PRO A 48 4.15 4.72 4.62
CA PRO A 48 5.21 5.33 5.41
C PRO A 48 5.36 6.82 5.13
N ALA A 49 6.12 7.50 5.97
CA ALA A 49 6.35 8.94 5.80
C ALA A 49 6.98 9.25 4.45
N SER A 50 6.17 9.80 3.55
CA SER A 50 6.65 10.13 2.21
C SER A 50 7.37 11.49 2.20
N ASP A 51 7.94 11.85 1.06
CA ASP A 51 8.66 13.11 0.93
C ASP A 51 7.80 14.28 1.43
N HIS A 52 6.63 14.44 0.83
CA HIS A 52 5.72 15.52 1.21
C HIS A 52 4.44 14.96 1.82
N SER A 53 4.59 14.08 2.79
CA SER A 53 3.44 13.45 3.46
C SER A 53 3.89 12.59 4.63
N PRO A 54 3.08 12.60 5.71
CA PRO A 54 3.37 11.84 6.92
C PRO A 54 3.22 10.33 6.70
N ALA A 55 3.37 9.57 7.77
CA ALA A 55 3.25 8.12 7.70
C ALA A 55 1.94 7.64 8.32
N ALA A 56 1.09 7.00 7.50
CA ALA A 56 -0.19 6.50 7.98
C ALA A 56 -0.60 5.24 7.23
N GLU A 57 -1.55 4.50 7.78
CA GLU A 57 -2.02 3.27 7.16
C GLU A 57 -3.39 3.48 6.51
N GLY A 58 -3.52 3.03 5.27
CA GLY A 58 -4.77 3.18 4.55
C GLY A 58 -5.05 2.01 3.63
N TRP A 59 -6.33 1.64 3.52
CA TRP A 59 -6.73 0.53 2.67
C TRP A 59 -6.73 0.94 1.20
N VAL A 60 -6.33 0.02 0.33
CA VAL A 60 -6.29 0.29 -1.10
C VAL A 60 -6.67 -0.95 -1.90
N PRO A 61 -7.25 -0.72 -3.10
CA PRO A 61 -7.67 -1.81 -3.99
C PRO A 61 -6.48 -2.57 -4.58
N GLY A 62 -6.60 -3.89 -4.65
CA GLY A 62 -5.54 -4.71 -5.20
C GLY A 62 -5.45 -4.60 -6.71
N SER A 63 -6.24 -3.70 -7.29
CA SER A 63 -6.25 -3.52 -8.73
C SER A 63 -5.14 -2.58 -9.17
N ILE A 64 -4.97 -1.49 -8.43
CA ILE A 64 -3.93 -0.50 -8.73
C ILE A 64 -2.61 -0.87 -8.06
N LEU A 65 -2.49 -2.12 -7.65
CA LEU A 65 -1.28 -2.60 -7.00
C LEU A 65 -0.56 -3.62 -7.86
N ALA A 66 0.78 -3.59 -7.82
CA ALA A 66 1.58 -4.52 -8.60
C ALA A 66 2.74 -5.06 -7.77
N PRO A 67 3.23 -6.26 -8.15
CA PRO A 67 4.35 -6.91 -7.45
C PRO A 67 5.67 -6.19 -7.67
N PHE A 68 6.04 -5.35 -6.72
CA PHE A 68 7.30 -4.59 -6.81
C PHE A 68 8.50 -5.54 -6.85
N SER A 69 9.14 -5.62 -8.01
CA SER A 69 10.31 -6.48 -8.17
C SER A 69 11.50 -5.69 -8.70
N GLY A 70 12.20 -5.01 -7.79
CA GLY A 70 13.36 -4.22 -8.17
C GLY A 70 13.08 -3.35 -9.39
N PRO A 71 14.16 -2.81 -9.98
CA PRO A 71 14.04 -1.94 -11.16
C PRO A 71 13.61 -2.70 -12.41
N SER A 72 12.82 -2.04 -13.25
CA SER A 72 12.33 -2.65 -14.48
C SER A 72 12.76 -1.85 -15.70
N SER A 73 13.05 -2.55 -16.78
CA SER A 73 13.48 -1.90 -18.02
C SER A 73 12.43 -0.93 -18.52
N GLY A 74 12.65 0.36 -18.26
CA GLY A 74 11.71 1.38 -18.69
C GLY A 74 10.44 1.39 -17.85
N GLY A 1 18.62 -19.94 9.52
CA GLY A 1 17.74 -19.03 8.83
C GLY A 1 16.60 -18.53 9.71
N SER A 2 16.84 -17.41 10.39
CA SER A 2 15.84 -16.84 11.28
C SER A 2 14.79 -16.05 10.49
N SER A 3 13.62 -15.86 11.09
CA SER A 3 12.54 -15.12 10.44
C SER A 3 12.87 -13.63 10.36
N GLY A 4 12.25 -12.95 9.40
CA GLY A 4 12.49 -11.53 9.24
C GLY A 4 11.22 -10.70 9.37
N SER A 5 10.87 -9.97 8.32
CA SER A 5 9.68 -9.14 8.33
C SER A 5 8.65 -9.64 7.32
N SER A 6 7.42 -9.86 7.80
CA SER A 6 6.35 -10.35 6.93
C SER A 6 5.67 -9.19 6.21
N GLY A 7 4.86 -9.53 5.21
CA GLY A 7 4.17 -8.51 4.45
C GLY A 7 4.74 -8.30 3.07
N SER A 8 3.88 -8.30 2.06
CA SER A 8 4.31 -8.13 0.68
C SER A 8 4.27 -6.66 0.27
N THR A 9 5.31 -6.20 -0.42
CA THR A 9 5.39 -4.81 -0.85
C THR A 9 4.82 -4.65 -2.26
N MET A 10 4.00 -3.63 -2.45
CA MET A 10 3.39 -3.36 -3.75
C MET A 10 3.52 -1.89 -4.12
N THR A 11 3.67 -1.63 -5.41
CA THR A 11 3.81 -0.25 -5.90
C THR A 11 2.57 0.17 -6.68
N VAL A 12 2.04 1.35 -6.34
CA VAL A 12 0.86 1.87 -7.01
C VAL A 12 1.12 2.09 -8.50
N ILE A 13 0.42 1.32 -9.33
CA ILE A 13 0.58 1.43 -10.78
C ILE A 13 -0.30 2.54 -11.34
N LYS A 14 -1.29 2.96 -10.56
CA LYS A 14 -2.19 4.03 -10.99
C LYS A 14 -2.76 4.76 -9.78
N ASP A 15 -3.12 6.03 -9.99
CA ASP A 15 -3.68 6.84 -8.92
C ASP A 15 -4.96 6.23 -8.37
N TYR A 16 -5.45 6.77 -7.25
CA TYR A 16 -6.66 6.27 -6.63
C TYR A 16 -7.16 7.22 -5.55
N TYR A 17 -8.41 7.63 -5.64
CA TYR A 17 -9.01 8.53 -4.67
C TYR A 17 -9.84 7.78 -3.64
N ALA A 18 -9.26 7.59 -2.45
CA ALA A 18 -9.94 6.88 -1.38
C ALA A 18 -11.42 7.25 -1.33
N LEU A 19 -12.28 6.26 -1.48
CA LEU A 19 -13.72 6.49 -1.44
C LEU A 19 -14.24 6.50 -0.01
N LYS A 20 -13.68 5.63 0.83
CA LYS A 20 -14.08 5.54 2.23
C LYS A 20 -13.24 6.47 3.09
N GLU A 21 -13.54 6.50 4.39
CA GLU A 21 -12.81 7.35 5.32
C GLU A 21 -11.50 6.70 5.74
N ASN A 22 -11.55 5.40 6.00
CA ASN A 22 -10.36 4.66 6.41
C ASN A 22 -9.33 4.63 5.29
N GLU A 23 -9.79 4.50 4.06
CA GLU A 23 -8.90 4.47 2.90
C GLU A 23 -8.09 5.75 2.80
N ILE A 24 -6.99 5.69 2.06
CA ILE A 24 -6.12 6.86 1.88
C ILE A 24 -5.83 7.10 0.40
N CYS A 25 -5.44 8.33 0.08
CA CYS A 25 -5.13 8.69 -1.30
C CYS A 25 -3.71 8.26 -1.67
N VAL A 26 -3.56 7.71 -2.87
CA VAL A 26 -2.26 7.26 -3.34
C VAL A 26 -1.95 7.82 -4.73
N SER A 27 -0.67 7.80 -5.09
CA SER A 27 -0.24 8.31 -6.39
C SER A 27 0.63 7.29 -7.12
N GLN A 28 0.34 7.10 -8.41
CA GLN A 28 1.09 6.15 -9.22
C GLN A 28 2.59 6.30 -8.98
N GLY A 29 3.19 5.28 -8.36
CA GLY A 29 4.61 5.32 -8.09
C GLY A 29 4.93 5.07 -6.62
N GLU A 30 3.98 5.39 -5.76
CA GLU A 30 4.16 5.20 -4.32
C GLU A 30 4.32 3.72 -3.98
N VAL A 31 5.01 3.44 -2.88
CA VAL A 31 5.23 2.07 -2.44
C VAL A 31 4.70 1.85 -1.03
N VAL A 32 3.79 0.89 -0.90
CA VAL A 32 3.21 0.57 0.40
C VAL A 32 3.44 -0.89 0.77
N GLN A 33 3.00 -1.27 1.97
CA GLN A 33 3.16 -2.64 2.44
C GLN A 33 1.81 -3.24 2.83
N VAL A 34 1.42 -4.31 2.13
CA VAL A 34 0.15 -4.98 2.41
C VAL A 34 0.14 -5.56 3.82
N LEU A 35 -1.03 -5.48 4.47
CA LEU A 35 -1.18 -6.00 5.82
C LEU A 35 -2.27 -7.06 5.87
N ALA A 36 -3.33 -6.85 5.11
CA ALA A 36 -4.44 -7.79 5.07
C ALA A 36 -5.46 -7.40 4.00
N VAL A 37 -6.52 -8.18 3.87
CA VAL A 37 -7.55 -7.92 2.89
C VAL A 37 -8.92 -7.76 3.55
N ASN A 38 -9.75 -6.88 2.99
CA ASN A 38 -11.08 -6.62 3.54
C ASN A 38 -12.15 -7.24 2.64
N GLN A 39 -13.33 -7.47 3.21
CA GLN A 39 -14.44 -8.05 2.47
C GLN A 39 -14.82 -7.18 1.29
N GLN A 40 -14.42 -5.91 1.34
CA GLN A 40 -14.71 -4.97 0.26
C GLN A 40 -13.68 -5.07 -0.85
N ASN A 41 -13.00 -6.21 -0.92
CA ASN A 41 -11.98 -6.43 -1.95
C ASN A 41 -10.87 -5.39 -1.84
N MET A 42 -10.56 -4.98 -0.61
CA MET A 42 -9.52 -3.99 -0.37
C MET A 42 -8.31 -4.64 0.30
N CYS A 43 -7.17 -3.95 0.25
CA CYS A 43 -5.94 -4.44 0.86
C CYS A 43 -5.33 -3.40 1.79
N LEU A 44 -5.40 -3.67 3.10
CA LEU A 44 -4.86 -2.76 4.09
C LEU A 44 -3.36 -2.56 3.89
N VAL A 45 -2.99 -1.41 3.35
CA VAL A 45 -1.58 -1.10 3.11
C VAL A 45 -1.11 0.05 4.01
N TYR A 46 0.13 -0.04 4.48
CA TYR A 46 0.70 0.98 5.34
C TYR A 46 1.52 1.98 4.53
N GLN A 47 1.08 3.23 4.54
CA GLN A 47 1.78 4.29 3.80
C GLN A 47 2.75 5.04 4.71
N PRO A 48 4.05 4.80 4.51
CA PRO A 48 5.10 5.45 5.30
C PRO A 48 5.22 6.94 5.00
N ALA A 49 5.70 7.69 5.98
CA ALA A 49 5.87 9.14 5.83
C ALA A 49 6.25 9.49 4.39
N SER A 50 5.63 10.55 3.87
CA SER A 50 5.90 10.99 2.50
C SER A 50 5.45 12.43 2.31
N ASP A 51 6.12 13.13 1.40
CA ASP A 51 5.79 14.52 1.11
C ASP A 51 4.28 14.71 1.00
N HIS A 52 3.62 13.80 0.29
CA HIS A 52 2.18 13.87 0.11
C HIS A 52 1.45 13.75 1.45
N SER A 53 1.85 12.76 2.25
CA SER A 53 1.23 12.55 3.55
C SER A 53 2.19 11.81 4.49
N PRO A 54 2.07 12.10 5.79
CA PRO A 54 2.92 11.47 6.81
C PRO A 54 2.60 10.00 7.01
N ALA A 55 3.34 9.35 7.91
CA ALA A 55 3.14 7.94 8.19
C ALA A 55 1.69 7.66 8.58
N ALA A 56 1.00 6.86 7.76
CA ALA A 56 -0.38 6.52 8.03
C ALA A 56 -0.79 5.27 7.26
N GLU A 57 -1.61 4.43 7.89
CA GLU A 57 -2.06 3.19 7.27
C GLU A 57 -3.43 3.37 6.64
N GLY A 58 -3.57 2.97 5.38
CA GLY A 58 -4.83 3.11 4.68
C GLY A 58 -5.12 1.93 3.77
N TRP A 59 -6.39 1.73 3.44
CA TRP A 59 -6.78 0.63 2.56
C TRP A 59 -6.78 1.07 1.10
N VAL A 60 -6.33 0.17 0.23
CA VAL A 60 -6.27 0.47 -1.20
C VAL A 60 -6.64 -0.75 -2.03
N PRO A 61 -7.21 -0.51 -3.22
CA PRO A 61 -7.61 -1.60 -4.13
C PRO A 61 -6.42 -2.32 -4.73
N GLY A 62 -6.31 -3.62 -4.46
CA GLY A 62 -5.21 -4.40 -4.99
C GLY A 62 -5.09 -4.30 -6.49
N SER A 63 -6.14 -3.77 -7.13
CA SER A 63 -6.15 -3.61 -8.58
C SER A 63 -5.04 -2.68 -9.04
N ILE A 64 -4.88 -1.57 -8.31
CA ILE A 64 -3.85 -0.59 -8.64
C ILE A 64 -2.52 -0.95 -8.00
N LEU A 65 -2.43 -2.16 -7.46
CA LEU A 65 -1.21 -2.63 -6.82
C LEU A 65 -0.52 -3.69 -7.68
N ALA A 66 0.81 -3.65 -7.70
CA ALA A 66 1.59 -4.61 -8.48
C ALA A 66 2.77 -5.13 -7.67
N PRO A 67 3.26 -6.32 -8.05
CA PRO A 67 4.39 -6.96 -7.37
C PRO A 67 5.71 -6.23 -7.64
N PHE A 68 6.10 -5.38 -6.69
CA PHE A 68 7.34 -4.61 -6.82
C PHE A 68 8.53 -5.54 -6.98
N SER A 69 8.91 -5.81 -8.23
CA SER A 69 10.05 -6.67 -8.51
C SER A 69 11.27 -5.87 -8.89
N GLY A 70 11.99 -5.35 -7.89
CA GLY A 70 13.18 -4.56 -8.14
C GLY A 70 14.38 -5.08 -7.37
N PRO A 71 15.38 -4.20 -7.19
CA PRO A 71 16.61 -4.55 -6.47
C PRO A 71 16.37 -4.73 -4.98
N SER A 72 15.11 -4.60 -4.57
CA SER A 72 14.76 -4.76 -3.16
C SER A 72 15.63 -5.81 -2.48
N SER A 73 16.54 -5.35 -1.62
CA SER A 73 17.44 -6.26 -0.92
C SER A 73 16.65 -7.27 -0.09
N GLY A 74 17.33 -8.34 0.33
CA GLY A 74 16.68 -9.36 1.12
C GLY A 74 15.65 -10.15 0.32
N GLY A 1 9.17 -11.28 19.34
CA GLY A 1 9.78 -10.01 19.01
C GLY A 1 8.80 -9.02 18.42
N SER A 2 9.29 -7.83 18.09
CA SER A 2 8.45 -6.79 17.51
C SER A 2 8.04 -7.15 16.09
N SER A 3 9.00 -7.62 15.29
CA SER A 3 8.73 -8.00 13.92
C SER A 3 8.45 -9.50 13.81
N GLY A 4 7.29 -9.85 13.26
CA GLY A 4 6.93 -11.24 13.12
C GLY A 4 6.57 -11.61 11.69
N SER A 5 5.31 -11.40 11.33
CA SER A 5 4.83 -11.72 9.98
C SER A 5 5.57 -10.88 8.95
N SER A 6 5.42 -11.25 7.67
CA SER A 6 6.09 -10.55 6.59
C SER A 6 5.06 -10.06 5.56
N GLY A 7 5.04 -8.75 5.34
CA GLY A 7 4.12 -8.16 4.39
C GLY A 7 4.74 -7.95 3.02
N SER A 8 3.96 -8.18 1.97
CA SER A 8 4.45 -8.01 0.60
C SER A 8 4.38 -6.55 0.18
N THR A 9 5.45 -6.06 -0.44
CA THR A 9 5.51 -4.68 -0.89
C THR A 9 4.97 -4.55 -2.32
N MET A 10 4.07 -3.61 -2.51
CA MET A 10 3.47 -3.37 -3.82
C MET A 10 3.64 -1.92 -4.24
N THR A 11 3.81 -1.70 -5.54
CA THR A 11 3.97 -0.35 -6.07
C THR A 11 2.74 0.09 -6.86
N VAL A 12 2.19 1.24 -6.50
CA VAL A 12 1.01 1.77 -7.16
C VAL A 12 1.27 1.97 -8.66
N ILE A 13 0.26 1.68 -9.47
CA ILE A 13 0.38 1.83 -10.91
C ILE A 13 -0.55 2.92 -11.44
N LYS A 14 -1.59 3.22 -10.66
CA LYS A 14 -2.57 4.24 -11.04
C LYS A 14 -3.06 5.00 -9.81
N ASP A 15 -3.31 6.29 -9.99
CA ASP A 15 -3.81 7.13 -8.89
C ASP A 15 -5.09 6.55 -8.30
N TYR A 16 -5.36 6.91 -7.05
CA TYR A 16 -6.56 6.42 -6.37
C TYR A 16 -7.03 7.43 -5.32
N TYR A 17 -8.35 7.53 -5.16
CA TYR A 17 -8.93 8.46 -4.20
C TYR A 17 -9.58 7.71 -3.04
N ALA A 18 -9.17 8.05 -1.82
CA ALA A 18 -9.72 7.41 -0.63
C ALA A 18 -11.20 7.73 -0.46
N LEU A 19 -12.03 6.71 -0.64
CA LEU A 19 -13.48 6.87 -0.50
C LEU A 19 -13.89 6.94 0.96
N LYS A 20 -13.29 6.07 1.78
CA LYS A 20 -13.58 6.03 3.20
C LYS A 20 -12.46 6.67 4.01
N GLU A 21 -12.80 7.16 5.20
CA GLU A 21 -11.82 7.79 6.07
C GLU A 21 -10.60 6.90 6.25
N ASN A 22 -10.83 5.66 6.66
CA ASN A 22 -9.75 4.71 6.87
C ASN A 22 -8.81 4.67 5.68
N GLU A 23 -9.39 4.57 4.48
CA GLU A 23 -8.61 4.52 3.26
C GLU A 23 -7.74 5.77 3.12
N ILE A 24 -6.80 5.74 2.17
CA ILE A 24 -5.91 6.86 1.94
C ILE A 24 -5.66 7.07 0.45
N CYS A 25 -5.35 8.30 0.07
CA CYS A 25 -5.10 8.63 -1.33
C CYS A 25 -3.64 8.34 -1.70
N VAL A 26 -3.45 7.64 -2.81
CA VAL A 26 -2.11 7.28 -3.26
C VAL A 26 -1.88 7.76 -4.70
N SER A 27 -0.62 7.83 -5.09
CA SER A 27 -0.26 8.28 -6.43
C SER A 27 0.47 7.18 -7.19
N GLN A 28 0.26 7.13 -8.50
CA GLN A 28 0.90 6.13 -9.35
C GLN A 28 2.40 6.07 -9.08
N GLY A 29 2.90 4.89 -8.73
CA GLY A 29 4.31 4.73 -8.46
C GLY A 29 4.60 4.54 -6.99
N GLU A 30 3.87 5.24 -6.14
CA GLU A 30 4.05 5.15 -4.70
C GLU A 30 4.24 3.69 -4.27
N VAL A 31 4.86 3.50 -3.10
CA VAL A 31 5.10 2.16 -2.58
C VAL A 31 4.51 2.00 -1.20
N VAL A 32 3.88 0.85 -0.96
CA VAL A 32 3.25 0.56 0.33
C VAL A 32 3.44 -0.90 0.71
N GLN A 33 3.05 -1.24 1.94
CA GLN A 33 3.17 -2.61 2.43
C GLN A 33 1.81 -3.18 2.78
N VAL A 34 1.44 -4.28 2.13
CA VAL A 34 0.16 -4.93 2.39
C VAL A 34 0.12 -5.54 3.78
N LEU A 35 -1.04 -5.46 4.42
CA LEU A 35 -1.22 -6.01 5.75
C LEU A 35 -2.30 -7.09 5.76
N ALA A 36 -3.39 -6.85 5.03
CA ALA A 36 -4.48 -7.79 4.95
C ALA A 36 -5.53 -7.34 3.95
N VAL A 37 -6.56 -8.16 3.77
CA VAL A 37 -7.64 -7.84 2.83
C VAL A 37 -9.00 -7.91 3.51
N ASN A 38 -9.85 -6.91 3.25
CA ASN A 38 -11.17 -6.86 3.85
C ASN A 38 -12.21 -7.45 2.89
N GLN A 39 -13.45 -7.58 3.38
CA GLN A 39 -14.53 -8.11 2.56
C GLN A 39 -14.91 -7.15 1.45
N GLN A 40 -14.47 -5.90 1.58
CA GLN A 40 -14.76 -4.88 0.57
C GLN A 40 -13.84 -5.03 -0.64
N ASN A 41 -13.01 -6.07 -0.62
CA ASN A 41 -12.09 -6.32 -1.72
C ASN A 41 -10.94 -5.31 -1.71
N MET A 42 -10.52 -4.92 -0.51
CA MET A 42 -9.44 -3.95 -0.36
C MET A 42 -8.20 -4.62 0.23
N CYS A 43 -7.11 -3.86 0.31
CA CYS A 43 -5.86 -4.38 0.86
C CYS A 43 -5.26 -3.38 1.85
N LEU A 44 -5.38 -3.68 3.14
CA LEU A 44 -4.84 -2.81 4.18
C LEU A 44 -3.34 -2.59 3.99
N VAL A 45 -2.99 -1.46 3.39
CA VAL A 45 -1.59 -1.13 3.14
C VAL A 45 -1.13 0.01 4.04
N TYR A 46 0.12 -0.05 4.47
CA TYR A 46 0.69 0.98 5.33
C TYR A 46 1.52 1.97 4.52
N GLN A 47 1.07 3.22 4.48
CA GLN A 47 1.77 4.27 3.74
C GLN A 47 2.71 5.04 4.66
N PRO A 48 4.03 4.83 4.48
CA PRO A 48 5.06 5.49 5.28
C PRO A 48 5.14 6.98 4.98
N ALA A 49 5.79 7.72 5.88
CA ALA A 49 5.95 9.16 5.71
C ALA A 49 6.11 9.53 4.24
N SER A 50 5.07 10.12 3.67
CA SER A 50 5.08 10.52 2.26
C SER A 50 4.56 11.94 2.09
N ASP A 51 5.02 12.61 1.05
CA ASP A 51 4.60 13.97 0.77
C ASP A 51 3.09 14.13 0.98
N HIS A 52 2.32 13.37 0.21
CA HIS A 52 0.87 13.41 0.31
C HIS A 52 0.42 13.42 1.76
N SER A 53 0.99 12.52 2.56
CA SER A 53 0.64 12.42 3.98
C SER A 53 1.72 11.66 4.74
N PRO A 54 1.84 11.96 6.04
CA PRO A 54 2.82 11.31 6.91
C PRO A 54 2.48 9.85 7.18
N ALA A 55 3.36 9.17 7.93
CA ALA A 55 3.15 7.77 8.26
C ALA A 55 1.69 7.50 8.64
N ALA A 56 0.99 6.75 7.79
CA ALA A 56 -0.40 6.42 8.04
C ALA A 56 -0.82 5.18 7.27
N GLU A 57 -1.67 4.36 7.89
CA GLU A 57 -2.15 3.13 7.25
C GLU A 57 -3.51 3.35 6.61
N GLY A 58 -3.64 2.95 5.35
CA GLY A 58 -4.89 3.11 4.63
C GLY A 58 -5.17 1.96 3.69
N TRP A 59 -6.44 1.62 3.53
CA TRP A 59 -6.84 0.52 2.65
C TRP A 59 -6.84 0.97 1.20
N VAL A 60 -6.36 0.11 0.31
CA VAL A 60 -6.31 0.41 -1.11
C VAL A 60 -6.66 -0.81 -1.95
N PRO A 61 -7.27 -0.56 -3.12
CA PRO A 61 -7.68 -1.62 -4.04
C PRO A 61 -6.49 -2.32 -4.70
N GLY A 62 -6.36 -3.62 -4.45
CA GLY A 62 -5.26 -4.38 -5.02
C GLY A 62 -5.15 -4.19 -6.52
N SER A 63 -6.20 -3.66 -7.13
CA SER A 63 -6.22 -3.44 -8.57
C SER A 63 -5.09 -2.49 -8.99
N ILE A 64 -4.90 -1.44 -8.21
CA ILE A 64 -3.86 -0.47 -8.50
C ILE A 64 -2.55 -0.82 -7.78
N LEU A 65 -2.38 -2.11 -7.49
CA LEU A 65 -1.18 -2.58 -6.80
C LEU A 65 -0.49 -3.68 -7.60
N ALA A 66 0.84 -3.65 -7.60
CA ALA A 66 1.62 -4.65 -8.32
C ALA A 66 2.78 -5.16 -7.47
N PRO A 67 3.22 -6.39 -7.76
CA PRO A 67 4.32 -7.02 -7.03
C PRO A 67 5.67 -6.37 -7.33
N PHE A 68 6.12 -5.49 -6.44
CA PHE A 68 7.39 -4.79 -6.62
C PHE A 68 8.56 -5.75 -6.47
N SER A 69 9.58 -5.58 -7.29
CA SER A 69 10.76 -6.43 -7.26
C SER A 69 11.85 -5.80 -6.39
N GLY A 70 11.55 -4.66 -5.80
CA GLY A 70 12.51 -3.98 -4.95
C GLY A 70 13.51 -3.16 -5.74
N PRO A 71 14.32 -2.35 -5.03
CA PRO A 71 15.33 -1.50 -5.65
C PRO A 71 16.48 -2.30 -6.24
N SER A 72 17.30 -1.65 -7.07
CA SER A 72 18.43 -2.30 -7.70
C SER A 72 19.75 -1.78 -7.13
N SER A 73 19.80 -1.69 -5.80
CA SER A 73 21.00 -1.20 -5.12
C SER A 73 22.12 -2.24 -5.20
N GLY A 74 23.26 -1.83 -5.75
CA GLY A 74 24.39 -2.73 -5.86
C GLY A 74 25.14 -2.55 -7.18
N GLY A 1 9.48 -12.34 14.79
CA GLY A 1 8.62 -11.18 14.64
C GLY A 1 7.72 -11.29 13.42
N SER A 2 6.44 -11.56 13.66
CA SER A 2 5.47 -11.70 12.59
C SER A 2 5.32 -10.39 11.83
N SER A 3 5.19 -9.29 12.56
CA SER A 3 5.03 -7.97 11.96
C SER A 3 3.91 -7.99 10.92
N GLY A 4 2.81 -8.65 11.26
CA GLY A 4 1.68 -8.73 10.34
C GLY A 4 1.57 -10.07 9.66
N SER A 5 0.80 -10.13 8.58
CA SER A 5 0.62 -11.37 7.84
C SER A 5 0.80 -11.15 6.35
N SER A 6 1.61 -12.01 5.73
CA SER A 6 1.88 -11.90 4.30
C SER A 6 2.23 -10.47 3.91
N GLY A 7 3.13 -9.86 4.68
CA GLY A 7 3.53 -8.49 4.41
C GLY A 7 4.37 -8.38 3.14
N SER A 8 3.73 -7.94 2.06
CA SER A 8 4.43 -7.80 0.78
C SER A 8 4.41 -6.34 0.32
N THR A 9 5.51 -5.91 -0.29
CA THR A 9 5.63 -4.54 -0.78
C THR A 9 5.08 -4.41 -2.19
N MET A 10 4.10 -3.53 -2.37
CA MET A 10 3.50 -3.31 -3.68
C MET A 10 3.63 -1.86 -4.11
N THR A 11 3.85 -1.64 -5.40
CA THR A 11 4.00 -0.29 -5.94
C THR A 11 2.75 0.14 -6.69
N VAL A 12 2.20 1.28 -6.29
CA VAL A 12 0.99 1.80 -6.93
C VAL A 12 1.20 1.98 -8.43
N ILE A 13 0.37 1.31 -9.22
CA ILE A 13 0.47 1.39 -10.67
C ILE A 13 -0.40 2.52 -11.22
N LYS A 14 -1.41 2.90 -10.45
CA LYS A 14 -2.31 3.98 -10.85
C LYS A 14 -2.78 4.77 -9.64
N ASP A 15 -3.23 6.00 -9.88
CA ASP A 15 -3.70 6.87 -8.81
C ASP A 15 -5.00 6.35 -8.22
N TYR A 16 -5.36 6.84 -7.04
CA TYR A 16 -6.58 6.42 -6.37
C TYR A 16 -6.92 7.35 -5.22
N TYR A 17 -8.21 7.69 -5.09
CA TYR A 17 -8.66 8.58 -4.03
C TYR A 17 -9.31 7.79 -2.90
N ALA A 18 -9.08 8.22 -1.67
CA ALA A 18 -9.64 7.56 -0.51
C ALA A 18 -11.12 7.89 -0.34
N LEU A 19 -11.97 6.87 -0.45
CA LEU A 19 -13.41 7.06 -0.32
C LEU A 19 -13.85 6.94 1.14
N LYS A 20 -13.18 6.07 1.88
CA LYS A 20 -13.49 5.87 3.28
C LYS A 20 -12.44 6.52 4.18
N GLU A 21 -12.88 7.09 5.29
CA GLU A 21 -11.98 7.75 6.23
C GLU A 21 -10.67 6.97 6.35
N ASN A 22 -10.78 5.68 6.64
CA ASN A 22 -9.60 4.83 6.79
C ASN A 22 -8.75 4.87 5.52
N GLU A 23 -9.38 4.65 4.38
CA GLU A 23 -8.68 4.66 3.10
C GLU A 23 -7.80 5.91 2.97
N ILE A 24 -6.72 5.78 2.23
CA ILE A 24 -5.80 6.89 2.02
C ILE A 24 -5.55 7.13 0.54
N CYS A 25 -5.25 8.39 0.19
CA CYS A 25 -4.99 8.74 -1.20
C CYS A 25 -3.59 8.32 -1.62
N VAL A 26 -3.49 7.66 -2.78
CA VAL A 26 -2.20 7.20 -3.29
C VAL A 26 -1.89 7.84 -4.63
N SER A 27 -0.65 7.68 -5.08
CA SER A 27 -0.22 8.25 -6.36
C SER A 27 0.53 7.22 -7.18
N GLN A 28 0.27 7.21 -8.49
CA GLN A 28 0.92 6.26 -9.39
C GLN A 28 2.43 6.32 -9.24
N GLY A 29 3.01 5.25 -8.70
CA GLY A 29 4.45 5.19 -8.50
C GLY A 29 4.83 5.00 -7.05
N GLU A 30 3.92 5.35 -6.15
CA GLU A 30 4.17 5.23 -4.71
C GLU A 30 4.38 3.76 -4.33
N VAL A 31 5.00 3.53 -3.19
CA VAL A 31 5.26 2.19 -2.70
C VAL A 31 4.71 1.99 -1.29
N VAL A 32 3.95 0.91 -1.10
CA VAL A 32 3.38 0.62 0.21
C VAL A 32 3.59 -0.84 0.59
N GLN A 33 3.02 -1.26 1.70
CA GLN A 33 3.15 -2.63 2.18
C GLN A 33 1.79 -3.18 2.61
N VAL A 34 1.32 -4.20 1.89
CA VAL A 34 0.04 -4.82 2.20
C VAL A 34 0.05 -5.44 3.60
N LEU A 35 -1.10 -5.39 4.26
CA LEU A 35 -1.22 -5.95 5.61
C LEU A 35 -2.30 -7.03 5.65
N ALA A 36 -3.38 -6.81 4.91
CA ALA A 36 -4.47 -7.77 4.87
C ALA A 36 -5.54 -7.34 3.85
N VAL A 37 -6.57 -8.15 3.72
CA VAL A 37 -7.66 -7.86 2.78
C VAL A 37 -9.02 -8.12 3.41
N ASN A 38 -9.95 -7.19 3.20
CA ASN A 38 -11.29 -7.31 3.76
C ASN A 38 -12.27 -7.81 2.69
N GLN A 39 -13.53 -7.98 3.09
CA GLN A 39 -14.56 -8.44 2.17
C GLN A 39 -14.92 -7.36 1.16
N GLN A 40 -14.52 -6.13 1.46
CA GLN A 40 -14.79 -5.01 0.58
C GLN A 40 -13.89 -5.04 -0.65
N ASN A 41 -13.07 -6.08 -0.75
CA ASN A 41 -12.15 -6.24 -1.87
C ASN A 41 -11.05 -5.17 -1.82
N MET A 42 -10.52 -4.94 -0.62
CA MET A 42 -9.46 -3.95 -0.44
C MET A 42 -8.22 -4.60 0.16
N CYS A 43 -7.15 -3.82 0.30
CA CYS A 43 -5.91 -4.31 0.86
C CYS A 43 -5.28 -3.28 1.80
N LEU A 44 -5.30 -3.57 3.10
CA LEU A 44 -4.74 -2.67 4.09
C LEU A 44 -3.25 -2.45 3.85
N VAL A 45 -2.91 -1.32 3.24
CA VAL A 45 -1.53 -0.98 2.95
C VAL A 45 -1.02 0.13 3.86
N TYR A 46 0.22 -0.01 4.34
CA TYR A 46 0.81 0.98 5.22
C TYR A 46 1.61 2.01 4.42
N GLN A 47 1.13 3.25 4.42
CA GLN A 47 1.81 4.33 3.70
C GLN A 47 2.77 5.08 4.62
N PRO A 48 4.07 4.87 4.40
CA PRO A 48 5.13 5.51 5.18
C PRO A 48 5.22 7.01 4.92
N ALA A 49 5.81 7.74 5.85
CA ALA A 49 5.97 9.19 5.72
C ALA A 49 6.20 9.58 4.26
N SER A 50 5.28 10.34 3.70
CA SER A 50 5.39 10.77 2.32
C SER A 50 4.85 12.20 2.15
N ASP A 51 5.30 12.88 1.10
CA ASP A 51 4.87 14.24 0.84
C ASP A 51 3.35 14.35 0.92
N HIS A 52 2.66 13.56 0.12
CA HIS A 52 1.20 13.57 0.11
C HIS A 52 0.64 13.42 1.52
N SER A 53 1.10 12.39 2.23
CA SER A 53 0.64 12.13 3.59
C SER A 53 1.72 11.42 4.39
N PRO A 54 1.83 11.77 5.68
CA PRO A 54 2.81 11.18 6.59
C PRO A 54 2.50 9.72 6.92
N ALA A 55 3.37 9.09 7.69
CA ALA A 55 3.19 7.70 8.07
C ALA A 55 1.76 7.45 8.54
N ALA A 56 1.06 6.57 7.82
CA ALA A 56 -0.31 6.23 8.16
C ALA A 56 -0.76 4.95 7.46
N GLU A 57 -1.71 4.25 8.07
CA GLU A 57 -2.21 3.01 7.49
C GLU A 57 -3.53 3.24 6.77
N GLY A 58 -3.59 2.85 5.50
CA GLY A 58 -4.80 3.04 4.71
C GLY A 58 -5.07 1.86 3.79
N TRP A 59 -6.33 1.66 3.44
CA TRP A 59 -6.71 0.57 2.55
C TRP A 59 -6.72 1.02 1.10
N VAL A 60 -6.55 0.07 0.20
CA VAL A 60 -6.52 0.36 -1.23
C VAL A 60 -6.86 -0.88 -2.07
N PRO A 61 -7.47 -0.66 -3.23
CA PRO A 61 -7.85 -1.75 -4.14
C PRO A 61 -6.63 -2.42 -4.79
N GLY A 62 -6.39 -3.66 -4.42
CA GLY A 62 -5.26 -4.39 -4.97
C GLY A 62 -5.11 -4.19 -6.46
N SER A 63 -6.21 -3.80 -7.12
CA SER A 63 -6.20 -3.58 -8.55
C SER A 63 -5.10 -2.60 -8.95
N ILE A 64 -4.97 -1.52 -8.17
CA ILE A 64 -3.96 -0.51 -8.44
C ILE A 64 -2.65 -0.84 -7.71
N LEU A 65 -2.46 -2.11 -7.39
CA LEU A 65 -1.26 -2.56 -6.69
C LEU A 65 -0.57 -3.67 -7.48
N ALA A 66 0.76 -3.69 -7.41
CA ALA A 66 1.55 -4.70 -8.11
C ALA A 66 2.68 -5.22 -7.23
N PRO A 67 3.10 -6.47 -7.48
CA PRO A 67 4.17 -7.11 -6.72
C PRO A 67 5.54 -6.49 -7.01
N PHE A 68 5.99 -5.62 -6.12
CA PHE A 68 7.27 -4.95 -6.28
C PHE A 68 8.42 -5.90 -5.95
N SER A 69 9.61 -5.56 -6.43
CA SER A 69 10.79 -6.39 -6.18
C SER A 69 11.98 -5.53 -5.78
N GLY A 70 12.10 -5.25 -4.48
CA GLY A 70 13.20 -4.43 -4.00
C GLY A 70 13.38 -4.55 -2.49
N PRO A 71 14.64 -4.48 -2.04
CA PRO A 71 14.97 -4.59 -0.61
C PRO A 71 14.53 -3.36 0.17
N SER A 72 14.42 -2.22 -0.52
CA SER A 72 14.01 -0.98 0.11
C SER A 72 12.72 -1.17 0.91
N SER A 73 12.85 -1.57 2.17
CA SER A 73 11.71 -1.80 3.03
C SER A 73 11.79 -0.94 4.29
N GLY A 74 11.24 0.28 4.21
CA GLY A 74 11.27 1.17 5.35
C GLY A 74 9.92 1.27 6.04
N GLY A 1 5.22 -14.90 14.20
CA GLY A 1 5.94 -15.98 14.85
C GLY A 1 7.44 -15.76 14.82
N SER A 2 8.01 -15.78 13.63
CA SER A 2 9.46 -15.60 13.47
C SER A 2 9.76 -14.55 12.41
N SER A 3 9.09 -14.66 11.26
CA SER A 3 9.29 -13.73 10.17
C SER A 3 8.95 -12.31 10.59
N GLY A 4 9.49 -11.32 9.88
CA GLY A 4 9.22 -9.94 10.20
C GLY A 4 8.53 -9.20 9.07
N SER A 5 9.19 -9.10 7.93
CA SER A 5 8.65 -8.42 6.77
C SER A 5 7.69 -9.34 6.00
N SER A 6 6.86 -10.07 6.73
CA SER A 6 5.90 -10.98 6.11
C SER A 6 5.10 -10.29 5.02
N GLY A 7 4.61 -9.10 5.34
CA GLY A 7 3.82 -8.34 4.37
C GLY A 7 4.50 -8.25 3.02
N SER A 8 3.70 -8.11 1.97
CA SER A 8 4.24 -8.02 0.61
C SER A 8 4.16 -6.58 0.09
N THR A 9 5.31 -6.02 -0.27
CA THR A 9 5.37 -4.66 -0.77
C THR A 9 4.78 -4.57 -2.18
N MET A 10 4.16 -3.43 -2.48
CA MET A 10 3.56 -3.22 -3.80
C MET A 10 3.69 -1.76 -4.22
N THR A 11 3.89 -1.55 -5.52
CA THR A 11 4.05 -0.21 -6.06
C THR A 11 2.81 0.21 -6.86
N VAL A 12 2.25 1.37 -6.52
CA VAL A 12 1.07 1.88 -7.22
C VAL A 12 1.33 2.02 -8.72
N ILE A 13 0.34 1.62 -9.51
CA ILE A 13 0.46 1.71 -10.97
C ILE A 13 -0.46 2.78 -11.53
N LYS A 14 -1.62 2.96 -10.91
CA LYS A 14 -2.58 3.97 -11.34
C LYS A 14 -3.08 4.79 -10.16
N ASP A 15 -3.28 6.08 -10.39
CA ASP A 15 -3.76 6.97 -9.33
C ASP A 15 -5.06 6.45 -8.74
N TYR A 16 -5.27 6.75 -7.46
CA TYR A 16 -6.48 6.31 -6.77
C TYR A 16 -6.96 7.37 -5.77
N TYR A 17 -8.24 7.29 -5.42
CA TYR A 17 -8.82 8.25 -4.48
C TYR A 17 -9.52 7.53 -3.34
N ALA A 18 -9.14 7.87 -2.10
CA ALA A 18 -9.73 7.26 -0.93
C ALA A 18 -11.17 7.71 -0.73
N LEU A 19 -12.10 6.79 -0.95
CA LEU A 19 -13.52 7.10 -0.79
C LEU A 19 -13.94 7.04 0.68
N LYS A 20 -13.30 6.16 1.44
CA LYS A 20 -13.60 6.01 2.85
C LYS A 20 -12.60 6.79 3.70
N GLU A 21 -12.96 7.02 4.97
CA GLU A 21 -12.09 7.74 5.88
C GLU A 21 -10.79 6.98 6.13
N ASN A 22 -10.91 5.65 6.29
CA ASN A 22 -9.74 4.81 6.53
C ASN A 22 -8.84 4.77 5.30
N GLU A 23 -9.45 4.75 4.11
CA GLU A 23 -8.69 4.72 2.87
C GLU A 23 -7.82 5.97 2.72
N ILE A 24 -6.65 5.79 2.12
CA ILE A 24 -5.72 6.90 1.91
C ILE A 24 -5.48 7.15 0.44
N CYS A 25 -5.04 8.36 0.11
CA CYS A 25 -4.76 8.72 -1.27
C CYS A 25 -3.39 8.20 -1.71
N VAL A 26 -3.31 7.75 -2.96
CA VAL A 26 -2.06 7.23 -3.51
C VAL A 26 -1.97 7.48 -5.01
N SER A 27 -0.74 7.59 -5.50
CA SER A 27 -0.51 7.83 -6.92
C SER A 27 0.47 6.82 -7.50
N GLN A 28 0.43 6.65 -8.81
CA GLN A 28 1.33 5.71 -9.49
C GLN A 28 2.78 6.00 -9.15
N GLY A 29 3.51 4.96 -8.73
CA GLY A 29 4.91 5.13 -8.37
C GLY A 29 5.17 4.86 -6.91
N GLU A 30 4.30 5.41 -6.05
CA GLU A 30 4.46 5.22 -4.61
C GLU A 30 4.60 3.74 -4.26
N VAL A 31 5.00 3.48 -3.02
CA VAL A 31 5.19 2.10 -2.56
C VAL A 31 4.65 1.92 -1.14
N VAL A 32 3.90 0.85 -0.93
CA VAL A 32 3.32 0.56 0.37
C VAL A 32 3.49 -0.91 0.74
N GLN A 33 3.04 -1.27 1.93
CA GLN A 33 3.15 -2.65 2.41
C GLN A 33 1.79 -3.19 2.82
N VAL A 34 1.36 -4.26 2.17
CA VAL A 34 0.07 -4.88 2.46
C VAL A 34 0.07 -5.50 3.86
N LEU A 35 -1.07 -5.42 4.53
CA LEU A 35 -1.21 -5.97 5.87
C LEU A 35 -2.30 -7.03 5.92
N ALA A 36 -3.38 -6.80 5.17
CA ALA A 36 -4.49 -7.75 5.12
C ALA A 36 -5.48 -7.36 4.03
N VAL A 37 -6.56 -8.13 3.93
CA VAL A 37 -7.59 -7.87 2.92
C VAL A 37 -8.96 -7.70 3.57
N ASN A 38 -9.75 -6.77 3.04
CA ASN A 38 -11.08 -6.51 3.56
C ASN A 38 -12.15 -7.14 2.68
N GLN A 39 -13.31 -7.42 3.27
CA GLN A 39 -14.42 -8.02 2.53
C GLN A 39 -14.79 -7.17 1.33
N GLN A 40 -14.40 -5.90 1.36
CA GLN A 40 -14.70 -4.99 0.27
C GLN A 40 -13.69 -5.13 -0.86
N ASN A 41 -12.98 -6.25 -0.87
CA ASN A 41 -11.97 -6.52 -1.89
C ASN A 41 -10.85 -5.49 -1.84
N MET A 42 -10.56 -5.01 -0.64
CA MET A 42 -9.50 -4.02 -0.44
C MET A 42 -8.31 -4.63 0.30
N CYS A 43 -7.19 -3.92 0.30
CA CYS A 43 -5.99 -4.40 0.97
C CYS A 43 -5.42 -3.33 1.90
N LEU A 44 -5.37 -3.63 3.18
CA LEU A 44 -4.86 -2.70 4.18
C LEU A 44 -3.36 -2.50 4.01
N VAL A 45 -2.98 -1.39 3.40
CA VAL A 45 -1.56 -1.08 3.18
C VAL A 45 -1.10 0.04 4.09
N TYR A 46 0.19 0.04 4.42
CA TYR A 46 0.75 1.05 5.30
C TYR A 46 1.58 2.06 4.50
N GLN A 47 1.08 3.29 4.44
CA GLN A 47 1.78 4.35 3.71
C GLN A 47 2.71 5.13 4.63
N PRO A 48 4.02 4.93 4.44
CA PRO A 48 5.05 5.60 5.25
C PRO A 48 5.14 7.09 4.93
N ALA A 49 5.76 7.84 5.84
CA ALA A 49 5.92 9.28 5.65
C ALA A 49 6.21 9.62 4.20
N SER A 50 5.33 10.41 3.59
CA SER A 50 5.49 10.82 2.20
C SER A 50 4.96 12.23 1.98
N ASP A 51 5.60 12.96 1.07
CA ASP A 51 5.19 14.32 0.76
C ASP A 51 3.68 14.45 0.80
N HIS A 52 2.99 13.59 0.07
CA HIS A 52 1.53 13.62 0.02
C HIS A 52 0.94 13.54 1.42
N SER A 53 1.25 12.45 2.13
CA SER A 53 0.74 12.25 3.48
C SER A 53 1.79 11.55 4.35
N PRO A 54 1.81 11.90 5.65
CA PRO A 54 2.74 11.33 6.61
C PRO A 54 2.44 9.86 6.90
N ALA A 55 3.31 9.23 7.69
CA ALA A 55 3.13 7.83 8.06
C ALA A 55 1.70 7.56 8.52
N ALA A 56 1.02 6.64 7.83
CA ALA A 56 -0.34 6.29 8.17
C ALA A 56 -0.76 4.98 7.50
N GLU A 57 -1.78 4.34 8.05
CA GLU A 57 -2.28 3.08 7.49
C GLU A 57 -3.61 3.28 6.79
N GLY A 58 -3.64 2.99 5.49
CA GLY A 58 -4.85 3.14 4.72
C GLY A 58 -5.13 1.94 3.83
N TRP A 59 -6.41 1.74 3.51
CA TRP A 59 -6.80 0.62 2.66
C TRP A 59 -6.77 1.02 1.19
N VAL A 60 -6.31 0.11 0.33
CA VAL A 60 -6.24 0.36 -1.09
C VAL A 60 -6.63 -0.88 -1.90
N PRO A 61 -7.19 -0.65 -3.10
CA PRO A 61 -7.63 -1.73 -3.99
C PRO A 61 -6.45 -2.51 -4.56
N GLY A 62 -6.62 -3.83 -4.66
CA GLY A 62 -5.56 -4.67 -5.20
C GLY A 62 -5.45 -4.58 -6.71
N SER A 63 -6.19 -3.63 -7.29
CA SER A 63 -6.16 -3.44 -8.73
C SER A 63 -5.02 -2.52 -9.15
N ILE A 64 -4.83 -1.44 -8.39
CA ILE A 64 -3.77 -0.48 -8.67
C ILE A 64 -2.48 -0.89 -7.99
N LEU A 65 -2.39 -2.14 -7.58
CA LEU A 65 -1.19 -2.66 -6.93
C LEU A 65 -0.49 -3.71 -7.79
N ALA A 66 0.84 -3.69 -7.75
CA ALA A 66 1.63 -4.64 -8.53
C ALA A 66 2.76 -5.21 -7.70
N PRO A 67 3.21 -6.43 -8.06
CA PRO A 67 4.30 -7.12 -7.36
C PRO A 67 5.65 -6.46 -7.60
N PHE A 68 6.05 -5.59 -6.69
CA PHE A 68 7.32 -4.89 -6.80
C PHE A 68 8.49 -5.85 -6.61
N SER A 69 9.70 -5.37 -6.91
CA SER A 69 10.90 -6.19 -6.78
C SER A 69 12.14 -5.31 -6.57
N GLY A 70 13.09 -5.81 -5.81
CA GLY A 70 14.31 -5.07 -5.55
C GLY A 70 15.30 -5.85 -4.72
N PRO A 71 16.49 -5.27 -4.50
CA PRO A 71 17.56 -5.90 -3.72
C PRO A 71 17.22 -5.96 -2.24
N SER A 72 16.79 -7.13 -1.78
CA SER A 72 16.42 -7.32 -0.38
C SER A 72 17.53 -8.07 0.36
N SER A 73 17.33 -8.25 1.67
CA SER A 73 18.31 -8.94 2.50
C SER A 73 17.75 -10.26 3.02
N GLY A 74 18.10 -11.35 2.35
CA GLY A 74 17.62 -12.66 2.76
C GLY A 74 17.04 -13.45 1.61
N GLY A 1 -3.54 -14.66 19.32
CA GLY A 1 -2.36 -14.90 18.53
C GLY A 1 -2.64 -14.83 17.03
N SER A 2 -2.77 -13.60 16.53
CA SER A 2 -3.05 -13.39 15.11
C SER A 2 -1.80 -13.66 14.27
N SER A 3 -2.02 -14.09 13.03
CA SER A 3 -0.92 -14.38 12.13
C SER A 3 -0.74 -13.27 11.09
N GLY A 4 0.51 -12.81 10.93
CA GLY A 4 0.78 -11.75 9.98
C GLY A 4 2.11 -11.95 9.28
N SER A 5 2.33 -13.16 8.76
CA SER A 5 3.57 -13.47 8.06
C SER A 5 3.47 -13.08 6.59
N SER A 6 2.88 -11.92 6.32
CA SER A 6 2.72 -11.43 4.96
C SER A 6 3.11 -9.96 4.86
N GLY A 7 4.25 -9.70 4.22
CA GLY A 7 4.72 -8.34 4.07
C GLY A 7 5.16 -8.03 2.65
N SER A 8 4.31 -8.40 1.68
CA SER A 8 4.62 -8.16 0.27
C SER A 8 4.52 -6.68 -0.05
N THR A 9 5.61 -6.12 -0.56
CA THR A 9 5.66 -4.71 -0.92
C THR A 9 5.13 -4.48 -2.34
N MET A 10 4.06 -3.71 -2.44
CA MET A 10 3.45 -3.42 -3.74
C MET A 10 3.59 -1.94 -4.08
N THR A 11 3.76 -1.65 -5.37
CA THR A 11 3.90 -0.27 -5.83
C THR A 11 2.67 0.18 -6.60
N VAL A 12 2.17 1.37 -6.26
CA VAL A 12 0.99 1.91 -6.92
C VAL A 12 1.24 2.10 -8.42
N ILE A 13 0.44 1.41 -9.23
CA ILE A 13 0.56 1.49 -10.68
C ILE A 13 -0.27 2.63 -11.24
N LYS A 14 -1.26 3.07 -10.46
CA LYS A 14 -2.14 4.16 -10.88
C LYS A 14 -2.68 4.92 -9.67
N ASP A 15 -3.02 6.18 -9.88
CA ASP A 15 -3.55 7.02 -8.80
C ASP A 15 -4.88 6.49 -8.31
N TYR A 16 -5.26 6.86 -7.09
CA TYR A 16 -6.51 6.42 -6.51
C TYR A 16 -6.96 7.36 -5.39
N TYR A 17 -8.24 7.71 -5.39
CA TYR A 17 -8.79 8.60 -4.38
C TYR A 17 -9.63 7.83 -3.37
N ALA A 18 -9.11 7.68 -2.16
CA ALA A 18 -9.81 6.97 -1.10
C ALA A 18 -11.32 7.20 -1.19
N LEU A 19 -12.07 6.12 -1.25
CA LEU A 19 -13.52 6.21 -1.33
C LEU A 19 -14.16 6.14 0.05
N LYS A 20 -13.35 5.80 1.05
CA LYS A 20 -13.83 5.71 2.42
C LYS A 20 -12.96 6.54 3.36
N GLU A 21 -13.41 6.69 4.60
CA GLU A 21 -12.67 7.47 5.59
C GLU A 21 -11.42 6.72 6.04
N ASN A 22 -11.48 5.39 6.02
CA ASN A 22 -10.35 4.56 6.42
C ASN A 22 -9.32 4.48 5.31
N GLU A 23 -9.79 4.54 4.06
CA GLU A 23 -8.90 4.47 2.90
C GLU A 23 -8.10 5.75 2.75
N ILE A 24 -6.93 5.64 2.13
CA ILE A 24 -6.06 6.80 1.93
C ILE A 24 -5.78 7.02 0.45
N CYS A 25 -5.40 8.24 0.10
CA CYS A 25 -5.10 8.58 -1.29
C CYS A 25 -3.66 8.24 -1.64
N VAL A 26 -3.48 7.58 -2.78
CA VAL A 26 -2.15 7.19 -3.23
C VAL A 26 -1.82 7.81 -4.58
N SER A 27 -0.53 7.88 -4.90
CA SER A 27 -0.08 8.45 -6.16
C SER A 27 0.70 7.42 -6.98
N GLN A 28 0.43 7.38 -8.28
CA GLN A 28 1.11 6.44 -9.18
C GLN A 28 2.62 6.48 -8.96
N GLY A 29 3.17 5.39 -8.44
CA GLY A 29 4.60 5.32 -8.19
C GLY A 29 4.93 5.05 -6.75
N GLU A 30 4.08 5.54 -5.85
CA GLU A 30 4.29 5.35 -4.41
C GLU A 30 4.43 3.87 -4.08
N VAL A 31 4.96 3.58 -2.90
CA VAL A 31 5.15 2.20 -2.45
C VAL A 31 4.60 2.00 -1.05
N VAL A 32 3.82 0.94 -0.88
CA VAL A 32 3.22 0.62 0.42
C VAL A 32 3.51 -0.82 0.81
N GLN A 33 2.92 -1.25 1.93
CA GLN A 33 3.11 -2.61 2.42
C GLN A 33 1.78 -3.24 2.80
N VAL A 34 1.45 -4.35 2.14
CA VAL A 34 0.21 -5.06 2.40
C VAL A 34 0.21 -5.68 3.78
N LEU A 35 -0.92 -5.62 4.47
CA LEU A 35 -1.06 -6.19 5.80
C LEU A 35 -2.16 -7.24 5.85
N ALA A 36 -3.25 -6.98 5.15
CA ALA A 36 -4.37 -7.91 5.11
C ALA A 36 -5.42 -7.46 4.09
N VAL A 37 -6.52 -8.20 4.03
CA VAL A 37 -7.60 -7.88 3.10
C VAL A 37 -8.95 -7.88 3.81
N ASN A 38 -9.87 -7.06 3.32
CA ASN A 38 -11.21 -6.97 3.90
C ASN A 38 -12.27 -7.52 2.94
N GLN A 39 -13.52 -7.50 3.37
CA GLN A 39 -14.62 -7.99 2.55
C GLN A 39 -14.91 -7.04 1.39
N GLN A 40 -14.47 -5.79 1.54
CA GLN A 40 -14.68 -4.78 0.51
C GLN A 40 -13.68 -4.95 -0.64
N ASN A 41 -12.98 -6.07 -0.63
CA ASN A 41 -11.99 -6.36 -1.67
C ASN A 41 -10.84 -5.35 -1.61
N MET A 42 -10.52 -4.88 -0.42
CA MET A 42 -9.45 -3.92 -0.23
C MET A 42 -8.25 -4.56 0.46
N CYS A 43 -7.06 -4.09 0.15
CA CYS A 43 -5.83 -4.62 0.74
C CYS A 43 -5.19 -3.61 1.67
N LEU A 44 -5.36 -3.83 2.97
CA LEU A 44 -4.80 -2.93 3.98
C LEU A 44 -3.32 -2.69 3.73
N VAL A 45 -2.98 -1.48 3.31
CA VAL A 45 -1.59 -1.12 3.04
C VAL A 45 -1.14 0.04 3.91
N TYR A 46 0.10 -0.03 4.40
CA TYR A 46 0.64 1.01 5.25
C TYR A 46 1.47 1.99 4.44
N GLN A 47 1.03 3.25 4.41
CA GLN A 47 1.73 4.29 3.66
C GLN A 47 2.73 5.02 4.55
N PRO A 48 4.02 4.86 4.24
CA PRO A 48 5.11 5.49 5.01
C PRO A 48 5.14 7.00 4.82
N ALA A 49 5.82 7.69 5.73
CA ALA A 49 5.94 9.14 5.66
C ALA A 49 6.43 9.59 4.29
N SER A 50 5.66 10.47 3.65
CA SER A 50 6.02 10.98 2.33
C SER A 50 5.99 12.51 2.30
N ASP A 51 6.40 13.08 1.18
CA ASP A 51 6.44 14.53 1.03
C ASP A 51 5.02 15.10 1.05
N HIS A 52 4.09 14.42 0.37
CA HIS A 52 2.70 14.87 0.31
C HIS A 52 2.01 14.65 1.65
N SER A 53 2.05 13.40 2.13
CA SER A 53 1.41 13.06 3.39
C SER A 53 2.37 12.25 4.27
N PRO A 54 2.21 12.41 5.59
CA PRO A 54 3.06 11.71 6.58
C PRO A 54 2.76 10.21 6.62
N ALA A 55 3.26 9.55 7.66
CA ALA A 55 3.06 8.11 7.83
C ALA A 55 1.64 7.81 8.29
N ALA A 56 0.95 6.94 7.55
CA ALA A 56 -0.41 6.57 7.89
C ALA A 56 -0.83 5.28 7.17
N GLU A 57 -1.64 4.48 7.84
CA GLU A 57 -2.11 3.22 7.27
C GLU A 57 -3.48 3.39 6.61
N GLY A 58 -3.61 2.90 5.39
CA GLY A 58 -4.86 3.01 4.66
C GLY A 58 -5.11 1.84 3.74
N TRP A 59 -6.36 1.65 3.34
CA TRP A 59 -6.71 0.56 2.44
C TRP A 59 -6.76 1.02 1.00
N VAL A 60 -6.34 0.16 0.08
CA VAL A 60 -6.32 0.48 -1.34
C VAL A 60 -6.73 -0.72 -2.18
N PRO A 61 -7.33 -0.45 -3.34
CA PRO A 61 -7.79 -1.50 -4.26
C PRO A 61 -6.62 -2.23 -4.93
N GLY A 62 -6.47 -3.51 -4.60
CA GLY A 62 -5.40 -4.30 -5.16
C GLY A 62 -5.22 -4.04 -6.64
N SER A 63 -6.27 -3.55 -7.29
CA SER A 63 -6.22 -3.27 -8.72
C SER A 63 -5.04 -2.35 -9.06
N ILE A 64 -4.85 -1.33 -8.23
CA ILE A 64 -3.77 -0.38 -8.44
C ILE A 64 -2.50 -0.83 -7.73
N LEU A 65 -2.46 -2.11 -7.34
CA LEU A 65 -1.30 -2.65 -6.65
C LEU A 65 -0.60 -3.70 -7.52
N ALA A 66 0.72 -3.72 -7.45
CA ALA A 66 1.51 -4.67 -8.22
C ALA A 66 2.65 -5.24 -7.39
N PRO A 67 3.06 -6.47 -7.72
CA PRO A 67 4.15 -7.17 -7.01
C PRO A 67 5.51 -6.53 -7.29
N PHE A 68 5.92 -5.62 -6.43
CA PHE A 68 7.20 -4.94 -6.58
C PHE A 68 8.36 -5.91 -6.32
N SER A 69 9.01 -6.34 -7.40
CA SER A 69 10.13 -7.27 -7.29
C SER A 69 11.44 -6.59 -7.70
N GLY A 70 12.19 -6.12 -6.70
CA GLY A 70 13.46 -5.46 -6.98
C GLY A 70 14.49 -6.42 -7.54
N PRO A 71 15.26 -7.05 -6.63
CA PRO A 71 16.31 -8.00 -7.01
C PRO A 71 15.74 -9.29 -7.59
N SER A 72 14.41 -9.37 -7.68
CA SER A 72 13.75 -10.55 -8.21
C SER A 72 14.13 -11.80 -7.42
N SER A 73 14.13 -11.66 -6.09
CA SER A 73 14.46 -12.78 -5.21
C SER A 73 13.70 -14.03 -5.61
N GLY A 74 14.44 -15.10 -5.91
CA GLY A 74 13.80 -16.35 -6.29
C GLY A 74 14.25 -17.51 -5.43
N GLY A 1 16.54 -8.81 16.41
CA GLY A 1 16.37 -10.23 16.13
C GLY A 1 16.19 -10.52 14.66
N SER A 2 15.20 -11.33 14.34
CA SER A 2 14.91 -11.70 12.95
C SER A 2 13.62 -11.04 12.46
N SER A 3 13.45 -9.77 12.82
CA SER A 3 12.26 -9.03 12.42
C SER A 3 12.54 -8.15 11.20
N GLY A 4 11.62 -8.18 10.24
CA GLY A 4 11.79 -7.38 9.03
C GLY A 4 10.58 -7.43 8.13
N SER A 5 10.75 -8.02 6.94
CA SER A 5 9.66 -8.12 5.99
C SER A 5 8.35 -8.49 6.68
N SER A 6 7.43 -7.54 6.73
CA SER A 6 6.14 -7.75 7.37
C SER A 6 5.19 -8.50 6.44
N GLY A 7 4.98 -7.95 5.25
CA GLY A 7 4.09 -8.58 4.29
C GLY A 7 4.65 -8.53 2.88
N SER A 8 3.89 -7.93 1.96
CA SER A 8 4.31 -7.84 0.57
C SER A 8 4.34 -6.38 0.11
N THR A 9 5.51 -5.93 -0.34
CA THR A 9 5.67 -4.56 -0.81
C THR A 9 5.12 -4.39 -2.21
N MET A 10 4.16 -3.47 -2.36
CA MET A 10 3.55 -3.22 -3.66
C MET A 10 3.70 -1.75 -4.03
N THR A 11 3.90 -1.49 -5.33
CA THR A 11 4.06 -0.14 -5.82
C THR A 11 2.84 0.31 -6.63
N VAL A 12 2.26 1.44 -6.25
CA VAL A 12 1.09 1.96 -6.95
C VAL A 12 1.34 2.08 -8.45
N ILE A 13 0.40 1.56 -9.24
CA ILE A 13 0.52 1.60 -10.69
C ILE A 13 -0.31 2.74 -11.28
N LYS A 14 -1.36 3.11 -10.56
CA LYS A 14 -2.25 4.19 -11.01
C LYS A 14 -2.74 5.02 -9.84
N ASP A 15 -3.01 6.30 -10.09
CA ASP A 15 -3.48 7.20 -9.05
C ASP A 15 -4.81 6.71 -8.47
N TYR A 16 -5.04 7.04 -7.20
CA TYR A 16 -6.27 6.63 -6.53
C TYR A 16 -6.63 7.61 -5.42
N TYR A 17 -7.87 8.07 -5.42
CA TYR A 17 -8.35 9.01 -4.42
C TYR A 17 -9.11 8.29 -3.31
N ALA A 18 -8.61 8.40 -2.08
CA ALA A 18 -9.26 7.76 -0.94
C ALA A 18 -10.72 8.17 -0.83
N LEU A 19 -11.61 7.18 -0.86
CA LEU A 19 -13.04 7.43 -0.77
C LEU A 19 -13.52 7.34 0.67
N LYS A 20 -13.02 6.33 1.39
CA LYS A 20 -13.40 6.12 2.78
C LYS A 20 -12.34 6.70 3.71
N GLU A 21 -12.78 7.17 4.87
CA GLU A 21 -11.87 7.75 5.86
C GLU A 21 -10.62 6.89 6.02
N ASN A 22 -10.81 5.61 6.30
CA ASN A 22 -9.71 4.69 6.46
C ASN A 22 -8.82 4.65 5.22
N GLU A 23 -9.45 4.58 4.05
CA GLU A 23 -8.73 4.55 2.79
C GLU A 23 -7.92 5.83 2.59
N ILE A 24 -6.69 5.68 2.11
CA ILE A 24 -5.82 6.83 1.87
C ILE A 24 -5.57 7.04 0.39
N CYS A 25 -5.00 8.18 0.04
CA CYS A 25 -4.72 8.50 -1.36
C CYS A 25 -3.32 8.03 -1.74
N VAL A 26 -3.13 7.77 -3.04
CA VAL A 26 -1.84 7.31 -3.54
C VAL A 26 -1.62 7.76 -4.98
N SER A 27 -0.38 7.64 -5.44
CA SER A 27 -0.03 8.04 -6.81
C SER A 27 0.89 7.02 -7.46
N GLN A 28 0.68 6.77 -8.74
CA GLN A 28 1.50 5.81 -9.48
C GLN A 28 2.97 6.03 -9.20
N GLY A 29 3.63 5.02 -8.63
CA GLY A 29 5.04 5.13 -8.33
C GLY A 29 5.34 4.86 -6.86
N GLU A 30 4.49 5.40 -5.99
CA GLU A 30 4.67 5.22 -4.55
C GLU A 30 4.88 3.75 -4.21
N VAL A 31 5.24 3.49 -2.95
CA VAL A 31 5.47 2.13 -2.50
C VAL A 31 4.84 1.89 -1.12
N VAL A 32 4.03 0.84 -1.02
CA VAL A 32 3.37 0.50 0.24
C VAL A 32 3.60 -0.95 0.61
N GLN A 33 2.96 -1.39 1.68
CA GLN A 33 3.08 -2.77 2.14
C GLN A 33 1.74 -3.34 2.58
N VAL A 34 1.31 -4.41 1.92
CA VAL A 34 0.04 -5.04 2.24
C VAL A 34 0.03 -5.59 3.66
N LEU A 35 -1.12 -5.51 4.31
CA LEU A 35 -1.26 -5.99 5.68
C LEU A 35 -2.33 -7.08 5.77
N ALA A 36 -3.43 -6.87 5.06
CA ALA A 36 -4.52 -7.84 5.05
C ALA A 36 -5.61 -7.42 4.07
N VAL A 37 -6.69 -8.20 4.01
CA VAL A 37 -7.80 -7.91 3.12
C VAL A 37 -9.13 -7.90 3.87
N ASN A 38 -10.08 -7.11 3.37
CA ASN A 38 -11.39 -7.01 4.00
C ASN A 38 -12.50 -7.44 3.04
N GLN A 39 -13.73 -7.43 3.52
CA GLN A 39 -14.88 -7.82 2.69
C GLN A 39 -15.06 -6.87 1.53
N GLN A 40 -14.67 -5.62 1.73
CA GLN A 40 -14.79 -4.60 0.68
C GLN A 40 -13.84 -4.90 -0.47
N ASN A 41 -13.05 -5.96 -0.33
CA ASN A 41 -12.11 -6.35 -1.37
C ASN A 41 -10.93 -5.36 -1.43
N MET A 42 -10.51 -4.90 -0.26
CA MET A 42 -9.40 -3.95 -0.18
C MET A 42 -8.17 -4.61 0.44
N CYS A 43 -7.03 -3.93 0.37
CA CYS A 43 -5.79 -4.45 0.92
C CYS A 43 -5.15 -3.43 1.87
N LEU A 44 -5.31 -3.66 3.16
CA LEU A 44 -4.76 -2.77 4.18
C LEU A 44 -3.26 -2.56 3.95
N VAL A 45 -2.92 -1.48 3.25
CA VAL A 45 -1.52 -1.16 2.96
C VAL A 45 -1.03 -0.02 3.84
N TYR A 46 0.20 -0.15 4.32
CA TYR A 46 0.79 0.88 5.18
C TYR A 46 1.58 1.89 4.35
N GLN A 47 1.12 3.13 4.33
CA GLN A 47 1.79 4.19 3.58
C GLN A 47 2.77 4.95 4.46
N PRO A 48 4.07 4.81 4.16
CA PRO A 48 5.14 5.47 4.92
C PRO A 48 5.15 6.98 4.70
N ALA A 49 5.87 7.68 5.56
CA ALA A 49 5.97 9.14 5.46
C ALA A 49 6.19 9.58 4.02
N SER A 50 5.23 10.31 3.46
CA SER A 50 5.32 10.78 2.09
C SER A 50 5.94 12.18 2.05
N ASP A 51 6.07 12.71 0.84
CA ASP A 51 6.65 14.05 0.65
C ASP A 51 6.01 15.05 1.60
N HIS A 52 6.77 15.48 2.60
CA HIS A 52 6.28 16.45 3.58
C HIS A 52 5.00 15.94 4.23
N SER A 53 5.00 14.68 4.65
CA SER A 53 3.83 14.09 5.29
C SER A 53 4.22 12.82 6.05
N PRO A 54 3.59 12.62 7.21
CA PRO A 54 3.86 11.45 8.06
C PRO A 54 3.33 10.17 7.45
N ALA A 55 3.53 9.05 8.15
CA ALA A 55 3.07 7.75 7.68
C ALA A 55 1.69 7.43 8.22
N ALA A 56 0.89 6.75 7.40
CA ALA A 56 -0.46 6.37 7.79
C ALA A 56 -0.89 5.07 7.11
N GLU A 57 -1.73 4.30 7.79
CA GLU A 57 -2.23 3.04 7.25
C GLU A 57 -3.58 3.23 6.59
N GLY A 58 -3.64 2.96 5.28
CA GLY A 58 -4.89 3.10 4.55
C GLY A 58 -5.16 1.92 3.65
N TRP A 59 -6.44 1.66 3.37
CA TRP A 59 -6.83 0.55 2.52
C TRP A 59 -6.91 0.99 1.06
N VAL A 60 -6.43 0.13 0.17
CA VAL A 60 -6.45 0.44 -1.26
C VAL A 60 -6.80 -0.80 -2.08
N PRO A 61 -7.40 -0.58 -3.25
CA PRO A 61 -7.81 -1.66 -4.16
C PRO A 61 -6.61 -2.36 -4.79
N GLY A 62 -6.44 -3.64 -4.49
CA GLY A 62 -5.33 -4.40 -5.04
C GLY A 62 -5.15 -4.17 -6.53
N SER A 63 -6.23 -3.77 -7.19
CA SER A 63 -6.19 -3.51 -8.62
C SER A 63 -5.08 -2.52 -8.98
N ILE A 64 -4.98 -1.46 -8.18
CA ILE A 64 -3.96 -0.44 -8.41
C ILE A 64 -2.66 -0.79 -7.70
N LEU A 65 -2.51 -2.07 -7.36
CA LEU A 65 -1.30 -2.54 -6.68
C LEU A 65 -0.60 -3.62 -7.50
N ALA A 66 0.73 -3.60 -7.46
CA ALA A 66 1.53 -4.58 -8.21
C ALA A 66 2.70 -5.07 -7.36
N PRO A 67 3.14 -6.32 -7.64
CA PRO A 67 4.27 -6.93 -6.93
C PRO A 67 5.60 -6.26 -7.26
N PHE A 68 6.00 -5.31 -6.43
CA PHE A 68 7.25 -4.60 -6.65
C PHE A 68 8.43 -5.58 -6.69
N SER A 69 8.52 -6.42 -5.67
CA SER A 69 9.60 -7.41 -5.58
C SER A 69 10.95 -6.75 -5.87
N GLY A 70 11.26 -5.70 -5.12
CA GLY A 70 12.52 -5.00 -5.31
C GLY A 70 13.52 -5.32 -4.22
N PRO A 71 14.67 -4.62 -4.24
CA PRO A 71 15.74 -4.82 -3.25
C PRO A 71 15.34 -4.31 -1.86
N SER A 72 14.30 -3.49 -1.82
CA SER A 72 13.82 -2.94 -0.55
C SER A 72 13.83 -4.00 0.55
N SER A 73 14.33 -3.62 1.71
CA SER A 73 14.40 -4.54 2.85
C SER A 73 15.47 -5.60 2.62
N GLY A 74 16.59 -5.19 2.02
CA GLY A 74 17.66 -6.11 1.75
C GLY A 74 18.52 -6.37 2.97
N GLY A 1 8.94 -13.48 0.81
CA GLY A 1 7.72 -14.01 1.37
C GLY A 1 7.68 -13.92 2.88
N SER A 2 8.72 -14.44 3.53
CA SER A 2 8.80 -14.42 4.99
C SER A 2 10.16 -13.88 5.45
N SER A 3 11.22 -14.46 4.91
CA SER A 3 12.57 -14.06 5.27
C SER A 3 12.70 -12.54 5.26
N GLY A 4 12.73 -11.95 6.46
CA GLY A 4 12.85 -10.51 6.57
C GLY A 4 12.10 -9.78 5.47
N SER A 5 10.91 -10.26 5.14
CA SER A 5 10.10 -9.65 4.09
C SER A 5 8.67 -9.44 4.57
N SER A 6 8.52 -9.01 5.81
CA SER A 6 7.20 -8.77 6.38
C SER A 6 6.24 -8.23 5.33
N GLY A 7 5.13 -8.95 5.13
CA GLY A 7 4.15 -8.54 4.14
C GLY A 7 4.72 -8.45 2.74
N SER A 8 3.90 -8.02 1.80
CA SER A 8 4.33 -7.91 0.41
C SER A 8 4.30 -6.45 -0.05
N THR A 9 5.47 -5.91 -0.38
CA THR A 9 5.58 -4.52 -0.82
C THR A 9 5.05 -4.37 -2.25
N MET A 10 4.03 -3.53 -2.40
CA MET A 10 3.43 -3.29 -3.71
C MET A 10 3.57 -1.82 -4.11
N THR A 11 3.76 -1.58 -5.40
CA THR A 11 3.91 -0.21 -5.91
C THR A 11 2.67 0.21 -6.68
N VAL A 12 2.11 1.35 -6.32
CA VAL A 12 0.92 1.88 -6.98
C VAL A 12 1.15 2.01 -8.48
N ILE A 13 0.26 1.41 -9.27
CA ILE A 13 0.37 1.47 -10.72
C ILE A 13 -0.57 2.53 -11.30
N LYS A 14 -1.60 2.88 -10.54
CA LYS A 14 -2.56 3.90 -10.97
C LYS A 14 -3.01 4.77 -9.80
N ASP A 15 -3.34 6.01 -10.10
CA ASP A 15 -3.79 6.95 -9.07
C ASP A 15 -5.06 6.44 -8.40
N TYR A 16 -5.29 6.90 -7.17
CA TYR A 16 -6.47 6.50 -6.41
C TYR A 16 -6.79 7.51 -5.31
N TYR A 17 -8.06 7.59 -4.94
CA TYR A 17 -8.49 8.52 -3.91
C TYR A 17 -9.22 7.78 -2.79
N ALA A 18 -9.04 8.24 -1.56
CA ALA A 18 -9.68 7.63 -0.40
C ALA A 18 -11.17 7.98 -0.35
N LEU A 19 -12.01 7.00 -0.66
CA LEU A 19 -13.46 7.20 -0.65
C LEU A 19 -14.02 7.09 0.76
N LYS A 20 -13.31 6.35 1.62
CA LYS A 20 -13.74 6.16 2.99
C LYS A 20 -12.83 6.92 3.95
N GLU A 21 -13.05 6.74 5.25
CA GLU A 21 -12.25 7.42 6.27
C GLU A 21 -10.95 6.65 6.52
N ASN A 22 -11.01 5.33 6.42
CA ASN A 22 -9.85 4.48 6.64
C ASN A 22 -8.92 4.49 5.42
N GLU A 23 -9.51 4.64 4.24
CA GLU A 23 -8.74 4.66 3.00
C GLU A 23 -7.89 5.92 2.92
N ILE A 24 -6.80 5.83 2.16
CA ILE A 24 -5.89 6.96 1.99
C ILE A 24 -5.65 7.27 0.52
N CYS A 25 -5.31 8.52 0.22
CA CYS A 25 -5.06 8.94 -1.15
C CYS A 25 -3.64 8.54 -1.58
N VAL A 26 -3.51 8.13 -2.83
CA VAL A 26 -2.21 7.72 -3.37
C VAL A 26 -2.09 8.07 -4.84
N SER A 27 -0.90 7.90 -5.39
CA SER A 27 -0.65 8.20 -6.79
C SER A 27 0.19 7.11 -7.45
N GLN A 28 0.19 7.08 -8.78
CA GLN A 28 0.95 6.08 -9.52
C GLN A 28 2.44 6.20 -9.23
N GLY A 29 2.98 5.22 -8.52
CA GLY A 29 4.39 5.23 -8.18
C GLY A 29 4.64 4.96 -6.72
N GLU A 30 3.78 5.48 -5.86
CA GLU A 30 3.91 5.29 -4.41
C GLU A 30 4.16 3.83 -4.09
N VAL A 31 4.86 3.58 -2.99
CA VAL A 31 5.17 2.22 -2.56
C VAL A 31 4.72 1.98 -1.13
N VAL A 32 3.78 1.06 -0.95
CA VAL A 32 3.26 0.73 0.37
C VAL A 32 3.49 -0.74 0.69
N GLN A 33 2.99 -1.16 1.85
CA GLN A 33 3.13 -2.54 2.29
C GLN A 33 1.79 -3.14 2.70
N VAL A 34 1.36 -4.18 2.00
CA VAL A 34 0.09 -4.83 2.29
C VAL A 34 0.12 -5.48 3.67
N LEU A 35 -1.02 -5.46 4.35
CA LEU A 35 -1.13 -6.05 5.68
C LEU A 35 -2.20 -7.14 5.70
N ALA A 36 -3.29 -6.92 4.96
CA ALA A 36 -4.38 -7.87 4.90
C ALA A 36 -5.43 -7.45 3.87
N VAL A 37 -6.50 -8.22 3.77
CA VAL A 37 -7.57 -7.93 2.83
C VAL A 37 -8.94 -8.01 3.50
N ASN A 38 -9.82 -7.08 3.17
CA ASN A 38 -11.16 -7.05 3.74
C ASN A 38 -12.20 -7.54 2.73
N GLN A 39 -13.44 -7.67 3.18
CA GLN A 39 -14.52 -8.13 2.31
C GLN A 39 -14.82 -7.11 1.22
N GLN A 40 -14.39 -5.87 1.45
CA GLN A 40 -14.62 -4.80 0.49
C GLN A 40 -13.65 -4.91 -0.69
N ASN A 41 -12.92 -6.02 -0.74
CA ASN A 41 -11.96 -6.24 -1.82
C ASN A 41 -10.82 -5.23 -1.75
N MET A 42 -10.47 -4.81 -0.53
CA MET A 42 -9.41 -3.84 -0.34
C MET A 42 -8.18 -4.50 0.31
N CYS A 43 -7.05 -3.81 0.29
CA CYS A 43 -5.82 -4.33 0.87
C CYS A 43 -5.22 -3.33 1.84
N LEU A 44 -5.28 -3.65 3.12
CA LEU A 44 -4.73 -2.77 4.15
C LEU A 44 -3.23 -2.54 3.95
N VAL A 45 -2.89 -1.44 3.30
CA VAL A 45 -1.49 -1.11 3.04
C VAL A 45 -1.02 0.01 3.95
N TYR A 46 0.21 -0.13 4.45
CA TYR A 46 0.78 0.88 5.34
C TYR A 46 1.63 1.87 4.56
N GLN A 47 1.18 3.12 4.53
CA GLN A 47 1.90 4.18 3.81
C GLN A 47 2.86 4.91 4.74
N PRO A 48 4.16 4.74 4.47
CA PRO A 48 5.22 5.38 5.27
C PRO A 48 5.26 6.89 5.08
N ALA A 49 5.98 7.57 5.96
CA ALA A 49 6.10 9.03 5.90
C ALA A 49 6.48 9.47 4.49
N SER A 50 5.63 10.32 3.90
CA SER A 50 5.88 10.83 2.55
C SER A 50 5.46 12.29 2.44
N ASP A 51 6.28 13.07 1.73
CA ASP A 51 5.98 14.49 1.54
C ASP A 51 4.50 14.72 1.34
N HIS A 52 3.88 13.88 0.53
CA HIS A 52 2.45 13.99 0.24
C HIS A 52 1.62 13.70 1.50
N SER A 53 1.94 12.58 2.16
CA SER A 53 1.23 12.19 3.37
C SER A 53 2.16 11.50 4.36
N PRO A 54 1.93 11.75 5.66
CA PRO A 54 2.75 11.16 6.72
C PRO A 54 2.54 9.66 6.86
N ALA A 55 3.33 9.03 7.72
CA ALA A 55 3.22 7.59 7.95
C ALA A 55 1.85 7.23 8.49
N ALA A 56 0.99 6.70 7.62
CA ALA A 56 -0.35 6.30 8.02
C ALA A 56 -0.77 5.02 7.31
N GLU A 57 -1.72 4.30 7.91
CA GLU A 57 -2.21 3.05 7.34
C GLU A 57 -3.56 3.26 6.65
N GLY A 58 -3.63 2.92 5.37
CA GLY A 58 -4.87 3.07 4.63
C GLY A 58 -5.14 1.89 3.71
N TRP A 59 -6.40 1.71 3.35
CA TRP A 59 -6.79 0.61 2.46
C TRP A 59 -6.77 1.05 1.00
N VAL A 60 -6.34 0.15 0.13
CA VAL A 60 -6.28 0.45 -1.30
C VAL A 60 -6.68 -0.76 -2.13
N PRO A 61 -7.28 -0.50 -3.30
CA PRO A 61 -7.73 -1.55 -4.22
C PRO A 61 -6.57 -2.29 -4.86
N GLY A 62 -6.45 -3.58 -4.55
CA GLY A 62 -5.37 -4.38 -5.11
C GLY A 62 -5.24 -4.20 -6.60
N SER A 63 -6.29 -3.70 -7.24
CA SER A 63 -6.30 -3.49 -8.68
C SER A 63 -5.14 -2.57 -9.09
N ILE A 64 -4.90 -1.54 -8.30
CA ILE A 64 -3.83 -0.59 -8.58
C ILE A 64 -2.55 -0.98 -7.85
N LEU A 65 -2.50 -2.22 -7.35
CA LEU A 65 -1.33 -2.71 -6.64
C LEU A 65 -0.63 -3.80 -7.44
N ALA A 66 0.70 -3.78 -7.41
CA ALA A 66 1.49 -4.77 -8.13
C ALA A 66 2.64 -5.28 -7.27
N PRO A 67 3.05 -6.53 -7.52
CA PRO A 67 4.15 -7.17 -6.78
C PRO A 67 5.51 -6.55 -7.10
N PHE A 68 5.93 -5.61 -6.27
CA PHE A 68 7.21 -4.94 -6.47
C PHE A 68 8.37 -5.92 -6.29
N SER A 69 9.26 -5.96 -7.27
CA SER A 69 10.42 -6.85 -7.22
C SER A 69 11.71 -6.06 -7.21
N GLY A 70 12.51 -6.24 -6.14
CA GLY A 70 13.76 -5.53 -6.03
C GLY A 70 14.48 -5.84 -4.73
N PRO A 71 13.90 -5.38 -3.60
CA PRO A 71 14.47 -5.60 -2.28
C PRO A 71 14.39 -7.06 -1.83
N SER A 72 13.71 -7.87 -2.64
CA SER A 72 13.56 -9.29 -2.33
C SER A 72 14.89 -9.89 -1.87
N SER A 73 15.89 -9.83 -2.74
CA SER A 73 17.20 -10.38 -2.43
C SER A 73 18.17 -9.27 -2.02
N GLY A 74 18.55 -9.27 -0.75
CA GLY A 74 19.46 -8.26 -0.26
C GLY A 74 19.45 -8.15 1.26
#